data_7EI9
# 
_entry.id   7EI9 
# 
_audit_conform.dict_name       mmcif_pdbx.dic 
_audit_conform.dict_version    5.403 
_audit_conform.dict_location   http://mmcif.pdb.org/dictionaries/ascii/mmcif_pdbx.dic 
# 
loop_
_database_2.database_id 
_database_2.database_code 
_database_2.pdbx_database_accession 
_database_2.pdbx_DOI 
PDB   7EI9         pdb_00007ei9 10.2210/pdb7ei9/pdb 
WWPDB D_1300021443 ?            ?                   
# 
loop_
_pdbx_audit_revision_history.ordinal 
_pdbx_audit_revision_history.data_content_type 
_pdbx_audit_revision_history.major_revision 
_pdbx_audit_revision_history.minor_revision 
_pdbx_audit_revision_history.revision_date 
_pdbx_audit_revision_history.part_number 
1 'Structure model' 1 0 2022-03-30 ? 
2 'Structure model' 1 1 2023-11-29 ? 
3 'Structure model' 1 2 2025-04-16 ? 
# 
_pdbx_audit_revision_details.ordinal             1 
_pdbx_audit_revision_details.revision_ordinal    1 
_pdbx_audit_revision_details.data_content_type   'Structure model' 
_pdbx_audit_revision_details.provider            repository 
_pdbx_audit_revision_details.type                'Initial release' 
_pdbx_audit_revision_details.description         ? 
_pdbx_audit_revision_details.details             ? 
# 
loop_
_pdbx_audit_revision_group.ordinal 
_pdbx_audit_revision_group.revision_ordinal 
_pdbx_audit_revision_group.data_content_type 
_pdbx_audit_revision_group.group 
1 2 'Structure model' 'Data collection'        
2 2 'Structure model' 'Refinement description' 
3 3 'Structure model' 'Database references'    
4 3 'Structure model' 'Structure summary'      
# 
loop_
_pdbx_audit_revision_category.ordinal 
_pdbx_audit_revision_category.revision_ordinal 
_pdbx_audit_revision_category.data_content_type 
_pdbx_audit_revision_category.category 
1 2 'Structure model' chem_comp_atom                
2 2 'Structure model' chem_comp_bond                
3 2 'Structure model' pdbx_initial_refinement_model 
4 3 'Structure model' citation                      
5 3 'Structure model' citation_author               
6 3 'Structure model' pdbx_entry_details            
# 
loop_
_pdbx_audit_revision_item.ordinal 
_pdbx_audit_revision_item.revision_ordinal 
_pdbx_audit_revision_item.data_content_type 
_pdbx_audit_revision_item.item 
1 3 'Structure model' '_citation.journal_abbrev'                     
2 3 'Structure model' '_citation.journal_id_CSD'                     
3 3 'Structure model' '_citation.journal_volume'                     
4 3 'Structure model' '_citation.pdbx_database_id_DOI'               
5 3 'Structure model' '_citation.title'                              
6 3 'Structure model' '_citation.year'                               
7 3 'Structure model' '_pdbx_entry_details.has_protein_modification' 
# 
_pdbx_database_status.status_code                     REL 
_pdbx_database_status.status_code_sf                  REL 
_pdbx_database_status.status_code_mr                  ? 
_pdbx_database_status.entry_id                        7EI9 
_pdbx_database_status.recvd_initial_deposition_date   2021-03-30 
_pdbx_database_status.SG_entry                        N 
_pdbx_database_status.deposit_site                    PDBJ 
_pdbx_database_status.process_site                    PDBJ 
_pdbx_database_status.status_code_cs                  ? 
_pdbx_database_status.status_code_nmr_data            ? 
_pdbx_database_status.methods_development_category    ? 
_pdbx_database_status.pdb_format_compatible           Y 
# 
loop_
_audit_author.name 
_audit_author.pdbx_ordinal 
_audit_author.identifier_ORCID 
'Kondo, J.'    1 0000-0002-5682-3685 
'Miyauchi, T.' 2 ?                   
# 
_citation.abstract                  ? 
_citation.abstract_id_CAS           ? 
_citation.book_id_ISBN              ? 
_citation.book_publisher            ? 
_citation.book_publisher_city       ? 
_citation.book_title                ? 
_citation.coordinate_linkage        ? 
_citation.country                   ? 
_citation.database_id_Medline       ? 
_citation.details                   ? 
_citation.id                        primary 
_citation.journal_abbrev            'NAR Mol Med' 
_citation.journal_id_ASTM           ? 
_citation.journal_id_CSD            ? 
_citation.journal_id_ISSN           ? 
_citation.journal_full              ? 
_citation.journal_issue             ? 
_citation.journal_volume            2 
_citation.language                  ? 
_citation.page_first                ? 
_citation.page_last                 ? 
_citation.title                     'Structure-based design of a sequence-specific RNA probe that mimics the kink-turn motif' 
_citation.year                      2025 
_citation.database_id_CSD           ? 
_citation.pdbx_database_id_DOI      10.1093/narmme/ugaf006 
_citation.pdbx_database_id_PubMed   ? 
_citation.pdbx_database_id_patent   ? 
_citation.unpublished_flag          ? 
# 
loop_
_citation_author.citation_id 
_citation_author.name 
_citation_author.ordinal 
_citation_author.identifier_ORCID 
primary 'Miyauchi, T.'  1 ? 
primary 'Yamaguchi, K.' 2 ? 
primary 'Saisu, S.'     3 ? 
primary 'Kondo, J.'     4 ? 
# 
loop_
_entity.id 
_entity.type 
_entity.src_method 
_entity.pdbx_description 
_entity.formula_weight 
_entity.pdbx_number_of_molecules 
_entity.pdbx_ec 
_entity.pdbx_mutation 
_entity.pdbx_fragment 
_entity.details 
1 polymer     syn 
;RNA (5'-R(*GP*GP*CP*GP*A)-D(P*(4PC))-R(P*GP*AP*AP*CP*CP*GP*GP*GP*GP*AP*GP*CP*C)-3')
;
6231.857 2  ? ? ? ? 
2 non-polymer syn 'STRONTIUM ION'                                                                       87.620   11 ? ? ? ? 
# 
_entity_poly.entity_id                      1 
_entity_poly.type                           polyribonucleotide 
_entity_poly.nstd_linkage                   no 
_entity_poly.nstd_monomer                   yes 
_entity_poly.pdbx_seq_one_letter_code       'GGCGA(4PC)GAACCGGGGAGCC' 
_entity_poly.pdbx_seq_one_letter_code_can   GGCGACGAACCGGGGAGCC 
_entity_poly.pdbx_strand_id                 A,B 
_entity_poly.pdbx_target_identifier         ? 
# 
_pdbx_entity_nonpoly.entity_id   2 
_pdbx_entity_nonpoly.name        'STRONTIUM ION' 
_pdbx_entity_nonpoly.comp_id     SR 
# 
loop_
_entity_poly_seq.entity_id 
_entity_poly_seq.num 
_entity_poly_seq.mon_id 
_entity_poly_seq.hetero 
1 1  G   n 
1 2  G   n 
1 3  C   n 
1 4  G   n 
1 5  A   n 
1 6  4PC n 
1 7  G   n 
1 8  A   n 
1 9  A   n 
1 10 C   n 
1 11 C   n 
1 12 G   n 
1 13 G   n 
1 14 G   n 
1 15 G   n 
1 16 A   n 
1 17 G   n 
1 18 C   n 
1 19 C   n 
# 
_pdbx_entity_src_syn.entity_id              1 
_pdbx_entity_src_syn.pdbx_src_id            1 
_pdbx_entity_src_syn.pdbx_alt_source_flag   sample 
_pdbx_entity_src_syn.pdbx_beg_seq_num       1 
_pdbx_entity_src_syn.pdbx_end_seq_num       19 
_pdbx_entity_src_syn.organism_scientific    'synthetic construct' 
_pdbx_entity_src_syn.organism_common_name   ? 
_pdbx_entity_src_syn.ncbi_taxonomy_id       32630 
_pdbx_entity_src_syn.details                ? 
# 
loop_
_chem_comp.id 
_chem_comp.type 
_chem_comp.mon_nstd_flag 
_chem_comp.name 
_chem_comp.pdbx_synonyms 
_chem_comp.formula 
_chem_comp.formula_weight 
4PC 'DNA linking' n 
"3-(2'-DEOXY-5-O-PHOSPHONO-BETA-D-ERYTHRO-PENTOFURANOSYL)-6-METHYL-3,7-DIHYDRO-2H-PYRROLO[2,3-D]PYRIMIDIN-2-ONE" ? 
'C12 H16 N3 O7 P' 345.245 
A   'RNA linking' y "ADENOSINE-5'-MONOPHOSPHATE" ? 'C10 H14 N5 O7 P' 347.221 
C   'RNA linking' y "CYTIDINE-5'-MONOPHOSPHATE" ? 'C9 H14 N3 O8 P'  323.197 
G   'RNA linking' y "GUANOSINE-5'-MONOPHOSPHATE" ? 'C10 H14 N5 O8 P' 363.221 
SR  non-polymer   . 'STRONTIUM ION' ? 'Sr 2'            87.620  
# 
loop_
_pdbx_poly_seq_scheme.asym_id 
_pdbx_poly_seq_scheme.entity_id 
_pdbx_poly_seq_scheme.seq_id 
_pdbx_poly_seq_scheme.mon_id 
_pdbx_poly_seq_scheme.ndb_seq_num 
_pdbx_poly_seq_scheme.pdb_seq_num 
_pdbx_poly_seq_scheme.auth_seq_num 
_pdbx_poly_seq_scheme.pdb_mon_id 
_pdbx_poly_seq_scheme.auth_mon_id 
_pdbx_poly_seq_scheme.pdb_strand_id 
_pdbx_poly_seq_scheme.pdb_ins_code 
_pdbx_poly_seq_scheme.hetero 
A 1 1  G   1  1  1  G   G   A . n 
A 1 2  G   2  2  2  G   G   A . n 
A 1 3  C   3  3  3  C   C   A . n 
A 1 4  G   4  4  4  G   G   A . n 
A 1 5  A   5  5  5  A   A   A . n 
A 1 6  4PC 6  6  6  4PC XXX A . n 
A 1 7  G   7  7  7  G   G   A . n 
A 1 8  A   8  8  8  A   A   A . n 
A 1 9  A   9  9  9  A   A   A . n 
A 1 10 C   10 10 10 C   C   A . n 
A 1 11 C   11 11 11 C   C   A . n 
A 1 12 G   12 12 12 G   G   A . n 
A 1 13 G   13 13 13 G   G   A . n 
A 1 14 G   14 14 14 G   G   A . n 
A 1 15 G   15 15 15 G   G   A . n 
A 1 16 A   16 16 16 A   A   A . n 
A 1 17 G   17 17 17 G   G   A . n 
A 1 18 C   18 18 18 C   C   A . n 
A 1 19 C   19 19 19 C   C   A . n 
B 1 1  G   1  1  1  G   G   B . n 
B 1 2  G   2  2  2  G   G   B . n 
B 1 3  C   3  3  3  C   C   B . n 
B 1 4  G   4  4  4  G   G   B . n 
B 1 5  A   5  5  5  A   A   B . n 
B 1 6  4PC 6  6  6  4PC XXX B . n 
B 1 7  G   7  7  7  G   G   B . n 
B 1 8  A   8  8  8  A   A   B . n 
B 1 9  A   9  9  9  A   A   B . n 
B 1 10 C   10 10 10 C   C   B . n 
B 1 11 C   11 11 11 C   C   B . n 
B 1 12 G   12 12 12 G   G   B . n 
B 1 13 G   13 13 13 G   G   B . n 
B 1 14 G   14 14 14 G   G   B . n 
B 1 15 G   15 15 15 G   G   B . n 
B 1 16 A   16 16 16 A   A   B . n 
B 1 17 G   17 17 17 G   G   B . n 
B 1 18 C   18 18 18 C   C   B . n 
B 1 19 C   19 19 19 C   C   B . n 
# 
loop_
_pdbx_nonpoly_scheme.asym_id 
_pdbx_nonpoly_scheme.entity_id 
_pdbx_nonpoly_scheme.mon_id 
_pdbx_nonpoly_scheme.ndb_seq_num 
_pdbx_nonpoly_scheme.pdb_seq_num 
_pdbx_nonpoly_scheme.auth_seq_num 
_pdbx_nonpoly_scheme.pdb_mon_id 
_pdbx_nonpoly_scheme.auth_mon_id 
_pdbx_nonpoly_scheme.pdb_strand_id 
_pdbx_nonpoly_scheme.pdb_ins_code 
C 2 SR 1 101 1  SR SR A . 
D 2 SR 1 102 3  SR SR A . 
E 2 SR 1 103 4  SR SR A . 
F 2 SR 1 104 5  SR SR A . 
G 2 SR 1 105 6  SR SR A . 
H 2 SR 1 106 8  SR SR A . 
I 2 SR 1 101 2  SR SR B . 
J 2 SR 1 102 7  SR SR B . 
K 2 SR 1 103 9  SR SR B . 
L 2 SR 1 104 10 SR SR B . 
M 2 SR 1 105 11 SR SR B . 
# 
loop_
_software.citation_id 
_software.classification 
_software.compiler_name 
_software.compiler_version 
_software.contact_author 
_software.contact_author_email 
_software.date 
_software.description 
_software.dependencies 
_software.hardware 
_software.language 
_software.location 
_software.mods 
_software.name 
_software.os 
_software.os_version 
_software.type 
_software.version 
_software.pdbx_ordinal 
? 'data scaling'   ? ? ? ? ? ? ? ? ? ? ? XSCALE ? ? ? .      1 
? refinement       ? ? ? ? ? ? ? ? ? ? ? PHENIX ? ? ? 1.17.1 2 
? 'data reduction' ? ? ? ? ? ? ? ? ? ? ? XDS    ? ? ? .      3 
? phasing          ? ? ? ? ? ? ? ? ? ? ? PHASER ? ? ? .      4 
# 
_cell.angle_alpha                  90.000 
_cell.angle_alpha_esd              ? 
_cell.angle_beta                   90.000 
_cell.angle_beta_esd               ? 
_cell.angle_gamma                  90.000 
_cell.angle_gamma_esd              ? 
_cell.entry_id                     7EI9 
_cell.details                      ? 
_cell.formula_units_Z              ? 
_cell.length_a                     76.416 
_cell.length_a_esd                 ? 
_cell.length_b                     76.416 
_cell.length_b_esd                 ? 
_cell.length_c                     41.197 
_cell.length_c_esd                 ? 
_cell.volume                       ? 
_cell.volume_esd                   ? 
_cell.Z_PDB                        16 
_cell.reciprocal_angle_alpha       ? 
_cell.reciprocal_angle_beta        ? 
_cell.reciprocal_angle_gamma       ? 
_cell.reciprocal_angle_alpha_esd   ? 
_cell.reciprocal_angle_beta_esd    ? 
_cell.reciprocal_angle_gamma_esd   ? 
_cell.reciprocal_length_a          ? 
_cell.reciprocal_length_b          ? 
_cell.reciprocal_length_c          ? 
_cell.reciprocal_length_a_esd      ? 
_cell.reciprocal_length_b_esd      ? 
_cell.reciprocal_length_c_esd      ? 
_cell.pdbx_unique_axis             ? 
# 
_symmetry.entry_id                         7EI9 
_symmetry.cell_setting                     ? 
_symmetry.Int_Tables_number                94 
_symmetry.space_group_name_Hall            ? 
_symmetry.space_group_name_H-M             'P 42 21 2' 
_symmetry.pdbx_full_space_group_name_H-M   ? 
# 
_exptl.absorpt_coefficient_mu     ? 
_exptl.absorpt_correction_T_max   ? 
_exptl.absorpt_correction_T_min   ? 
_exptl.absorpt_correction_type    ? 
_exptl.absorpt_process_details    ? 
_exptl.entry_id                   7EI9 
_exptl.crystals_number            1 
_exptl.details                    ? 
_exptl.method                     'X-RAY DIFFRACTION' 
_exptl.method_details             ? 
# 
_exptl_crystal.colour                      ? 
_exptl_crystal.density_diffrn              ? 
_exptl_crystal.density_Matthews            2.29 
_exptl_crystal.density_method              ? 
_exptl_crystal.density_percent_sol         46.31 
_exptl_crystal.description                 ? 
_exptl_crystal.F_000                       ? 
_exptl_crystal.id                          1 
_exptl_crystal.preparation                 ? 
_exptl_crystal.size_max                    ? 
_exptl_crystal.size_mid                    ? 
_exptl_crystal.size_min                    ? 
_exptl_crystal.size_rad                    ? 
_exptl_crystal.colour_lustre               ? 
_exptl_crystal.colour_modifier             ? 
_exptl_crystal.colour_primary              ? 
_exptl_crystal.density_meas                ? 
_exptl_crystal.density_meas_esd            ? 
_exptl_crystal.density_meas_gt             ? 
_exptl_crystal.density_meas_lt             ? 
_exptl_crystal.density_meas_temp           ? 
_exptl_crystal.density_meas_temp_esd       ? 
_exptl_crystal.density_meas_temp_gt        ? 
_exptl_crystal.density_meas_temp_lt        ? 
_exptl_crystal.pdbx_crystal_image_url      ? 
_exptl_crystal.pdbx_crystal_image_format   ? 
_exptl_crystal.pdbx_mosaicity              ? 
_exptl_crystal.pdbx_mosaicity_esd          ? 
# 
_exptl_crystal_grow.apparatus       ? 
_exptl_crystal_grow.atmosphere      ? 
_exptl_crystal_grow.crystal_id      1 
_exptl_crystal_grow.details         ? 
_exptl_crystal_grow.method          'VAPOR DIFFUSION, HANGING DROP' 
_exptl_crystal_grow.method_ref      ? 
_exptl_crystal_grow.pH              ? 
_exptl_crystal_grow.pressure        ? 
_exptl_crystal_grow.pressure_esd    ? 
_exptl_crystal_grow.seeding         ? 
_exptl_crystal_grow.seeding_ref     ? 
_exptl_crystal_grow.temp            293 
_exptl_crystal_grow.temp_details    ? 
_exptl_crystal_grow.temp_esd        ? 
_exptl_crystal_grow.time            ? 
_exptl_crystal_grow.pdbx_details    'sodium cacodylate, MPD, spermine tetrahydrochloride, strontium chloride' 
_exptl_crystal_grow.pdbx_pH_range   ? 
# 
_diffrn.ambient_environment              ? 
_diffrn.ambient_temp                     100 
_diffrn.ambient_temp_details             ? 
_diffrn.ambient_temp_esd                 ? 
_diffrn.crystal_id                       1 
_diffrn.crystal_support                  ? 
_diffrn.crystal_treatment                ? 
_diffrn.details                          ? 
_diffrn.id                               1 
_diffrn.ambient_pressure                 ? 
_diffrn.ambient_pressure_esd             ? 
_diffrn.ambient_pressure_gt              ? 
_diffrn.ambient_pressure_lt              ? 
_diffrn.ambient_temp_gt                  ? 
_diffrn.ambient_temp_lt                  ? 
_diffrn.pdbx_serial_crystal_experiment   N 
# 
_diffrn_detector.details                      ? 
_diffrn_detector.detector                     PIXEL 
_diffrn_detector.diffrn_id                    1 
_diffrn_detector.type                         'DECTRIS EIGER X 16M' 
_diffrn_detector.area_resol_mean              ? 
_diffrn_detector.dtime                        ? 
_diffrn_detector.pdbx_frames_total            ? 
_diffrn_detector.pdbx_collection_time_total   ? 
_diffrn_detector.pdbx_collection_date         2019-11-14 
_diffrn_detector.pdbx_frequency               ? 
# 
_diffrn_radiation.collimation                      ? 
_diffrn_radiation.diffrn_id                        1 
_diffrn_radiation.filter_edge                      ? 
_diffrn_radiation.inhomogeneity                    ? 
_diffrn_radiation.monochromator                    ? 
_diffrn_radiation.polarisn_norm                    ? 
_diffrn_radiation.polarisn_ratio                   ? 
_diffrn_radiation.probe                            ? 
_diffrn_radiation.type                             ? 
_diffrn_radiation.xray_symbol                      ? 
_diffrn_radiation.wavelength_id                    1 
_diffrn_radiation.pdbx_monochromatic_or_laue_m_l   M 
_diffrn_radiation.pdbx_wavelength_list             ? 
_diffrn_radiation.pdbx_wavelength                  ? 
_diffrn_radiation.pdbx_diffrn_protocol             'SINGLE WAVELENGTH' 
_diffrn_radiation.pdbx_analyzer                    ? 
_diffrn_radiation.pdbx_scattering_type             x-ray 
# 
_diffrn_radiation_wavelength.id           1 
_diffrn_radiation_wavelength.wavelength   0.98 
_diffrn_radiation_wavelength.wt           1.0 
# 
_diffrn_source.current                     ? 
_diffrn_source.details                     ? 
_diffrn_source.diffrn_id                   1 
_diffrn_source.power                       ? 
_diffrn_source.size                        ? 
_diffrn_source.source                      SYNCHROTRON 
_diffrn_source.target                      ? 
_diffrn_source.type                        'PHOTON FACTORY BEAMLINE BL-17A' 
_diffrn_source.voltage                     ? 
_diffrn_source.take-off_angle              ? 
_diffrn_source.pdbx_wavelength_list        0.98 
_diffrn_source.pdbx_wavelength             ? 
_diffrn_source.pdbx_synchrotron_beamline   BL-17A 
_diffrn_source.pdbx_synchrotron_site       'Photon Factory' 
# 
_reflns.B_iso_Wilson_estimate                          72.438 
_reflns.entry_id                                       7EI9 
_reflns.data_reduction_details                         ? 
_reflns.data_reduction_method                          ? 
_reflns.d_resolution_high                              2.700 
_reflns.d_resolution_low                               36.260 
_reflns.details                                        ? 
_reflns.limit_h_max                                    ? 
_reflns.limit_h_min                                    ? 
_reflns.limit_k_max                                    ? 
_reflns.limit_k_min                                    ? 
_reflns.limit_l_max                                    ? 
_reflns.limit_l_min                                    ? 
_reflns.number_all                                     ? 
_reflns.number_obs                                     3622 
_reflns.observed_criterion                             ? 
_reflns.observed_criterion_F_max                       ? 
_reflns.observed_criterion_F_min                       ? 
_reflns.observed_criterion_I_max                       ? 
_reflns.observed_criterion_I_min                       ? 
_reflns.observed_criterion_sigma_F                     ? 
_reflns.observed_criterion_sigma_I                     ? 
_reflns.percent_possible_obs                           99.300 
_reflns.R_free_details                                 ? 
_reflns.Rmerge_F_all                                   ? 
_reflns.Rmerge_F_obs                                   ? 
_reflns.Friedel_coverage                               ? 
_reflns.number_gt                                      ? 
_reflns.threshold_expression                           ? 
_reflns.pdbx_redundancy                                4.142 
_reflns.pdbx_Rmerge_I_obs                              0.036 
_reflns.pdbx_Rmerge_I_all                              ? 
_reflns.pdbx_Rsym_value                                ? 
_reflns.pdbx_netI_over_av_sigmaI                       ? 
_reflns.pdbx_netI_over_sigmaI                          22.760 
_reflns.pdbx_res_netI_over_av_sigmaI_2                 ? 
_reflns.pdbx_res_netI_over_sigmaI_2                    ? 
_reflns.pdbx_chi_squared                               0.953 
_reflns.pdbx_scaling_rejects                           ? 
_reflns.pdbx_d_res_high_opt                            ? 
_reflns.pdbx_d_res_low_opt                             ? 
_reflns.pdbx_d_res_opt_method                          ? 
_reflns.phase_calculation_details                      ? 
_reflns.pdbx_Rrim_I_all                                0.041 
_reflns.pdbx_Rpim_I_all                                ? 
_reflns.pdbx_d_opt                                     ? 
_reflns.pdbx_number_measured_all                       15002 
_reflns.pdbx_diffrn_id                                 1 
_reflns.pdbx_ordinal                                   1 
_reflns.pdbx_CC_half                                   1.000 
_reflns.pdbx_CC_star                                   ? 
_reflns.pdbx_R_split                                   ? 
_reflns.pdbx_aniso_diffraction_limit_axis_1_ortho[1]   ? 
_reflns.pdbx_aniso_diffraction_limit_axis_1_ortho[2]   ? 
_reflns.pdbx_aniso_diffraction_limit_axis_1_ortho[3]   ? 
_reflns.pdbx_aniso_diffraction_limit_axis_2_ortho[1]   ? 
_reflns.pdbx_aniso_diffraction_limit_axis_2_ortho[2]   ? 
_reflns.pdbx_aniso_diffraction_limit_axis_2_ortho[3]   ? 
_reflns.pdbx_aniso_diffraction_limit_axis_3_ortho[1]   ? 
_reflns.pdbx_aniso_diffraction_limit_axis_3_ortho[2]   ? 
_reflns.pdbx_aniso_diffraction_limit_axis_3_ortho[3]   ? 
_reflns.pdbx_aniso_diffraction_limit_1                 ? 
_reflns.pdbx_aniso_diffraction_limit_2                 ? 
_reflns.pdbx_aniso_diffraction_limit_3                 ? 
_reflns.pdbx_aniso_B_tensor_eigenvector_1_ortho[1]     ? 
_reflns.pdbx_aniso_B_tensor_eigenvector_1_ortho[2]     ? 
_reflns.pdbx_aniso_B_tensor_eigenvector_1_ortho[3]     ? 
_reflns.pdbx_aniso_B_tensor_eigenvector_2_ortho[1]     ? 
_reflns.pdbx_aniso_B_tensor_eigenvector_2_ortho[2]     ? 
_reflns.pdbx_aniso_B_tensor_eigenvector_2_ortho[3]     ? 
_reflns.pdbx_aniso_B_tensor_eigenvector_3_ortho[1]     ? 
_reflns.pdbx_aniso_B_tensor_eigenvector_3_ortho[2]     ? 
_reflns.pdbx_aniso_B_tensor_eigenvector_3_ortho[3]     ? 
_reflns.pdbx_aniso_B_tensor_eigenvalue_1               ? 
_reflns.pdbx_aniso_B_tensor_eigenvalue_2               ? 
_reflns.pdbx_aniso_B_tensor_eigenvalue_3               ? 
_reflns.pdbx_orthogonalization_convention              ? 
_reflns.pdbx_percent_possible_ellipsoidal              ? 
_reflns.pdbx_percent_possible_spherical                ? 
_reflns.pdbx_percent_possible_ellipsoidal_anomalous    ? 
_reflns.pdbx_percent_possible_spherical_anomalous      ? 
_reflns.pdbx_redundancy_anomalous                      ? 
_reflns.pdbx_CC_half_anomalous                         ? 
_reflns.pdbx_absDiff_over_sigma_anomalous              ? 
_reflns.pdbx_percent_possible_anomalous                ? 
_reflns.pdbx_observed_signal_threshold                 ? 
_reflns.pdbx_signal_type                               ? 
_reflns.pdbx_signal_details                            ? 
_reflns.pdbx_signal_software_id                        ? 
# 
loop_
_reflns_shell.d_res_high 
_reflns_shell.d_res_low 
_reflns_shell.meanI_over_sigI_all 
_reflns_shell.meanI_over_sigI_obs 
_reflns_shell.number_measured_all 
_reflns_shell.number_measured_obs 
_reflns_shell.number_possible 
_reflns_shell.number_unique_all 
_reflns_shell.number_unique_obs 
_reflns_shell.percent_possible_all 
_reflns_shell.percent_possible_obs 
_reflns_shell.Rmerge_F_all 
_reflns_shell.Rmerge_F_obs 
_reflns_shell.Rmerge_I_all 
_reflns_shell.Rmerge_I_obs 
_reflns_shell.meanI_over_sigI_gt 
_reflns_shell.meanI_over_uI_all 
_reflns_shell.meanI_over_uI_gt 
_reflns_shell.number_measured_gt 
_reflns_shell.number_unique_gt 
_reflns_shell.percent_possible_gt 
_reflns_shell.Rmerge_F_gt 
_reflns_shell.Rmerge_I_gt 
_reflns_shell.pdbx_redundancy 
_reflns_shell.pdbx_Rsym_value 
_reflns_shell.pdbx_chi_squared 
_reflns_shell.pdbx_netI_over_sigmaI_all 
_reflns_shell.pdbx_netI_over_sigmaI_obs 
_reflns_shell.pdbx_Rrim_I_all 
_reflns_shell.pdbx_Rpim_I_all 
_reflns_shell.pdbx_rejects 
_reflns_shell.pdbx_ordinal 
_reflns_shell.pdbx_diffrn_id 
_reflns_shell.pdbx_CC_half 
_reflns_shell.pdbx_CC_star 
_reflns_shell.pdbx_R_split 
_reflns_shell.pdbx_percent_possible_ellipsoidal 
_reflns_shell.pdbx_percent_possible_spherical 
_reflns_shell.pdbx_percent_possible_ellipsoidal_anomalous 
_reflns_shell.pdbx_percent_possible_spherical_anomalous 
_reflns_shell.pdbx_redundancy_anomalous 
_reflns_shell.pdbx_CC_half_anomalous 
_reflns_shell.pdbx_absDiff_over_sigma_anomalous 
_reflns_shell.pdbx_percent_possible_anomalous 
2.700 2.800  ? 3.600  ? 1617 365  ? 365  100.000 ? ? ? ? 0.397 ? ? ? ? ? ? ? ? 4.430 ? ? ? ? 0.451 ? ? 1 1 0.904 ? ? ? ? ? ? ? ? ? 
? 
2.800 2.900  ? 6.860  ? 1424 318  ? 318  100.000 ? ? ? ? 0.196 ? ? ? ? ? ? ? ? 4.478 ? ? ? ? 0.222 ? ? 2 1 0.987 ? ? ? ? ? ? ? ? ? 
? 
2.900 3.000  ? 8.050  ? 1204 274  ? 274  100.000 ? ? ? ? 0.166 ? ? ? ? ? ? ? ? 4.394 ? ? ? ? 0.188 ? ? 3 1 0.983 ? ? ? ? ? ? ? ? ? 
? 
3.000 4.000  ? 19.490 ? 6281 1508 ? 1500 99.500  ? ? ? ? 0.059 ? ? ? ? ? ? ? ? 4.187 ? ? ? ? 0.067 ? ? 4 1 0.998 ? ? ? ? ? ? ? ? ? 
? 
4.000 5.000  ? 35.970 ? 2159 549  ? 545  99.300  ? ? ? ? 0.031 ? ? ? ? ? ? ? ? 3.961 ? ? ? ? 0.036 ? ? 5 1 0.999 ? ? ? ? ? ? ? ? ? 
? 
5.000 36.260 ? 45.000 ? 2317 633  ? 620  97.900  ? ? ? ? 0.019 ? ? ? ? ? ? ? ? 3.737 ? ? ? ? 0.022 ? ? 6 1 1.000 ? ? ? ? ? ? ? ? ? 
? 
# 
_refine.aniso_B[1][1]                            ? 
_refine.aniso_B[1][2]                            ? 
_refine.aniso_B[1][3]                            ? 
_refine.aniso_B[2][2]                            ? 
_refine.aniso_B[2][3]                            ? 
_refine.aniso_B[3][3]                            ? 
_refine.B_iso_max                                140.730 
_refine.B_iso_mean                               60.2245 
_refine.B_iso_min                                27.600 
_refine.correlation_coeff_Fo_to_Fc               ? 
_refine.correlation_coeff_Fo_to_Fc_free          ? 
_refine.details                                  ? 
_refine.diff_density_max                         ? 
_refine.diff_density_max_esd                     ? 
_refine.diff_density_min                         ? 
_refine.diff_density_min_esd                     ? 
_refine.diff_density_rms                         ? 
_refine.diff_density_rms_esd                     ? 
_refine.entry_id                                 7EI9 
_refine.pdbx_refine_id                           'X-RAY DIFFRACTION' 
_refine.ls_abs_structure_details                 ? 
_refine.ls_abs_structure_Flack                   ? 
_refine.ls_abs_structure_Flack_esd               ? 
_refine.ls_abs_structure_Rogers                  ? 
_refine.ls_abs_structure_Rogers_esd              ? 
_refine.ls_d_res_high                            2.7000 
_refine.ls_d_res_low                             36.2600 
_refine.ls_extinction_coef                       ? 
_refine.ls_extinction_coef_esd                   ? 
_refine.ls_extinction_expression                 ? 
_refine.ls_extinction_method                     ? 
_refine.ls_goodness_of_fit_all                   ? 
_refine.ls_goodness_of_fit_all_esd               ? 
_refine.ls_goodness_of_fit_obs                   ? 
_refine.ls_goodness_of_fit_obs_esd               ? 
_refine.ls_hydrogen_treatment                    ? 
_refine.ls_matrix_type                           ? 
_refine.ls_number_constraints                    ? 
_refine.ls_number_parameters                     ? 
_refine.ls_number_reflns_all                     ? 
_refine.ls_number_reflns_obs                     3619 
_refine.ls_number_reflns_R_free                  363 
_refine.ls_number_reflns_R_work                  3256 
_refine.ls_number_restraints                     ? 
_refine.ls_percent_reflns_obs                    99.1200 
_refine.ls_percent_reflns_R_free                 10.0300 
_refine.ls_R_factor_all                          ? 
_refine.ls_R_factor_obs                          0.2290 
_refine.ls_R_factor_R_free                       0.2460 
_refine.ls_R_factor_R_free_error                 ? 
_refine.ls_R_factor_R_free_error_details         ? 
_refine.ls_R_factor_R_work                       0.2267 
_refine.ls_R_Fsqd_factor_obs                     ? 
_refine.ls_R_I_factor_obs                        ? 
_refine.ls_redundancy_reflns_all                 ? 
_refine.ls_redundancy_reflns_obs                 ? 
_refine.ls_restrained_S_all                      ? 
_refine.ls_restrained_S_obs                      ? 
_refine.ls_shift_over_esd_max                    ? 
_refine.ls_shift_over_esd_mean                   ? 
_refine.ls_structure_factor_coef                 ? 
_refine.ls_weighting_details                     ? 
_refine.ls_weighting_scheme                      ? 
_refine.ls_wR_factor_all                         ? 
_refine.ls_wR_factor_obs                         ? 
_refine.ls_wR_factor_R_free                      ? 
_refine.ls_wR_factor_R_work                      ? 
_refine.occupancy_max                            ? 
_refine.occupancy_min                            ? 
_refine.solvent_model_details                    'FLAT BULK SOLVENT MODEL' 
_refine.solvent_model_param_bsol                 ? 
_refine.solvent_model_param_ksol                 ? 
_refine.pdbx_R_complete                          ? 
_refine.ls_R_factor_gt                           ? 
_refine.ls_goodness_of_fit_gt                    ? 
_refine.ls_goodness_of_fit_ref                   ? 
_refine.ls_shift_over_su_max                     ? 
_refine.ls_shift_over_su_max_lt                  ? 
_refine.ls_shift_over_su_mean                    ? 
_refine.ls_shift_over_su_mean_lt                 ? 
_refine.pdbx_ls_sigma_I                          ? 
_refine.pdbx_ls_sigma_F                          1.380 
_refine.pdbx_ls_sigma_Fsqd                       ? 
_refine.pdbx_data_cutoff_high_absF               ? 
_refine.pdbx_data_cutoff_high_rms_absF           ? 
_refine.pdbx_data_cutoff_low_absF                ? 
_refine.pdbx_isotropic_thermal_model             ? 
_refine.pdbx_ls_cross_valid_method               THROUGHOUT 
_refine.pdbx_method_to_determine_struct          'MOLECULAR REPLACEMENT' 
_refine.pdbx_starting_model                      4C40 
_refine.pdbx_stereochemistry_target_values       ML 
_refine.pdbx_R_Free_selection_details            ? 
_refine.pdbx_stereochem_target_val_spec_case     ? 
_refine.pdbx_overall_ESU_R                       ? 
_refine.pdbx_overall_ESU_R_Free                  ? 
_refine.pdbx_solvent_vdw_probe_radii             1.1100 
_refine.pdbx_solvent_ion_probe_radii             ? 
_refine.pdbx_solvent_shrinkage_radii             0.9000 
_refine.pdbx_real_space_R                        ? 
_refine.pdbx_density_correlation                 ? 
_refine.pdbx_pd_number_of_powder_patterns        ? 
_refine.pdbx_pd_number_of_points                 ? 
_refine.pdbx_pd_meas_number_of_points            ? 
_refine.pdbx_pd_proc_ls_prof_R_factor            ? 
_refine.pdbx_pd_proc_ls_prof_wR_factor           ? 
_refine.pdbx_pd_Marquardt_correlation_coeff      ? 
_refine.pdbx_pd_Fsqrd_R_factor                   ? 
_refine.pdbx_pd_ls_matrix_band_width             ? 
_refine.pdbx_overall_phase_error                 30.0800 
_refine.pdbx_overall_SU_R_free_Cruickshank_DPI   ? 
_refine.pdbx_overall_SU_R_free_Blow_DPI          ? 
_refine.pdbx_overall_SU_R_Blow_DPI               ? 
_refine.pdbx_TLS_residual_ADP_flag               ? 
_refine.pdbx_diffrn_id                           1 
_refine.overall_SU_B                             ? 
_refine.overall_SU_ML                            0.3900 
_refine.overall_SU_R_Cruickshank_DPI             ? 
_refine.overall_SU_R_free                        ? 
_refine.overall_FOM_free_R_set                   ? 
_refine.overall_FOM_work_R_set                   ? 
_refine.pdbx_average_fsc_overall                 ? 
_refine.pdbx_average_fsc_work                    ? 
_refine.pdbx_average_fsc_free                    ? 
# 
_refine_hist.pdbx_refine_id                   'X-RAY DIFFRACTION' 
_refine_hist.cycle_id                         final 
_refine_hist.details                          ? 
_refine_hist.d_res_high                       2.7000 
_refine_hist.d_res_low                        36.2600 
_refine_hist.number_atoms_solvent             0 
_refine_hist.number_atoms_total               839 
_refine_hist.number_reflns_all                ? 
_refine_hist.number_reflns_obs                ? 
_refine_hist.number_reflns_R_free             ? 
_refine_hist.number_reflns_R_work             ? 
_refine_hist.R_factor_all                     ? 
_refine_hist.R_factor_obs                     ? 
_refine_hist.R_factor_R_free                  ? 
_refine_hist.R_factor_R_work                  ? 
_refine_hist.pdbx_number_residues_total       38 
_refine_hist.pdbx_B_iso_mean_ligand           106.50 
_refine_hist.pdbx_B_iso_mean_solvent          ? 
_refine_hist.pdbx_number_atoms_protein        0 
_refine_hist.pdbx_number_atoms_nucleic_acid   828 
_refine_hist.pdbx_number_atoms_ligand         11 
_refine_hist.pdbx_number_atoms_lipid          ? 
_refine_hist.pdbx_number_atoms_carb           ? 
_refine_hist.pdbx_pseudo_atom_details         ? 
# 
loop_
_refine_ls_shell.pdbx_refine_id 
_refine_ls_shell.d_res_high 
_refine_ls_shell.d_res_low 
_refine_ls_shell.number_reflns_all 
_refine_ls_shell.number_reflns_obs 
_refine_ls_shell.number_reflns_R_free 
_refine_ls_shell.number_reflns_R_work 
_refine_ls_shell.percent_reflns_obs 
_refine_ls_shell.percent_reflns_R_free 
_refine_ls_shell.R_factor_all 
_refine_ls_shell.R_factor_obs 
_refine_ls_shell.R_factor_R_free 
_refine_ls_shell.R_factor_R_free_error 
_refine_ls_shell.R_factor_R_work 
_refine_ls_shell.redundancy_reflns_all 
_refine_ls_shell.redundancy_reflns_obs 
_refine_ls_shell.wR_factor_all 
_refine_ls_shell.wR_factor_obs 
_refine_ls_shell.wR_factor_R_free 
_refine_ls_shell.wR_factor_R_work 
_refine_ls_shell.pdbx_R_complete 
_refine_ls_shell.pdbx_total_number_of_bins_used 
_refine_ls_shell.pdbx_phase_error 
_refine_ls_shell.pdbx_fsc_work 
_refine_ls_shell.pdbx_fsc_free 
'X-RAY DIFFRACTION' 2.7000 3.0900  1170 . 117 1053 99.0000 . . . 0.3315 0.0000 0.3173 . . . . . . . 3 . . . 
'X-RAY DIFFRACTION' 3.0900 3.8900  1185 . 119 1066 99.0000 . . . 0.2650 0.0000 0.2405 . . . . . . . 3 . . . 
'X-RAY DIFFRACTION' 3.8900 36.2600 1264 . 127 1137 99.0000 . . . 0.2223 0.0000 0.2032 . . . . . . . 3 . . . 
# 
_struct.entry_id                     7EI9 
_struct.title                        'RNA kink-turn motif with pyrrolo cytosine' 
_struct.pdbx_model_details           ? 
_struct.pdbx_formula_weight          ? 
_struct.pdbx_formula_weight_method   ? 
_struct.pdbx_model_type_details      ? 
_struct.pdbx_CASP_flag               N 
# 
_struct_keywords.entry_id        7EI9 
_struct_keywords.text            'kink-turn motif, pyrrolo cytosine, RNA' 
_struct_keywords.pdbx_keywords   RNA 
# 
loop_
_struct_asym.id 
_struct_asym.pdbx_blank_PDB_chainid_flag 
_struct_asym.pdbx_modified 
_struct_asym.entity_id 
_struct_asym.details 
A N N 1 ? 
B N N 1 ? 
C N N 2 ? 
D N N 2 ? 
E N N 2 ? 
F N N 2 ? 
G N N 2 ? 
H N N 2 ? 
I N N 2 ? 
J N N 2 ? 
K N N 2 ? 
L N N 2 ? 
M N N 2 ? 
# 
_struct_ref.id                         1 
_struct_ref.db_name                    PDB 
_struct_ref.db_code                    7EI9 
_struct_ref.pdbx_db_accession          7EI9 
_struct_ref.pdbx_db_isoform            ? 
_struct_ref.entity_id                  1 
_struct_ref.pdbx_seq_one_letter_code   ? 
_struct_ref.pdbx_align_begin           1 
# 
loop_
_struct_ref_seq.align_id 
_struct_ref_seq.ref_id 
_struct_ref_seq.pdbx_PDB_id_code 
_struct_ref_seq.pdbx_strand_id 
_struct_ref_seq.seq_align_beg 
_struct_ref_seq.pdbx_seq_align_beg_ins_code 
_struct_ref_seq.seq_align_end 
_struct_ref_seq.pdbx_seq_align_end_ins_code 
_struct_ref_seq.pdbx_db_accession 
_struct_ref_seq.db_align_beg 
_struct_ref_seq.pdbx_db_align_beg_ins_code 
_struct_ref_seq.db_align_end 
_struct_ref_seq.pdbx_db_align_end_ins_code 
_struct_ref_seq.pdbx_auth_seq_align_beg 
_struct_ref_seq.pdbx_auth_seq_align_end 
1 1 7EI9 A 1 ? 19 ? 7EI9 1 ? 19 ? 1 19 
2 1 7EI9 B 1 ? 19 ? 7EI9 1 ? 19 ? 1 19 
# 
_pdbx_struct_assembly.id                   1 
_pdbx_struct_assembly.details              author_and_software_defined_assembly 
_pdbx_struct_assembly.method_details       PISA 
_pdbx_struct_assembly.oligomeric_details   dimeric 
_pdbx_struct_assembly.oligomeric_count     2 
# 
loop_
_pdbx_struct_assembly_prop.biol_id 
_pdbx_struct_assembly_prop.type 
_pdbx_struct_assembly_prop.value 
_pdbx_struct_assembly_prop.details 
1 'ABSA (A^2)' 3710 ? 
1 MORE         -72  ? 
1 'SSA (A^2)'  6340 ? 
# 
_pdbx_struct_assembly_gen.assembly_id       1 
_pdbx_struct_assembly_gen.oper_expression   1 
_pdbx_struct_assembly_gen.asym_id_list      A,B,C,D,E,F,G,H,I,J,K,L,M 
# 
_pdbx_struct_assembly_auth_evidence.id                     1 
_pdbx_struct_assembly_auth_evidence.assembly_id            1 
_pdbx_struct_assembly_auth_evidence.experimental_support   none 
_pdbx_struct_assembly_auth_evidence.details                ? 
# 
_pdbx_struct_oper_list.id                   1 
_pdbx_struct_oper_list.type                 'identity operation' 
_pdbx_struct_oper_list.name                 1_555 
_pdbx_struct_oper_list.symmetry_operation   x,y,z 
_pdbx_struct_oper_list.matrix[1][1]         1.0000000000 
_pdbx_struct_oper_list.matrix[1][2]         0.0000000000 
_pdbx_struct_oper_list.matrix[1][3]         0.0000000000 
_pdbx_struct_oper_list.vector[1]            0.0000000000 
_pdbx_struct_oper_list.matrix[2][1]         0.0000000000 
_pdbx_struct_oper_list.matrix[2][2]         1.0000000000 
_pdbx_struct_oper_list.matrix[2][3]         0.0000000000 
_pdbx_struct_oper_list.vector[2]            0.0000000000 
_pdbx_struct_oper_list.matrix[3][1]         0.0000000000 
_pdbx_struct_oper_list.matrix[3][2]         0.0000000000 
_pdbx_struct_oper_list.matrix[3][3]         1.0000000000 
_pdbx_struct_oper_list.vector[3]            0.0000000000 
# 
loop_
_struct_conn.id 
_struct_conn.conn_type_id 
_struct_conn.pdbx_leaving_atom_flag 
_struct_conn.pdbx_PDB_id 
_struct_conn.ptnr1_label_asym_id 
_struct_conn.ptnr1_label_comp_id 
_struct_conn.ptnr1_label_seq_id 
_struct_conn.ptnr1_label_atom_id 
_struct_conn.pdbx_ptnr1_label_alt_id 
_struct_conn.pdbx_ptnr1_PDB_ins_code 
_struct_conn.pdbx_ptnr1_standard_comp_id 
_struct_conn.ptnr1_symmetry 
_struct_conn.ptnr2_label_asym_id 
_struct_conn.ptnr2_label_comp_id 
_struct_conn.ptnr2_label_seq_id 
_struct_conn.ptnr2_label_atom_id 
_struct_conn.pdbx_ptnr2_label_alt_id 
_struct_conn.pdbx_ptnr2_PDB_ins_code 
_struct_conn.ptnr1_auth_asym_id 
_struct_conn.ptnr1_auth_comp_id 
_struct_conn.ptnr1_auth_seq_id 
_struct_conn.ptnr2_auth_asym_id 
_struct_conn.ptnr2_auth_comp_id 
_struct_conn.ptnr2_auth_seq_id 
_struct_conn.ptnr2_symmetry 
_struct_conn.pdbx_ptnr3_label_atom_id 
_struct_conn.pdbx_ptnr3_label_seq_id 
_struct_conn.pdbx_ptnr3_label_comp_id 
_struct_conn.pdbx_ptnr3_label_asym_id 
_struct_conn.pdbx_ptnr3_label_alt_id 
_struct_conn.pdbx_ptnr3_PDB_ins_code 
_struct_conn.details 
_struct_conn.pdbx_dist_value 
_struct_conn.pdbx_value_order 
_struct_conn.pdbx_role 
covale1  covale both ? A A   5  "O3'" ? ? ? 1_555 A 4PC 6  P  ? ? A A   5  A 4PC 6   1_555 ? ? ? ? ? ? ?             1.602 ? ? 
covale2  covale both ? A 4PC 6  "O3'" ? ? ? 1_555 A G   7  P  ? ? A 4PC 6  A G   7   1_555 ? ? ? ? ? ? ?             1.605 ? ? 
covale3  covale both ? B A   5  "O3'" ? ? ? 1_555 B 4PC 6  P  ? ? B A   5  B 4PC 6   1_555 ? ? ? ? ? ? ?             1.604 ? ? 
covale4  covale both ? B 4PC 6  "O3'" ? ? ? 1_555 B G   7  P  ? ? B 4PC 6  B G   7   1_555 ? ? ? ? ? ? ?             1.602 ? ? 
metalc1  metalc ?    ? A G   1  O6    ? ? ? 1_555 D SR  .  SR ? ? A G   1  A SR  102 1_555 ? ? ? ? ? ? ?             2.514 ? ? 
metalc2  metalc ?    ? A 4PC 6  O2    ? ? ? 1_555 H SR  .  SR ? ? A 4PC 6  A SR  106 1_555 ? ? ? ? ? ? ?             2.514 ? ? 
metalc3  metalc ?    ? A 4PC 6  O2    ? ? ? 1_555 H SR  .  SR ? ? A 4PC 6  A SR  106 8_556 ? ? ? ? ? ? ?             2.585 ? ? 
metalc4  metalc ?    ? A 4PC 6  N3    ? ? ? 1_555 H SR  .  SR ? ? A 4PC 6  A SR  106 8_556 ? ? ? ? ? ? ?             2.743 ? ? 
metalc5  metalc ?    ? B 4PC 6  O2    ? ? ? 1_555 J SR  .  SR ? ? B 4PC 6  B SR  102 1_555 ? ? ? ? ? ? ?             2.428 ? ? 
hydrog1  hydrog ?    ? A G   1  N1    ? ? ? 1_555 B C   19 N3 ? ? A G   1  B C   19  1_555 ? ? ? ? ? ? WATSON-CRICK  ?     ? ? 
hydrog2  hydrog ?    ? A G   1  N2    ? ? ? 1_555 B C   19 O2 ? ? A G   1  B C   19  1_555 ? ? ? ? ? ? WATSON-CRICK  ?     ? ? 
hydrog3  hydrog ?    ? A G   1  O6    ? ? ? 1_555 B C   19 N4 ? ? A G   1  B C   19  1_555 ? ? ? ? ? ? WATSON-CRICK  ?     ? ? 
hydrog4  hydrog ?    ? A G   2  N1    ? ? ? 1_555 B C   18 N3 ? ? A G   2  B C   18  1_555 ? ? ? ? ? ? WATSON-CRICK  ?     ? ? 
hydrog5  hydrog ?    ? A G   2  N2    ? ? ? 1_555 B C   18 O2 ? ? A G   2  B C   18  1_555 ? ? ? ? ? ? WATSON-CRICK  ?     ? ? 
hydrog6  hydrog ?    ? A G   2  O6    ? ? ? 1_555 B C   18 N4 ? ? A G   2  B C   18  1_555 ? ? ? ? ? ? WATSON-CRICK  ?     ? ? 
hydrog7  hydrog ?    ? A C   3  N3    ? ? ? 1_555 B G   17 N1 ? ? A C   3  B G   17  1_555 ? ? ? ? ? ? WATSON-CRICK  ?     ? ? 
hydrog8  hydrog ?    ? A C   3  N4    ? ? ? 1_555 B G   17 O6 ? ? A C   3  B G   17  1_555 ? ? ? ? ? ? WATSON-CRICK  ?     ? ? 
hydrog9  hydrog ?    ? A C   3  O2    ? ? ? 1_555 B G   17 N2 ? ? A C   3  B G   17  1_555 ? ? ? ? ? ? WATSON-CRICK  ?     ? ? 
hydrog10 hydrog ?    ? A G   7  N2    ? ? ? 1_555 B A   16 N7 ? ? A G   7  B A   16  1_555 ? ? ? ? ? ? TYPE_11_PAIR  ?     ? ? 
hydrog11 hydrog ?    ? A G   7  N3    ? ? ? 1_555 B A   16 N6 ? ? A G   7  B A   16  1_555 ? ? ? ? ? ? TYPE_11_PAIR  ?     ? ? 
hydrog12 hydrog ?    ? A A   8  N6    ? ? ? 1_555 B G   15 N3 ? ? A A   8  B G   15  1_555 ? ? ? ? ? ? TYPE_11_PAIR  ?     ? ? 
hydrog13 hydrog ?    ? A A   8  N7    ? ? ? 1_555 B G   15 N2 ? ? A A   8  B G   15  1_555 ? ? ? ? ? ? TYPE_11_PAIR  ?     ? ? 
hydrog14 hydrog ?    ? A A   9  N6    ? ? ? 1_555 B G   14 N3 ? ? A A   9  B G   14  1_555 ? ? ? ? ? ? TYPE_11_PAIR  ?     ? ? 
hydrog15 hydrog ?    ? A A   9  N7    ? ? ? 1_555 B G   14 N2 ? ? A A   9  B G   14  1_555 ? ? ? ? ? ? TYPE_11_PAIR  ?     ? ? 
hydrog16 hydrog ?    ? A C   10 N3    ? ? ? 1_555 B G   13 N1 ? ? A C   10 B G   13  1_555 ? ? ? ? ? ? WATSON-CRICK  ?     ? ? 
hydrog17 hydrog ?    ? A C   10 N4    ? ? ? 1_555 B G   13 O6 ? ? A C   10 B G   13  1_555 ? ? ? ? ? ? WATSON-CRICK  ?     ? ? 
hydrog18 hydrog ?    ? A C   10 O2    ? ? ? 1_555 B G   13 N2 ? ? A C   10 B G   13  1_555 ? ? ? ? ? ? WATSON-CRICK  ?     ? ? 
hydrog19 hydrog ?    ? A C   11 N3    ? ? ? 1_555 B G   12 N1 ? ? A C   11 B G   12  1_555 ? ? ? ? ? ? WATSON-CRICK  ?     ? ? 
hydrog20 hydrog ?    ? A C   11 N4    ? ? ? 1_555 B G   12 O6 ? ? A C   11 B G   12  1_555 ? ? ? ? ? ? WATSON-CRICK  ?     ? ? 
hydrog21 hydrog ?    ? A C   11 O2    ? ? ? 1_555 B G   12 N2 ? ? A C   11 B G   12  1_555 ? ? ? ? ? ? WATSON-CRICK  ?     ? ? 
hydrog22 hydrog ?    ? A G   12 N1    ? ? ? 1_555 B C   11 N3 ? ? A G   12 B C   11  1_555 ? ? ? ? ? ? WATSON-CRICK  ?     ? ? 
hydrog23 hydrog ?    ? A G   12 N2    ? ? ? 1_555 B C   11 O2 ? ? A G   12 B C   11  1_555 ? ? ? ? ? ? WATSON-CRICK  ?     ? ? 
hydrog24 hydrog ?    ? A G   12 O6    ? ? ? 1_555 B C   11 N4 ? ? A G   12 B C   11  1_555 ? ? ? ? ? ? WATSON-CRICK  ?     ? ? 
hydrog25 hydrog ?    ? A G   13 N1    ? ? ? 1_555 B C   10 N3 ? ? A G   13 B C   10  1_555 ? ? ? ? ? ? WATSON-CRICK  ?     ? ? 
hydrog26 hydrog ?    ? A G   13 N2    ? ? ? 1_555 B C   10 O2 ? ? A G   13 B C   10  1_555 ? ? ? ? ? ? WATSON-CRICK  ?     ? ? 
hydrog27 hydrog ?    ? A G   13 O6    ? ? ? 1_555 B C   10 N4 ? ? A G   13 B C   10  1_555 ? ? ? ? ? ? WATSON-CRICK  ?     ? ? 
hydrog28 hydrog ?    ? A G   14 N3    ? ? ? 1_555 B A   9  N6 ? ? A G   14 B A   9   1_555 ? ? ? ? ? ? 'G-A MISPAIR' ?     ? ? 
hydrog29 hydrog ?    ? A G   15 N2    ? ? ? 1_555 B A   8  N7 ? ? A G   15 B A   8   1_555 ? ? ? ? ? ? TYPE_11_PAIR  ?     ? ? 
hydrog30 hydrog ?    ? A G   15 N3    ? ? ? 1_555 B A   8  N6 ? ? A G   15 B A   8   1_555 ? ? ? ? ? ? TYPE_11_PAIR  ?     ? ? 
hydrog31 hydrog ?    ? A A   16 N6    ? ? ? 1_555 B G   7  N3 ? ? A A   16 B G   7   1_555 ? ? ? ? ? ? TYPE_11_PAIR  ?     ? ? 
hydrog32 hydrog ?    ? A A   16 N7    ? ? ? 1_555 B G   7  N2 ? ? A A   16 B G   7   1_555 ? ? ? ? ? ? TYPE_11_PAIR  ?     ? ? 
hydrog33 hydrog ?    ? A G   17 N1    ? ? ? 1_555 B C   3  N3 ? ? A G   17 B C   3   1_555 ? ? ? ? ? ? WATSON-CRICK  ?     ? ? 
hydrog34 hydrog ?    ? A G   17 N2    ? ? ? 1_555 B C   3  O2 ? ? A G   17 B C   3   1_555 ? ? ? ? ? ? WATSON-CRICK  ?     ? ? 
hydrog35 hydrog ?    ? A G   17 O6    ? ? ? 1_555 B C   3  N4 ? ? A G   17 B C   3   1_555 ? ? ? ? ? ? WATSON-CRICK  ?     ? ? 
hydrog36 hydrog ?    ? A C   18 N3    ? ? ? 1_555 B G   2  N1 ? ? A C   18 B G   2   1_555 ? ? ? ? ? ? WATSON-CRICK  ?     ? ? 
hydrog37 hydrog ?    ? A C   18 N4    ? ? ? 1_555 B G   2  O6 ? ? A C   18 B G   2   1_555 ? ? ? ? ? ? WATSON-CRICK  ?     ? ? 
hydrog38 hydrog ?    ? A C   18 O2    ? ? ? 1_555 B G   2  N2 ? ? A C   18 B G   2   1_555 ? ? ? ? ? ? WATSON-CRICK  ?     ? ? 
hydrog39 hydrog ?    ? A C   19 N3    ? ? ? 1_555 B G   1  N1 ? ? A C   19 B G   1   1_555 ? ? ? ? ? ? WATSON-CRICK  ?     ? ? 
hydrog40 hydrog ?    ? A C   19 N4    ? ? ? 1_555 B G   1  O6 ? ? A C   19 B G   1   1_555 ? ? ? ? ? ? WATSON-CRICK  ?     ? ? 
hydrog41 hydrog ?    ? A C   19 O2    ? ? ? 1_555 B G   1  N2 ? ? A C   19 B G   1   1_555 ? ? ? ? ? ? WATSON-CRICK  ?     ? ? 
# 
loop_
_struct_conn_type.id 
_struct_conn_type.criteria 
_struct_conn_type.reference 
covale ? ? 
metalc ? ? 
hydrog ? ? 
# 
loop_
_pdbx_struct_conn_angle.id 
_pdbx_struct_conn_angle.ptnr1_label_atom_id 
_pdbx_struct_conn_angle.ptnr1_label_alt_id 
_pdbx_struct_conn_angle.ptnr1_label_asym_id 
_pdbx_struct_conn_angle.ptnr1_label_comp_id 
_pdbx_struct_conn_angle.ptnr1_label_seq_id 
_pdbx_struct_conn_angle.ptnr1_auth_atom_id 
_pdbx_struct_conn_angle.ptnr1_auth_asym_id 
_pdbx_struct_conn_angle.ptnr1_auth_comp_id 
_pdbx_struct_conn_angle.ptnr1_auth_seq_id 
_pdbx_struct_conn_angle.ptnr1_PDB_ins_code 
_pdbx_struct_conn_angle.ptnr1_symmetry 
_pdbx_struct_conn_angle.ptnr2_label_atom_id 
_pdbx_struct_conn_angle.ptnr2_label_alt_id 
_pdbx_struct_conn_angle.ptnr2_label_asym_id 
_pdbx_struct_conn_angle.ptnr2_label_comp_id 
_pdbx_struct_conn_angle.ptnr2_label_seq_id 
_pdbx_struct_conn_angle.ptnr2_auth_atom_id 
_pdbx_struct_conn_angle.ptnr2_auth_asym_id 
_pdbx_struct_conn_angle.ptnr2_auth_comp_id 
_pdbx_struct_conn_angle.ptnr2_auth_seq_id 
_pdbx_struct_conn_angle.ptnr2_PDB_ins_code 
_pdbx_struct_conn_angle.ptnr2_symmetry 
_pdbx_struct_conn_angle.ptnr3_label_atom_id 
_pdbx_struct_conn_angle.ptnr3_label_alt_id 
_pdbx_struct_conn_angle.ptnr3_label_asym_id 
_pdbx_struct_conn_angle.ptnr3_label_comp_id 
_pdbx_struct_conn_angle.ptnr3_label_seq_id 
_pdbx_struct_conn_angle.ptnr3_auth_atom_id 
_pdbx_struct_conn_angle.ptnr3_auth_asym_id 
_pdbx_struct_conn_angle.ptnr3_auth_comp_id 
_pdbx_struct_conn_angle.ptnr3_auth_seq_id 
_pdbx_struct_conn_angle.ptnr3_PDB_ins_code 
_pdbx_struct_conn_angle.ptnr3_symmetry 
_pdbx_struct_conn_angle.value 
_pdbx_struct_conn_angle.value_esd 
1 O2 ? A 4PC 6 ? A 4PC 6 ? 1_555 SR ? H SR . ? A SR 106 ? 1_555 O2 ? A 4PC 6 ? A 4PC 6 ? 1_555 0.0  ? 
2 O2 ? A 4PC 6 ? A 4PC 6 ? 1_555 SR ? H SR . ? A SR 106 ? 1_555 N3 ? A 4PC 6 ? A 4PC 6 ? 1_555 13.1 ? 
3 O2 ? A 4PC 6 ? A 4PC 6 ? 1_555 SR ? H SR . ? A SR 106 ? 1_555 N3 ? A 4PC 6 ? A 4PC 6 ? 1_555 13.1 ? 
# 
_pdbx_entry_details.entry_id                   7EI9 
_pdbx_entry_details.has_ligand_of_interest     N 
_pdbx_entry_details.compound_details           ? 
_pdbx_entry_details.source_details             ? 
_pdbx_entry_details.nonpolymer_details         ? 
_pdbx_entry_details.sequence_details           ? 
_pdbx_entry_details.has_protein_modification   N 
# 
_pdbx_struct_special_symmetry.id              1 
_pdbx_struct_special_symmetry.PDB_model_num   1 
_pdbx_struct_special_symmetry.auth_asym_id    B 
_pdbx_struct_special_symmetry.auth_comp_id    SR 
_pdbx_struct_special_symmetry.auth_seq_id     104 
_pdbx_struct_special_symmetry.PDB_ins_code    ? 
_pdbx_struct_special_symmetry.label_asym_id   L 
_pdbx_struct_special_symmetry.label_comp_id   SR 
_pdbx_struct_special_symmetry.label_seq_id    . 
# 
loop_
_chem_comp_atom.comp_id 
_chem_comp_atom.atom_id 
_chem_comp_atom.type_symbol 
_chem_comp_atom.pdbx_aromatic_flag 
_chem_comp_atom.pdbx_stereo_config 
_chem_comp_atom.pdbx_ordinal 
4PC P      P  N N 1   
4PC OP1    O  N N 2   
4PC OP2    O  N N 3   
4PC "O5'"  O  N N 4   
4PC "C5'"  C  N N 5   
4PC "C4'"  C  N R 6   
4PC "O4'"  O  N N 7   
4PC "C3'"  C  N S 8   
4PC "O3'"  O  N N 9   
4PC "C2'"  C  N N 10  
4PC "C1'"  C  N R 11  
4PC N1     N  N N 12  
4PC C2     C  N N 13  
4PC O2     O  N N 14  
4PC N3     N  N N 15  
4PC C4     C  N N 16  
4PC C5     C  N N 17  
4PC C6     C  N N 18  
4PC C14    C  N N 19  
4PC C15    C  N N 20  
4PC C16    C  N N 21  
4PC N17    N  N N 22  
4PC OP3    O  N N 23  
4PC HOP2   H  N N 24  
4PC "H5'"  H  N N 25  
4PC "H5''" H  N N 26  
4PC "H4'"  H  N N 27  
4PC "H3'"  H  N N 28  
4PC "HO3'" H  N N 29  
4PC "H2'"  H  N N 30  
4PC "H2''" H  N N 31  
4PC "H1'"  H  N N 32  
4PC H6     H  N N 33  
4PC H14    H  N N 34  
4PC H161   H  N N 35  
4PC H162   H  N N 36  
4PC H163   H  N N 37  
4PC H17    H  N N 38  
4PC HOP3   H  N N 39  
A   OP3    O  N N 40  
A   P      P  N N 41  
A   OP1    O  N N 42  
A   OP2    O  N N 43  
A   "O5'"  O  N N 44  
A   "C5'"  C  N N 45  
A   "C4'"  C  N R 46  
A   "O4'"  O  N N 47  
A   "C3'"  C  N S 48  
A   "O3'"  O  N N 49  
A   "C2'"  C  N R 50  
A   "O2'"  O  N N 51  
A   "C1'"  C  N R 52  
A   N9     N  Y N 53  
A   C8     C  Y N 54  
A   N7     N  Y N 55  
A   C5     C  Y N 56  
A   C6     C  Y N 57  
A   N6     N  N N 58  
A   N1     N  Y N 59  
A   C2     C  Y N 60  
A   N3     N  Y N 61  
A   C4     C  Y N 62  
A   HOP3   H  N N 63  
A   HOP2   H  N N 64  
A   "H5'"  H  N N 65  
A   "H5''" H  N N 66  
A   "H4'"  H  N N 67  
A   "H3'"  H  N N 68  
A   "HO3'" H  N N 69  
A   "H2'"  H  N N 70  
A   "HO2'" H  N N 71  
A   "H1'"  H  N N 72  
A   H8     H  N N 73  
A   H61    H  N N 74  
A   H62    H  N N 75  
A   H2     H  N N 76  
C   OP3    O  N N 77  
C   P      P  N N 78  
C   OP1    O  N N 79  
C   OP2    O  N N 80  
C   "O5'"  O  N N 81  
C   "C5'"  C  N N 82  
C   "C4'"  C  N R 83  
C   "O4'"  O  N N 84  
C   "C3'"  C  N S 85  
C   "O3'"  O  N N 86  
C   "C2'"  C  N R 87  
C   "O2'"  O  N N 88  
C   "C1'"  C  N R 89  
C   N1     N  N N 90  
C   C2     C  N N 91  
C   O2     O  N N 92  
C   N3     N  N N 93  
C   C4     C  N N 94  
C   N4     N  N N 95  
C   C5     C  N N 96  
C   C6     C  N N 97  
C   HOP3   H  N N 98  
C   HOP2   H  N N 99  
C   "H5'"  H  N N 100 
C   "H5''" H  N N 101 
C   "H4'"  H  N N 102 
C   "H3'"  H  N N 103 
C   "HO3'" H  N N 104 
C   "H2'"  H  N N 105 
C   "HO2'" H  N N 106 
C   "H1'"  H  N N 107 
C   H41    H  N N 108 
C   H42    H  N N 109 
C   H5     H  N N 110 
C   H6     H  N N 111 
G   OP3    O  N N 112 
G   P      P  N N 113 
G   OP1    O  N N 114 
G   OP2    O  N N 115 
G   "O5'"  O  N N 116 
G   "C5'"  C  N N 117 
G   "C4'"  C  N R 118 
G   "O4'"  O  N N 119 
G   "C3'"  C  N S 120 
G   "O3'"  O  N N 121 
G   "C2'"  C  N R 122 
G   "O2'"  O  N N 123 
G   "C1'"  C  N R 124 
G   N9     N  Y N 125 
G   C8     C  Y N 126 
G   N7     N  Y N 127 
G   C5     C  Y N 128 
G   C6     C  N N 129 
G   O6     O  N N 130 
G   N1     N  N N 131 
G   C2     C  N N 132 
G   N2     N  N N 133 
G   N3     N  N N 134 
G   C4     C  Y N 135 
G   HOP3   H  N N 136 
G   HOP2   H  N N 137 
G   "H5'"  H  N N 138 
G   "H5''" H  N N 139 
G   "H4'"  H  N N 140 
G   "H3'"  H  N N 141 
G   "HO3'" H  N N 142 
G   "H2'"  H  N N 143 
G   "HO2'" H  N N 144 
G   "H1'"  H  N N 145 
G   H8     H  N N 146 
G   H1     H  N N 147 
G   H21    H  N N 148 
G   H22    H  N N 149 
SR  SR     SR N N 150 
# 
loop_
_chem_comp_bond.comp_id 
_chem_comp_bond.atom_id_1 
_chem_comp_bond.atom_id_2 
_chem_comp_bond.value_order 
_chem_comp_bond.pdbx_aromatic_flag 
_chem_comp_bond.pdbx_stereo_config 
_chem_comp_bond.pdbx_ordinal 
4PC P     OP1    doub N N 1   
4PC P     OP2    sing N N 2   
4PC P     "O5'"  sing N N 3   
4PC P     OP3    sing N N 4   
4PC OP2   HOP2   sing N N 5   
4PC "O5'" "C5'"  sing N N 6   
4PC "C5'" "C4'"  sing N N 7   
4PC "C5'" "H5'"  sing N N 8   
4PC "C5'" "H5''" sing N N 9   
4PC "C4'" "O4'"  sing N N 10  
4PC "C4'" "C3'"  sing N N 11  
4PC "C4'" "H4'"  sing N N 12  
4PC "O4'" "C1'"  sing N N 13  
4PC "C3'" "O3'"  sing N N 14  
4PC "C3'" "C2'"  sing N N 15  
4PC "C3'" "H3'"  sing N N 16  
4PC "O3'" "HO3'" sing N N 17  
4PC "C2'" "C1'"  sing N N 18  
4PC "C2'" "H2'"  sing N N 19  
4PC "C2'" "H2''" sing N N 20  
4PC "C1'" N1     sing N N 21  
4PC "C1'" "H1'"  sing N N 22  
4PC N1    C2     sing N N 23  
4PC N1    C6     sing N N 24  
4PC C2    O2     doub N N 25  
4PC C2    N3     sing N N 26  
4PC N3    C4     doub N N 27  
4PC C4    C5     sing N N 28  
4PC C4    N17    sing N N 29  
4PC C5    C6     doub N N 30  
4PC C5    C14    sing N N 31  
4PC C6    H6     sing N N 32  
4PC C14   C15    doub N N 33  
4PC C14   H14    sing N N 34  
4PC C15   C16    sing N N 35  
4PC C15   N17    sing N N 36  
4PC C16   H161   sing N N 37  
4PC C16   H162   sing N N 38  
4PC C16   H163   sing N N 39  
4PC N17   H17    sing N N 40  
4PC OP3   HOP3   sing N N 41  
A   OP3   P      sing N N 42  
A   OP3   HOP3   sing N N 43  
A   P     OP1    doub N N 44  
A   P     OP2    sing N N 45  
A   P     "O5'"  sing N N 46  
A   OP2   HOP2   sing N N 47  
A   "O5'" "C5'"  sing N N 48  
A   "C5'" "C4'"  sing N N 49  
A   "C5'" "H5'"  sing N N 50  
A   "C5'" "H5''" sing N N 51  
A   "C4'" "O4'"  sing N N 52  
A   "C4'" "C3'"  sing N N 53  
A   "C4'" "H4'"  sing N N 54  
A   "O4'" "C1'"  sing N N 55  
A   "C3'" "O3'"  sing N N 56  
A   "C3'" "C2'"  sing N N 57  
A   "C3'" "H3'"  sing N N 58  
A   "O3'" "HO3'" sing N N 59  
A   "C2'" "O2'"  sing N N 60  
A   "C2'" "C1'"  sing N N 61  
A   "C2'" "H2'"  sing N N 62  
A   "O2'" "HO2'" sing N N 63  
A   "C1'" N9     sing N N 64  
A   "C1'" "H1'"  sing N N 65  
A   N9    C8     sing Y N 66  
A   N9    C4     sing Y N 67  
A   C8    N7     doub Y N 68  
A   C8    H8     sing N N 69  
A   N7    C5     sing Y N 70  
A   C5    C6     sing Y N 71  
A   C5    C4     doub Y N 72  
A   C6    N6     sing N N 73  
A   C6    N1     doub Y N 74  
A   N6    H61    sing N N 75  
A   N6    H62    sing N N 76  
A   N1    C2     sing Y N 77  
A   C2    N3     doub Y N 78  
A   C2    H2     sing N N 79  
A   N3    C4     sing Y N 80  
C   OP3   P      sing N N 81  
C   OP3   HOP3   sing N N 82  
C   P     OP1    doub N N 83  
C   P     OP2    sing N N 84  
C   P     "O5'"  sing N N 85  
C   OP2   HOP2   sing N N 86  
C   "O5'" "C5'"  sing N N 87  
C   "C5'" "C4'"  sing N N 88  
C   "C5'" "H5'"  sing N N 89  
C   "C5'" "H5''" sing N N 90  
C   "C4'" "O4'"  sing N N 91  
C   "C4'" "C3'"  sing N N 92  
C   "C4'" "H4'"  sing N N 93  
C   "O4'" "C1'"  sing N N 94  
C   "C3'" "O3'"  sing N N 95  
C   "C3'" "C2'"  sing N N 96  
C   "C3'" "H3'"  sing N N 97  
C   "O3'" "HO3'" sing N N 98  
C   "C2'" "O2'"  sing N N 99  
C   "C2'" "C1'"  sing N N 100 
C   "C2'" "H2'"  sing N N 101 
C   "O2'" "HO2'" sing N N 102 
C   "C1'" N1     sing N N 103 
C   "C1'" "H1'"  sing N N 104 
C   N1    C2     sing N N 105 
C   N1    C6     sing N N 106 
C   C2    O2     doub N N 107 
C   C2    N3     sing N N 108 
C   N3    C4     doub N N 109 
C   C4    N4     sing N N 110 
C   C4    C5     sing N N 111 
C   N4    H41    sing N N 112 
C   N4    H42    sing N N 113 
C   C5    C6     doub N N 114 
C   C5    H5     sing N N 115 
C   C6    H6     sing N N 116 
G   OP3   P      sing N N 117 
G   OP3   HOP3   sing N N 118 
G   P     OP1    doub N N 119 
G   P     OP2    sing N N 120 
G   P     "O5'"  sing N N 121 
G   OP2   HOP2   sing N N 122 
G   "O5'" "C5'"  sing N N 123 
G   "C5'" "C4'"  sing N N 124 
G   "C5'" "H5'"  sing N N 125 
G   "C5'" "H5''" sing N N 126 
G   "C4'" "O4'"  sing N N 127 
G   "C4'" "C3'"  sing N N 128 
G   "C4'" "H4'"  sing N N 129 
G   "O4'" "C1'"  sing N N 130 
G   "C3'" "O3'"  sing N N 131 
G   "C3'" "C2'"  sing N N 132 
G   "C3'" "H3'"  sing N N 133 
G   "O3'" "HO3'" sing N N 134 
G   "C2'" "O2'"  sing N N 135 
G   "C2'" "C1'"  sing N N 136 
G   "C2'" "H2'"  sing N N 137 
G   "O2'" "HO2'" sing N N 138 
G   "C1'" N9     sing N N 139 
G   "C1'" "H1'"  sing N N 140 
G   N9    C8     sing Y N 141 
G   N9    C4     sing Y N 142 
G   C8    N7     doub Y N 143 
G   C8    H8     sing N N 144 
G   N7    C5     sing Y N 145 
G   C5    C6     sing N N 146 
G   C5    C4     doub Y N 147 
G   C6    O6     doub N N 148 
G   C6    N1     sing N N 149 
G   N1    C2     sing N N 150 
G   N1    H1     sing N N 151 
G   C2    N2     sing N N 152 
G   C2    N3     doub N N 153 
G   N2    H21    sing N N 154 
G   N2    H22    sing N N 155 
G   N3    C4     sing N N 156 
# 
loop_
_ndb_struct_conf_na.entry_id 
_ndb_struct_conf_na.feature 
7EI9 'double helix'        
7EI9 'a-form double helix' 
# 
loop_
_ndb_struct_na_base_pair.model_number 
_ndb_struct_na_base_pair.i_label_asym_id 
_ndb_struct_na_base_pair.i_label_comp_id 
_ndb_struct_na_base_pair.i_label_seq_id 
_ndb_struct_na_base_pair.i_symmetry 
_ndb_struct_na_base_pair.j_label_asym_id 
_ndb_struct_na_base_pair.j_label_comp_id 
_ndb_struct_na_base_pair.j_label_seq_id 
_ndb_struct_na_base_pair.j_symmetry 
_ndb_struct_na_base_pair.shear 
_ndb_struct_na_base_pair.stretch 
_ndb_struct_na_base_pair.stagger 
_ndb_struct_na_base_pair.buckle 
_ndb_struct_na_base_pair.propeller 
_ndb_struct_na_base_pair.opening 
_ndb_struct_na_base_pair.pair_number 
_ndb_struct_na_base_pair.pair_name 
_ndb_struct_na_base_pair.i_auth_asym_id 
_ndb_struct_na_base_pair.i_auth_seq_id 
_ndb_struct_na_base_pair.i_PDB_ins_code 
_ndb_struct_na_base_pair.j_auth_asym_id 
_ndb_struct_na_base_pair.j_auth_seq_id 
_ndb_struct_na_base_pair.j_PDB_ins_code 
_ndb_struct_na_base_pair.hbond_type_28 
_ndb_struct_na_base_pair.hbond_type_12 
1 A G 1  1_555 B C 19 1_555 0.230  -0.174 -0.337 -6.499  -5.622  -2.994  1  A_G1:C19_B  A 1  ? B 19 ? 19 1  
1 A G 2  1_555 B C 18 1_555 -0.233 -0.124 -0.446 -0.875  -5.533  2.555   2  A_G2:C18_B  A 2  ? B 18 ? 19 1  
1 A C 3  1_555 B G 17 1_555 0.659  -0.139 -0.107 2.985   3.907   0.990   3  A_C3:G17_B  A 3  ? B 17 ? 19 1  
1 A G 7  1_555 B A 16 1_555 6.974  -3.813 0.751  22.992  18.143  5.910   4  A_G7:A16_B  A 7  ? B 16 ? 11 9  
1 A A 8  1_555 B G 15 1_555 -6.696 -5.119 0.695  -20.467 0.444   -14.302 5  A_A8:G15_B  A 8  ? B 15 ? 11 10 
1 A A 9  1_555 B G 14 1_555 -7.318 -4.610 -0.132 4.711   -5.503  0.924   6  A_A9:G14_B  A 9  ? B 14 ? 11 10 
1 A C 10 1_555 B G 13 1_555 -0.399 0.125  -0.176 12.185  -5.971  2.311   7  A_C10:G13_B A 10 ? B 13 ? 19 1  
1 A C 11 1_555 B G 12 1_555 -0.355 -0.322 0.006  9.719   0.718   -1.173  8  A_C11:G12_B A 11 ? B 12 ? 19 1  
1 A G 12 1_555 B C 11 1_555 -0.125 -0.332 -0.391 -2.230  -6.109  -1.003  9  A_G12:C11_B A 12 ? B 11 ? 19 1  
1 A G 13 1_555 B C 10 1_555 -0.229 -0.166 0.146  -7.842  -5.499  6.094   10 A_G13:C10_B A 13 ? B 10 ? 19 1  
1 A G 14 1_555 B A 9  1_555 7.506  -3.691 0.133  -9.513  -13.513 7.991   11 A_G14:A9_B  A 14 ? B 9  ? ?  5  
1 A G 15 1_555 B A 8  1_555 7.036  -4.936 0.275  24.274  5.012   -12.475 12 A_G15:A8_B  A 15 ? B 8  ? 11 10 
1 A A 16 1_555 B G 7  1_555 -6.895 -4.538 0.464  -11.314 25.001  8.097   13 A_A16:G7_B  A 16 ? B 7  ? 11 10 
1 A G 17 1_555 B C 3  1_555 -0.278 -0.411 -0.157 -3.053  3.530   -4.622  14 A_G17:C3_B  A 17 ? B 3  ? 19 1  
1 A C 18 1_555 B G 2  1_555 -0.233 0.079  -0.411 4.505   -3.964  6.965   15 A_C18:G2_B  A 18 ? B 2  ? 19 1  
1 A C 19 1_555 B G 1  1_555 -0.067 0.097  -0.229 7.876   -4.247  3.318   16 A_C19:G1_B  A 19 ? B 1  ? 19 1  
# 
loop_
_ndb_struct_na_base_pair_step.model_number 
_ndb_struct_na_base_pair_step.i_label_asym_id_1 
_ndb_struct_na_base_pair_step.i_label_comp_id_1 
_ndb_struct_na_base_pair_step.i_label_seq_id_1 
_ndb_struct_na_base_pair_step.i_symmetry_1 
_ndb_struct_na_base_pair_step.j_label_asym_id_1 
_ndb_struct_na_base_pair_step.j_label_comp_id_1 
_ndb_struct_na_base_pair_step.j_label_seq_id_1 
_ndb_struct_na_base_pair_step.j_symmetry_1 
_ndb_struct_na_base_pair_step.i_label_asym_id_2 
_ndb_struct_na_base_pair_step.i_label_comp_id_2 
_ndb_struct_na_base_pair_step.i_label_seq_id_2 
_ndb_struct_na_base_pair_step.i_symmetry_2 
_ndb_struct_na_base_pair_step.j_label_asym_id_2 
_ndb_struct_na_base_pair_step.j_label_comp_id_2 
_ndb_struct_na_base_pair_step.j_label_seq_id_2 
_ndb_struct_na_base_pair_step.j_symmetry_2 
_ndb_struct_na_base_pair_step.shift 
_ndb_struct_na_base_pair_step.slide 
_ndb_struct_na_base_pair_step.rise 
_ndb_struct_na_base_pair_step.tilt 
_ndb_struct_na_base_pair_step.roll 
_ndb_struct_na_base_pair_step.twist 
_ndb_struct_na_base_pair_step.x_displacement 
_ndb_struct_na_base_pair_step.y_displacement 
_ndb_struct_na_base_pair_step.helical_rise 
_ndb_struct_na_base_pair_step.inclination 
_ndb_struct_na_base_pair_step.tip 
_ndb_struct_na_base_pair_step.helical_twist 
_ndb_struct_na_base_pair_step.step_number 
_ndb_struct_na_base_pair_step.step_name 
_ndb_struct_na_base_pair_step.i_auth_asym_id_1 
_ndb_struct_na_base_pair_step.i_auth_seq_id_1 
_ndb_struct_na_base_pair_step.i_PDB_ins_code_1 
_ndb_struct_na_base_pair_step.j_auth_asym_id_1 
_ndb_struct_na_base_pair_step.j_auth_seq_id_1 
_ndb_struct_na_base_pair_step.j_PDB_ins_code_1 
_ndb_struct_na_base_pair_step.i_auth_asym_id_2 
_ndb_struct_na_base_pair_step.i_auth_seq_id_2 
_ndb_struct_na_base_pair_step.i_PDB_ins_code_2 
_ndb_struct_na_base_pair_step.j_auth_asym_id_2 
_ndb_struct_na_base_pair_step.j_auth_seq_id_2 
_ndb_struct_na_base_pair_step.j_PDB_ins_code_2 
1 A G 1  1_555 B C 19 1_555 A G 2  1_555 B C 18 1_555 -0.476 -2.104 3.312 -3.412  1.673   26.337 -5.011 0.137   3.209 3.648  7.439 
26.605  1  AA_G1G2:C18C19_BB   A 1  ? B 19 ? A 2  ? B 18 ? 
1 A G 2  1_555 B C 18 1_555 A C 3  1_555 B G 17 1_555 0.264  -2.173 3.275 -2.934  2.814   36.253 -3.851 -0.818  3.074 4.505  4.697 
36.473  2  AA_G2C3:G17C18_BB   A 2  ? B 18 ? A 3  ? B 17 ? 
1 A G 7  1_555 B A 16 1_555 A A 8  1_555 B G 15 1_555 -1.689 -1.435 4.466 -8.384  -11.847 -8.192 12.835 -11.407 0.335 49.556 
-35.072 -16.655 3  AA_G7A8:G15A16_BB   A 7  ? B 16 ? A 8  ? B 15 ? 
1 A A 8  1_555 B G 15 1_555 A A 9  1_555 B G 14 1_555 0.047  -0.309 2.995 -13.480 7.938   27.818 -1.876 -2.314  2.529 15.095 
25.633  31.839  4  AA_A8A9:G14G15_BB   A 8  ? B 15 ? A 9  ? B 14 ? 
1 A A 9  1_555 B G 14 1_555 A C 10 1_555 B G 13 1_555 0.105  -0.663 3.140 -5.589  3.271   64.854 -0.745 -0.319  3.090 3.042  5.198 
65.141  5  AA_A9C10:G13G14_BB  A 9  ? B 14 ? A 10 ? B 13 ? 
1 A C 10 1_555 B G 13 1_555 A C 11 1_555 B G 12 1_555 -0.274 -2.141 3.262 -1.733  7.005   30.658 -5.161 0.205   2.729 13.023 3.221 
31.476  6  AA_C10C11:G12G13_BB A 10 ? B 13 ? A 11 ? B 12 ? 
1 A C 11 1_555 B G 12 1_555 A G 12 1_555 B C 11 1_555 0.250  -1.918 3.314 3.658   10.947  31.744 -4.949 0.119   2.544 19.236 
-6.428  33.727  7  AA_C11G12:C11G12_BB A 11 ? B 12 ? A 12 ? B 11 ? 
1 A G 12 1_555 B C 11 1_555 A G 13 1_555 B C 10 1_555 0.625  -1.954 3.198 -3.848  6.891   31.920 -4.524 -1.701  2.639 12.297 6.867 
32.856  8  AA_G12G13:C10C11_BB A 12 ? B 11 ? A 13 ? B 10 ? 
1 A G 13 1_555 B C 10 1_555 A G 14 1_555 B A 9  1_555 -0.055 -0.697 3.485 7.009   4.019   65.717 -0.810 0.349   3.421 3.689  
-6.433  66.157  9  AA_G13G14:A9C10_BB  A 13 ? B 10 ? A 14 ? B 9  ? 
1 A G 14 1_555 B A 9  1_555 A G 15 1_555 B A 8  1_555 -0.255 -0.141 2.783 12.643  1.986   30.867 -0.522 2.203   2.478 3.546  
-22.576 33.355  10 AA_G14G15:A8A9_BB   A 14 ? B 9  ? A 15 ? B 8  ? 
1 A G 15 1_555 B A 8  1_555 A A 16 1_555 B G 7  1_555 1.625  -1.629 4.246 7.909   -4.864  -7.330 14.217 18.144  0.881 27.132 
44.114  -11.824 11 AA_G15A16:G7A8_BB   A 15 ? B 8  ? A 16 ? B 7  ? 
1 A G 17 1_555 B C 3  1_555 A C 18 1_555 B G 2  1_555 0.240  -2.143 3.217 3.989   4.880   30.685 -4.836 0.262   2.858 9.101  
-7.440  31.311  12 AA_G17C18:G2C3_BB   A 17 ? B 3  ? A 18 ? B 2  ? 
1 A C 18 1_555 B G 2  1_555 A C 19 1_555 B G 1  1_555 0.362  -1.746 3.171 -0.782  4.988   29.099 -4.407 -0.864  2.829 9.833  1.541 
29.524  13 AA_C18C19:G1G2_BB   A 18 ? B 2  ? A 19 ? B 1  ? 
# 
_pdbx_initial_refinement_model.id               1 
_pdbx_initial_refinement_model.entity_id_list   ? 
_pdbx_initial_refinement_model.type             'experimental model' 
_pdbx_initial_refinement_model.source_name      PDB 
_pdbx_initial_refinement_model.accession_code   4C40 
_pdbx_initial_refinement_model.details          ? 
# 
_atom_sites.entry_id                    7EI9 
_atom_sites.Cartn_transf_matrix[1][1]   ? 
_atom_sites.Cartn_transf_matrix[1][2]   ? 
_atom_sites.Cartn_transf_matrix[1][3]   ? 
_atom_sites.Cartn_transf_matrix[2][1]   ? 
_atom_sites.Cartn_transf_matrix[2][2]   ? 
_atom_sites.Cartn_transf_matrix[2][3]   ? 
_atom_sites.Cartn_transf_matrix[3][1]   ? 
_atom_sites.Cartn_transf_matrix[3][2]   ? 
_atom_sites.Cartn_transf_matrix[3][3]   ? 
_atom_sites.Cartn_transf_vector[1]      ? 
_atom_sites.Cartn_transf_vector[2]      ? 
_atom_sites.Cartn_transf_vector[3]      ? 
_atom_sites.fract_transf_matrix[1][1]   0.01193910 
_atom_sites.fract_transf_matrix[1][2]   0.00527646 
_atom_sites.fract_transf_matrix[1][3]   0.00092745 
_atom_sites.fract_transf_matrix[2][1]   -0.00515924 
_atom_sites.fract_transf_matrix[2][2]   0.01193437 
_atom_sites.fract_transf_matrix[2][3]   -0.00148207 
_atom_sites.fract_transf_matrix[3][1]   -0.00267748 
_atom_sites.fract_transf_matrix[3][2]   0.00182996 
_atom_sites.fract_transf_matrix[3][3]   0.02405638 
_atom_sites.fract_transf_vector[1]      0.010146 
_atom_sites.fract_transf_vector[2]      -0.247690 
_atom_sites.fract_transf_vector[3]      0.256553 
_atom_sites.solution_primary            ? 
_atom_sites.solution_secondary          ? 
_atom_sites.solution_hydrogens          ? 
_atom_sites.special_details             ? 
# 
loop_
_atom_type.symbol 
C  
N  
O  
P  
SR 
# 
loop_
_atom_site.group_PDB 
_atom_site.id 
_atom_site.type_symbol 
_atom_site.label_atom_id 
_atom_site.label_alt_id 
_atom_site.label_comp_id 
_atom_site.label_asym_id 
_atom_site.label_entity_id 
_atom_site.label_seq_id 
_atom_site.pdbx_PDB_ins_code 
_atom_site.Cartn_x 
_atom_site.Cartn_y 
_atom_site.Cartn_z 
_atom_site.occupancy 
_atom_site.B_iso_or_equiv 
_atom_site.pdbx_formal_charge 
_atom_site.auth_seq_id 
_atom_site.auth_comp_id 
_atom_site.auth_asym_id 
_atom_site.auth_atom_id 
_atom_site.pdbx_PDB_model_num 
ATOM   1   O  "O5'" . G   A 1 1  ? 17.514  13.588  -7.834  1.00 48.23  ? 1   G   A "O5'" 1 
ATOM   2   C  "C5'" . G   A 1 1  ? 16.486  14.266  -7.121  1.00 49.24  ? 1   G   A "C5'" 1 
ATOM   3   C  "C4'" . G   A 1 1  ? 15.114  13.890  -7.620  1.00 49.86  ? 1   G   A "C4'" 1 
ATOM   4   O  "O4'" . G   A 1 1  ? 15.231  12.886  -8.659  1.00 57.04  ? 1   G   A "O4'" 1 
ATOM   5   C  "C3'" . G   A 1 1  ? 14.215  13.231  -6.598  1.00 43.86  ? 1   G   A "C3'" 1 
ATOM   6   O  "O3'" . G   A 1 1  ? 13.589  14.144  -5.720  1.00 69.07  ? 1   G   A "O3'" 1 
ATOM   7   C  "C2'" . G   A 1 1  ? 13.247  12.444  -7.462  1.00 43.33  ? 1   G   A "C2'" 1 
ATOM   8   O  "O2'" . G   A 1 1  ? 12.293  13.304  -8.057  1.00 48.66  ? 1   G   A "O2'" 1 
ATOM   9   C  "C1'" . G   A 1 1  ? 14.173  11.961  -8.562  1.00 39.53  ? 1   G   A "C1'" 1 
ATOM   10  N  N9    . G   A 1 1  ? 14.729  10.626  -8.300  1.00 34.92  ? 1   G   A N9    1 
ATOM   11  C  C8    . G   A 1 1  ? 16.055  10.300  -8.157  1.00 42.37  ? 1   G   A C8    1 
ATOM   12  N  N7    . G   A 1 1  ? 16.255  9.021   -7.976  1.00 50.01  ? 1   G   A N7    1 
ATOM   13  C  C5    . G   A 1 1  ? 14.976  8.476   -8.032  1.00 35.20  ? 1   G   A C5    1 
ATOM   14  C  C6    . G   A 1 1  ? 14.555  7.135   -7.913  1.00 36.25  ? 1   G   A C6    1 
ATOM   15  O  O6    . G   A 1 1  ? 15.261  6.128   -7.730  1.00 50.70  ? 1   G   A O6    1 
ATOM   16  N  N1    . G   A 1 1  ? 13.177  7.027   -8.024  1.00 36.61  ? 1   G   A N1    1 
ATOM   17  C  C2    . G   A 1 1  ? 12.327  8.080   -8.237  1.00 44.00  ? 1   G   A C2    1 
ATOM   18  N  N2    . G   A 1 1  ? 11.018  7.809   -8.328  1.00 39.71  ? 1   G   A N2    1 
ATOM   19  N  N3    . G   A 1 1  ? 12.713  9.327   -8.358  1.00 36.04  ? 1   G   A N3    1 
ATOM   20  C  C4    . G   A 1 1  ? 14.037  9.449   -8.242  1.00 32.43  ? 1   G   A C4    1 
ATOM   21  P  P     . G   A 1 2  ? 13.277  13.675  -4.215  1.00 53.55  ? 2   G   A P     1 
ATOM   22  O  OP1   . G   A 1 2  ? 12.787  14.835  -3.425  1.00 51.82  ? 2   G   A OP1   1 
ATOM   23  O  OP2   . G   A 1 2  ? 14.467  12.877  -3.795  1.00 27.60  ? 2   G   A OP2   1 
ATOM   24  O  "O5'" . G   A 1 2  ? 12.010  12.726  -4.374  1.00 47.13  ? 2   G   A "O5'" 1 
ATOM   25  C  "C5'" . G   A 1 2  ? 10.704  13.270  -4.492  1.00 55.72  ? 2   G   A "C5'" 1 
ATOM   26  C  "C4'" . G   A 1 2  ? 9.670   12.187  -4.656  1.00 56.04  ? 2   G   A "C4'" 1 
ATOM   27  O  "O4'" . G   A 1 2  ? 10.109  11.263  -5.687  1.00 57.78  ? 2   G   A "O4'" 1 
ATOM   28  C  "C3'" . G   A 1 2  ? 9.457   11.287  -3.455  1.00 47.47  ? 2   G   A "C3'" 1 
ATOM   29  O  "O3'" . G   A 1 2  ? 8.649   11.854  -2.455  1.00 55.52  ? 2   G   A "O3'" 1 
ATOM   30  C  "C2'" . G   A 1 2  ? 8.862   10.048  -4.087  1.00 53.80  ? 2   G   A "C2'" 1 
ATOM   31  O  "O2'" . G   A 1 2  ? 7.516   10.302  -4.459  1.00 58.85  ? 2   G   A "O2'" 1 
ATOM   32  C  "C1'" . G   A 1 2  ? 9.702   9.949   -5.356  1.00 52.37  ? 2   G   A "C1'" 1 
ATOM   33  N  N9    . G   A 1 2  ? 10.899  9.102   -5.167  1.00 38.78  ? 2   G   A N9    1 
ATOM   34  C  C8    . G   A 1 2  ? 12.229  9.462   -5.086  1.00 46.62  ? 2   G   A C8    1 
ATOM   35  N  N7    . G   A 1 2  ? 13.039  8.442   -4.914  1.00 40.68  ? 2   G   A N7    1 
ATOM   36  C  C5    . G   A 1 2  ? 12.192  7.344   -4.876  1.00 35.64  ? 2   G   A C5    1 
ATOM   37  C  C6    . G   A 1 2  ? 12.462  5.969   -4.709  1.00 41.94  ? 2   G   A C6    1 
ATOM   38  O  O6    . G   A 1 2  ? 13.543  5.389   -4.566  1.00 45.99  ? 2   G   A O6    1 
ATOM   39  N  N1    . G   A 1 2  ? 11.311  5.215   -4.717  1.00 41.37  ? 2   G   A N1    1 
ATOM   40  C  C2    . G   A 1 2  ? 10.051  5.713   -4.876  1.00 45.33  ? 2   G   A C2    1 
ATOM   41  N  N2    . G   A 1 2  ? 9.052   4.820   -4.861  1.00 40.58  ? 2   G   A N2    1 
ATOM   42  N  N3    . G   A 1 2  ? 9.777   6.988   -5.036  1.00 36.77  ? 2   G   A N3    1 
ATOM   43  C  C4    . G   A 1 2  ? 10.885  7.737   -5.026  1.00 37.16  ? 2   G   A C4    1 
ATOM   44  P  P     . C   A 1 3  ? 9.119   11.752  -0.925  1.00 48.23  ? 3   C   A P     1 
ATOM   45  O  OP1   . C   A 1 3  ? 8.435   12.831  -0.177  1.00 50.28  ? 3   C   A OP1   1 
ATOM   46  O  OP2   . C   A 1 3  ? 10.589  11.620  -0.892  1.00 38.29  ? 3   C   A OP2   1 
ATOM   47  O  "O5'" . C   A 1 3  ? 8.555   10.352  -0.436  1.00 46.70  ? 3   C   A "O5'" 1 
ATOM   48  C  "C5'" . C   A 1 3  ? 7.283   9.905   -0.854  1.00 43.11  ? 3   C   A "C5'" 1 
ATOM   49  C  "C4'" . C   A 1 3  ? 7.119   8.419   -0.656  1.00 41.23  ? 3   C   A "C4'" 1 
ATOM   50  O  "O4'" . C   A 1 3  ? 7.795   7.654   -1.695  1.00 41.82  ? 3   C   A "O4'" 1 
ATOM   51  C  "C3'" . C   A 1 3  ? 7.677   7.824   0.618   1.00 43.50  ? 3   C   A "C3'" 1 
ATOM   52  O  "O3'" . C   A 1 3  ? 6.906   8.147   1.758   1.00 50.53  ? 3   C   A "O3'" 1 
ATOM   53  C  "C2'" . C   A 1 3  ? 7.672   6.343   0.273   1.00 53.46  ? 3   C   A "C2'" 1 
ATOM   54  O  "O2'" . C   A 1 3  ? 6.342   5.841   0.286   1.00 57.25  ? 3   C   A "O2'" 1 
ATOM   55  C  "C1'" . C   A 1 3  ? 8.147   6.384   -1.181  1.00 42.66  ? 3   C   A "C1'" 1 
ATOM   56  N  N1    . C   A 1 3  ? 9.615   6.221   -1.258  1.00 47.70  ? 3   C   A N1    1 
ATOM   57  C  C2    . C   A 1 3  ? 10.187  4.945   -1.080  1.00 48.26  ? 3   C   A C2    1 
ATOM   58  O  O2    . C   A 1 3  ? 9.467   3.931   -0.888  1.00 42.80  ? 3   C   A O2    1 
ATOM   59  N  N3    . C   A 1 3  ? 11.538  4.860   -1.125  1.00 46.80  ? 3   C   A N3    1 
ATOM   60  C  C4    . C   A 1 3  ? 12.277  5.952   -1.327  1.00 49.20  ? 3   C   A C4    1 
ATOM   61  N  N4    . C   A 1 3  ? 13.606  5.835   -1.366  1.00 48.20  ? 3   C   A N4    1 
ATOM   62  C  C5    . C   A 1 3  ? 11.717  7.231   -1.499  1.00 42.19  ? 3   C   A C5    1 
ATOM   63  C  C6    . C   A 1 3  ? 10.396  7.319   -1.447  1.00 40.28  ? 3   C   A C6    1 
ATOM   64  P  P     . G   A 1 4  ? 7.596   8.325   3.193   1.00 45.53  ? 4   G   A P     1 
ATOM   65  O  OP1   . G   A 1 4  ? 6.507   8.581   4.162   1.00 54.43  ? 4   G   A OP1   1 
ATOM   66  O  OP2   . G   A 1 4  ? 8.708   9.292   3.125   1.00 37.84  ? 4   G   A OP2   1 
ATOM   67  O  "O5'" . G   A 1 4  ? 8.185   6.886   3.495   1.00 39.14  ? 4   G   A "O5'" 1 
ATOM   68  C  "C5'" . G   A 1 4  ? 7.335   5.828   3.891   1.00 36.20  ? 4   G   A "C5'" 1 
ATOM   69  C  "C4'" . G   A 1 4  ? 8.082   4.528   3.943   1.00 37.54  ? 4   G   A "C4'" 1 
ATOM   70  O  "O4'" . G   A 1 4  ? 8.689   4.258   2.648   1.00 44.05  ? 4   G   A "O4'" 1 
ATOM   71  C  "C3'" . G   A 1 4  ? 9.265   4.479   4.890   1.00 41.83  ? 4   G   A "C3'" 1 
ATOM   72  O  "O3'" . G   A 1 4  ? 8.924   4.393   6.263   1.00 47.23  ? 4   G   A "O3'" 1 
ATOM   73  C  "C2'" . G   A 1 4  ? 10.034  3.291   4.337   1.00 44.52  ? 4   G   A "C2'" 1 
ATOM   74  O  "O2'" . G   A 1 4  ? 9.336   2.090   4.604   1.00 55.45  ? 4   G   A "O2'" 1 
ATOM   75  C  "C1'" . G   A 1 4  ? 9.918   3.571   2.838   1.00 46.34  ? 4   G   A "C1'" 1 
ATOM   76  N  N9    . G   A 1 4  ? 11.036  4.437   2.418   1.00 44.71  ? 4   G   A N9    1 
ATOM   77  C  C8    . G   A 1 4  ? 11.078  5.780   2.133   1.00 46.32  ? 4   G   A C8    1 
ATOM   78  N  N7    . G   A 1 4  ? 12.279  6.225   1.848   1.00 48.43  ? 4   G   A N7    1 
ATOM   79  C  C5    . G   A 1 4  ? 13.079  5.100   1.981   1.00 43.66  ? 4   G   A C5    1 
ATOM   80  C  C6    . G   A 1 4  ? 14.482  4.924   1.814   1.00 53.00  ? 4   G   A C6    1 
ATOM   81  O  O6    . G   A 1 4  ? 15.353  5.754   1.492   1.00 64.42  ? 4   G   A O6    1 
ATOM   82  N  N1    . G   A 1 4  ? 14.841  3.600   2.049   1.00 48.21  ? 4   G   A N1    1 
ATOM   83  C  C2    . G   A 1 4  ? 13.986  2.585   2.402   1.00 46.08  ? 4   G   A C2    1 
ATOM   84  N  N2    . G   A 1 4  ? 14.523  1.375   2.587   1.00 47.21  ? 4   G   A N2    1 
ATOM   85  N  N3    . G   A 1 4  ? 12.690  2.740   2.550   1.00 46.56  ? 4   G   A N3    1 
ATOM   86  C  C4    . G   A 1 4  ? 12.320  4.007   2.331   1.00 46.03  ? 4   G   A C4    1 
ATOM   87  P  P     . A   A 1 5  ? 9.610   5.388   7.327   1.00 40.30  ? 5   A   A P     1 
ATOM   88  O  OP1   . A   A 1 5  ? 8.807   6.591   7.587   1.00 42.06  ? 5   A   A OP1   1 
ATOM   89  O  OP2   . A   A 1 5  ? 10.989  5.597   6.864   1.00 39.09  ? 5   A   A OP2   1 
ATOM   90  O  "O5'" . A   A 1 5  ? 9.641   4.501   8.650   1.00 53.38  ? 5   A   A "O5'" 1 
ATOM   91  C  "C5'" . A   A 1 5  ? 10.146  3.173   8.582   1.00 51.78  ? 5   A   A "C5'" 1 
ATOM   92  C  "C4'" . A   A 1 5  ? 10.365  2.541   9.937   1.00 52.09  ? 5   A   A "C4'" 1 
ATOM   93  O  "O4'" . A   A 1 5  ? 10.814  1.174   9.726   1.00 54.95  ? 5   A   A "O4'" 1 
ATOM   94  C  "C3'" . A   A 1 5  ? 11.424  3.198   10.821  1.00 51.99  ? 5   A   A "C3'" 1 
ATOM   95  O  "O3'" . A   A 1 5  ? 11.087  3.008   12.195  1.00 50.77  ? 5   A   A "O3'" 1 
ATOM   96  C  "C2'" . A   A 1 5  ? 12.666  2.365   10.527  1.00 54.59  ? 5   A   A "C2'" 1 
ATOM   97  O  "O2'" . A   A 1 5  ? 13.616  2.385   11.571  1.00 56.53  ? 5   A   A "O2'" 1 
ATOM   98  C  "C1'" . A   A 1 5  ? 12.063  0.979   10.356  1.00 52.58  ? 5   A   A "C1'" 1 
ATOM   99  N  N9    . A   A 1 5  ? 12.848  0.035   9.547   1.00 56.54  ? 5   A   A N9    1 
ATOM   100 C  C8    . A   A 1 5  ? 13.333  -1.182  9.971   1.00 50.05  ? 5   A   A C8    1 
ATOM   101 N  N7    . A   A 1 5  ? 13.991  -1.863  9.060   1.00 57.15  ? 5   A   A N7    1 
ATOM   102 C  C5    . A   A 1 5  ? 13.926  -1.050  7.929   1.00 57.55  ? 5   A   A C5    1 
ATOM   103 C  C6    . A   A 1 5  ? 14.423  -1.208  6.610   1.00 55.91  ? 5   A   A C6    1 
ATOM   104 N  N6    . A   A 1 5  ? 15.114  -2.270  6.173   1.00 59.86  ? 5   A   A N6    1 
ATOM   105 N  N1    . A   A 1 5  ? 14.190  -0.214  5.733   1.00 53.68  ? 5   A   A N1    1 
ATOM   106 C  C2    . A   A 1 5  ? 13.495  0.846   6.160   1.00 50.80  ? 5   A   A C2    1 
ATOM   107 N  N3    . A   A 1 5  ? 12.973  1.115   7.359   1.00 51.20  ? 5   A   A N3    1 
ATOM   108 C  C4    . A   A 1 5  ? 13.225  0.118   8.220   1.00 55.28  ? 5   A   A C4    1 
HETATM 109 P  P     . 4PC A 1 6  ? 10.367  4.162   13.041  1.00 48.13  ? 6   4PC A P     1 
HETATM 110 O  OP1   . 4PC A 1 6  ? 11.093  5.469   12.882  1.00 45.95  ? 6   4PC A OP1   1 
HETATM 111 O  OP2   . 4PC A 1 6  ? 10.150  3.587   14.402  1.00 45.68  ? 6   4PC A OP2   1 
HETATM 112 O  "O5'" . 4PC A 1 6  ? 8.750   4.292   12.300  1.00 56.37  ? 6   4PC A "O5'" 1 
HETATM 113 C  "C5'" . 4PC A 1 6  ? 7.559   4.324   12.963  1.00 47.55  ? 6   4PC A "C5'" 1 
HETATM 114 C  "C4'" . 4PC A 1 6  ? 6.585   5.400   12.299  1.00 43.86  ? 6   4PC A "C4'" 1 
HETATM 115 O  "O4'" . 4PC A 1 6  ? 6.841   6.669   12.847  1.00 40.19  ? 6   4PC A "O4'" 1 
HETATM 116 C  "C3'" . 4PC A 1 6  ? 6.781   5.622   10.745  1.00 52.46  ? 6   4PC A "C3'" 1 
HETATM 117 O  "O3'" . 4PC A 1 6  ? 5.518   5.692   10.143  1.00 55.38  ? 6   4PC A "O3'" 1 
HETATM 118 C  "C2'" . 4PC A 1 6  ? 7.430   7.052   10.611  1.00 47.28  ? 6   4PC A "C2'" 1 
HETATM 119 C  "C1'" . 4PC A 1 6  ? 6.875   7.701   11.871  1.00 44.99  ? 6   4PC A "C1'" 1 
HETATM 120 N  N1    . 4PC A 1 6  ? 7.760   8.714   12.486  1.00 45.02  ? 6   4PC A N1    1 
HETATM 121 C  C2    . 4PC A 1 6  ? 7.861   10.072  12.070  1.00 46.71  ? 6   4PC A C2    1 
HETATM 122 O  O2    . 4PC A 1 6  ? 7.089   10.413  10.982  1.00 63.58  ? 6   4PC A O2    1 
HETATM 123 N  N3    . 4PC A 1 6  ? 8.646   10.962  12.644  1.00 46.37  ? 6   4PC A N3    1 
HETATM 124 C  C4    . 4PC A 1 6  ? 9.406   10.552  13.764  1.00 51.18  ? 6   4PC A C4    1 
HETATM 125 C  C5    . 4PC A 1 6  ? 9.335   9.176   14.268  1.00 49.31  ? 6   4PC A C5    1 
HETATM 126 C  C6    . 4PC A 1 6  ? 8.508   8.319   13.601  1.00 51.52  ? 6   4PC A C6    1 
HETATM 127 C  C14   . 4PC A 1 6  ? 10.258  9.181   15.400  1.00 50.43  ? 6   4PC A C14   1 
HETATM 128 C  C15   . 4PC A 1 6  ? 10.805  10.450  15.537  1.00 55.56  ? 6   4PC A C15   1 
HETATM 129 C  C16   . 4PC A 1 6  ? 11.818  10.958  16.561  1.00 48.41  ? 6   4PC A C16   1 
HETATM 130 N  N17   . 4PC A 1 6  ? 10.270  11.308  14.514  1.00 53.76  ? 6   4PC A N17   1 
ATOM   131 P  P     . G   A 1 7  ? 4.759   4.375   9.628   1.00 55.07  ? 7   G   A P     1 
ATOM   132 O  OP1   . G   A 1 7  ? 3.871   4.854   8.536   1.00 41.81  ? 7   G   A OP1   1 
ATOM   133 O  OP2   . G   A 1 7  ? 4.191   3.569   10.750  1.00 48.91  ? 7   G   A OP2   1 
ATOM   134 O  "O5'" . G   A 1 7  ? 5.920   3.497   9.003   1.00 54.32  ? 7   G   A "O5'" 1 
ATOM   135 C  "C5'" . G   A 1 7  ? 6.116   3.445   7.598   1.00 49.83  ? 7   G   A "C5'" 1 
ATOM   136 C  "C4'" . G   A 1 7  ? 6.493   2.054   7.146   1.00 50.33  ? 7   G   A "C4'" 1 
ATOM   137 O  "O4'" . G   A 1 7  ? 7.466   1.494   8.062   1.00 52.72  ? 7   G   A "O4'" 1 
ATOM   138 C  "C3'" . G   A 1 7  ? 5.351   1.053   7.115   1.00 44.37  ? 7   G   A "C3'" 1 
ATOM   139 O  "O3'" . G   A 1 7  ? 5.697   0.039   6.181   1.00 42.76  ? 7   G   A "O3'" 1 
ATOM   140 C  "C2'" . G   A 1 7  ? 5.439   0.448   8.497   1.00 44.96  ? 7   G   A "C2'" 1 
ATOM   141 O  "O2'" . G   A 1 7  ? 4.774   -0.784  8.664   1.00 55.99  ? 7   G   A "O2'" 1 
ATOM   142 C  "C1'" . G   A 1 7  ? 6.938   0.304   8.618   1.00 52.18  ? 7   G   A "C1'" 1 
ATOM   143 N  N9    . G   A 1 7  ? 7.377   0.161   9.996   1.00 60.03  ? 7   G   A N9    1 
ATOM   144 C  C8    . G   A 1 7  ? 6.872   0.832   11.071  1.00 57.24  ? 7   G   A C8    1 
ATOM   145 N  N7    . G   A 1 7  ? 7.451   0.460   12.174  1.00 53.07  ? 7   G   A N7    1 
ATOM   146 C  C5    . G   A 1 7  ? 8.363   -0.511  11.795  1.00 46.20  ? 7   G   A C5    1 
ATOM   147 C  C6    . G   A 1 7  ? 9.257   -1.279  12.573  1.00 58.31  ? 7   G   A C6    1 
ATOM   148 O  O6    . G   A 1 7  ? 9.424   -1.232  13.802  1.00 61.92  ? 7   G   A O6    1 
ATOM   149 N  N1    . G   A 1 7  ? 9.989   -2.156  11.774  1.00 54.07  ? 7   G   A N1    1 
ATOM   150 C  C2    . G   A 1 7  ? 9.874   -2.274  10.414  1.00 52.63  ? 7   G   A C2    1 
ATOM   151 N  N2    . G   A 1 7  ? 10.664  -3.174  9.812   1.00 51.64  ? 7   G   A N2    1 
ATOM   152 N  N3    . G   A 1 7  ? 9.044   -1.557  9.689   1.00 54.05  ? 7   G   A N3    1 
ATOM   153 C  C4    . G   A 1 7  ? 8.327   -0.712  10.447  1.00 53.33  ? 7   G   A C4    1 
ATOM   154 P  P     . A   A 1 8  ? 4.856   -0.126  4.836   1.00 53.17  ? 8   A   A P     1 
ATOM   155 O  OP1   . A   A 1 8  ? 4.209   1.198   4.634   1.00 43.82  ? 8   A   A OP1   1 
ATOM   156 O  OP2   . A   A 1 8  ? 4.041   -1.367  4.966   1.00 55.11  ? 8   A   A OP2   1 
ATOM   157 O  "O5'" . A   A 1 8  ? 5.976   -0.380  3.730   1.00 45.39  ? 8   A   A "O5'" 1 
ATOM   158 C  "C5'" . A   A 1 8  ? 6.251   0.579   2.719   1.00 37.21  ? 8   A   A "C5'" 1 
ATOM   159 C  "C4'" . A   A 1 8  ? 7.118   -0.014  1.635   1.00 48.87  ? 8   A   A "C4'" 1 
ATOM   160 O  "O4'" . A   A 1 8  ? 8.358   -0.479  2.219   1.00 53.96  ? 8   A   A "O4'" 1 
ATOM   161 C  "C3'" . A   A 1 8  ? 6.555   -1.244  0.944   1.00 48.81  ? 8   A   A "C3'" 1 
ATOM   162 O  "O3'" . A   A 1 8  ? 5.685   -0.936  -0.111  1.00 49.57  ? 8   A   A "O3'" 1 
ATOM   163 C  "C2'" . A   A 1 8  ? 7.794   -1.977  0.477   1.00 51.89  ? 8   A   A "C2'" 1 
ATOM   164 O  "O2'" . A   A 1 8  ? 8.296   -1.362  -0.695  1.00 53.95  ? 8   A   A "O2'" 1 
ATOM   165 C  "C1'" . A   A 1 8  ? 8.753   -1.695  1.622   1.00 50.14  ? 8   A   A "C1'" 1 
ATOM   166 N  N9    . A   A 1 8  ? 8.717   -2.736  2.660   1.00 49.99  ? 8   A   A N9    1 
ATOM   167 C  C8    . A   A 1 8  ? 8.215   -2.593  3.932   1.00 52.40  ? 8   A   A C8    1 
ATOM   168 N  N7    . A   A 1 8  ? 8.328   -3.670  4.676   1.00 52.03  ? 8   A   A N7    1 
ATOM   169 C  C5    . A   A 1 8  ? 8.958   -4.588  3.835   1.00 64.21  ? 8   A   A C5    1 
ATOM   170 C  C6    . A   A 1 8  ? 9.366   -5.926  4.018   1.00 65.86  ? 8   A   A C6    1 
ATOM   171 N  N6    . A   A 1 8  ? 9.186   -6.600  5.153   1.00 62.66  ? 8   A   A N6    1 
ATOM   172 N  N1    . A   A 1 8  ? 9.973   -6.559  2.987   1.00 65.28  ? 8   A   A N1    1 
ATOM   173 C  C2    . A   A 1 8  ? 10.149  -5.881  1.850   1.00 64.68  ? 8   A   A C2    1 
ATOM   174 N  N3    . A   A 1 8  ? 9.808   -4.625  1.552   1.00 57.22  ? 8   A   A N3    1 
ATOM   175 C  C4    . A   A 1 8  ? 9.207   -4.021  2.592   1.00 58.36  ? 8   A   A C4    1 
ATOM   176 P  P     . A   A 1 9  ? 4.323   -1.755  -0.211  1.00 54.54  ? 9   A   A P     1 
ATOM   177 O  OP1   . A   A 1 9  ? 3.480   -1.119  -1.245  1.00 62.00  ? 9   A   A OP1   1 
ATOM   178 O  OP2   . A   A 1 9  ? 3.823   -1.887  1.179   1.00 61.03  ? 9   A   A OP2   1 
ATOM   179 O  "O5'" . A   A 1 9  ? 4.793   -3.173  -0.745  1.00 58.06  ? 9   A   A "O5'" 1 
ATOM   180 C  "C5'" . A   A 1 9  ? 5.533   -3.273  -1.947  1.00 54.48  ? 9   A   A "C5'" 1 
ATOM   181 C  "C4'" . A   A 1 9  ? 6.167   -4.632  -2.123  1.00 60.31  ? 9   A   A "C4'" 1 
ATOM   182 O  "O4'" . A   A 1 9  ? 7.107   -4.901  -1.057  1.00 60.08  ? 9   A   A "O4'" 1 
ATOM   183 C  "C3'" . A   A 1 9  ? 5.246   -5.835  -2.100  1.00 61.56  ? 9   A   A "C3'" 1 
ATOM   184 O  "O3'" . A   A 1 9  ? 4.547   -5.998  -3.318  1.00 65.17  ? 9   A   A "O3'" 1 
ATOM   185 C  "C2'" . A   A 1 9  ? 6.221   -6.964  -1.804  1.00 60.11  ? 9   A   A "C2'" 1 
ATOM   186 O  "O2'" . A   A 1 9  ? 6.972   -7.269  -2.968  1.00 70.77  ? 9   A   A "O2'" 1 
ATOM   187 C  "C1'" . A   A 1 9  ? 7.169   -6.290  -0.817  1.00 59.39  ? 9   A   A "C1'" 1 
ATOM   188 N  N9    . A   A 1 9  ? 6.810   -6.545  0.593   1.00 67.15  ? 9   A   A N9    1 
ATOM   189 C  C8    . A   A 1 9  ? 6.258   -5.664  1.479   1.00 59.23  ? 9   A   A C8    1 
ATOM   190 N  N7    . A   A 1 9  ? 6.060   -6.159  2.678   1.00 62.11  ? 9   A   A N7    1 
ATOM   191 C  C5    . A   A 1 9  ? 6.513   -7.465  2.577   1.00 65.46  ? 9   A   A C5    1 
ATOM   192 C  C6    . A   A 1 9  ? 6.568   -8.517  3.508   1.00 69.56  ? 9   A   A C6    1 
ATOM   193 N  N6    . A   A 1 9  ? 6.149   -8.417  4.771   1.00 62.47  ? 9   A   A N6    1 
ATOM   194 N  N1    . A   A 1 9  ? 7.081   -9.696  3.095   1.00 73.34  ? 9   A   A N1    1 
ATOM   195 C  C2    . A   A 1 9  ? 7.501   -9.795  1.824   1.00 69.69  ? 9   A   A C2    1 
ATOM   196 N  N3    . A   A 1 9  ? 7.499   -8.878  0.861   1.00 62.39  ? 9   A   A N3    1 
ATOM   197 C  C4    . A   A 1 9  ? 6.985   -7.717  1.303   1.00 64.14  ? 9   A   A C4    1 
ATOM   198 P  P     . C   A 1 10 ? 3.017   -6.494  -3.333  1.00 69.28  ? 10  C   A P     1 
ATOM   199 O  OP1   . C   A 1 10 ? 2.696   -6.891  -4.732  1.00 73.03  ? 10  C   A OP1   1 
ATOM   200 O  OP2   . C   A 1 10 ? 2.147   -5.476  -2.687  1.00 66.35  ? 10  C   A OP2   1 
ATOM   201 O  "O5'" . C   A 1 10 ? 3.045   -7.817  -2.446  1.00 71.73  ? 10  C   A "O5'" 1 
ATOM   202 C  "C5'" . C   A 1 10 ? 3.606   -9.025  -2.939  1.00 65.43  ? 10  C   A "C5'" 1 
ATOM   203 C  "C4'" . C   A 1 10 ? 3.665   -10.076 -1.863  1.00 69.97  ? 10  C   A "C4'" 1 
ATOM   204 O  "O4'" . C   A 1 10 ? 4.554   -9.636  -0.802  1.00 74.56  ? 10  C   A "O4'" 1 
ATOM   205 C  "C3'" . C   A 1 10 ? 2.349   -10.363 -1.147  1.00 72.78  ? 10  C   A "C3'" 1 
ATOM   206 O  "O3'" . C   A 1 10 ? 1.504   -11.246 -1.858  1.00 73.67  ? 10  C   A "O3'" 1 
ATOM   207 C  "C2'" . C   A 1 10 ? 2.820   -10.913 0.187   1.00 77.18  ? 10  C   A "C2'" 1 
ATOM   208 O  "O2'" . C   A 1 10 ? 3.257   -12.256 0.049   1.00 83.68  ? 10  C   A "O2'" 1 
ATOM   209 C  "C1'" . C   A 1 10 ? 4.039   -10.031 0.454   1.00 72.91  ? 10  C   A "C1'" 1 
ATOM   210 N  N1    . C   A 1 10 ? 3.655   -8.818  1.211   1.00 68.02  ? 10  C   A N1    1 
ATOM   211 C  C2    . C   A 1 10 ? 3.375   -8.940  2.572   1.00 72.10  ? 10  C   A C2    1 
ATOM   212 O  O2    . C   A 1 10 ? 3.473   -10.048 3.114   1.00 74.46  ? 10  C   A O2    1 
ATOM   213 N  N3    . C   A 1 10 ? 3.009   -7.847  3.275   1.00 68.48  ? 10  C   A N3    1 
ATOM   214 C  C4    . C   A 1 10 ? 2.901   -6.671  2.659   1.00 67.51  ? 10  C   A C4    1 
ATOM   215 N  N4    . C   A 1 10 ? 2.531   -5.619  3.388   1.00 63.62  ? 10  C   A N4    1 
ATOM   216 C  C5    . C   A 1 10 ? 3.171   -6.514  1.273   1.00 65.63  ? 10  C   A C5    1 
ATOM   217 C  C6    . C   A 1 10 ? 3.539   -7.603  0.598   1.00 68.39  ? 10  C   A C6    1 
ATOM   218 P  P     . C   A 1 11 ? -0.090  -11.031 -1.863  1.00 76.82  ? 11  C   A P     1 
ATOM   219 O  OP1   . C   A 1 11 ? -0.629  -11.885 -2.955  1.00 88.52  ? 11  C   A OP1   1 
ATOM   220 O  OP2   . C   A 1 11 ? -0.435  -9.589  -1.835  1.00 80.27  ? 11  C   A OP2   1 
ATOM   221 O  "O5'" . C   A 1 11 ? -0.557  -11.621 -0.470  1.00 72.88  ? 11  C   A "O5'" 1 
ATOM   222 C  "C5'" . C   A 1 11 ? -0.243  -12.949 -0.103  1.00 76.65  ? 11  C   A "C5'" 1 
ATOM   223 C  "C4'" . C   A 1 11 ? -0.725  -13.222 1.290   1.00 69.21  ? 11  C   A "C4'" 1 
ATOM   224 O  "O4'" . C   A 1 11 ? 0.118   -12.519 2.241   1.00 71.32  ? 11  C   A "O4'" 1 
ATOM   225 C  "C3'" . C   A 1 11 ? -2.119  -12.709 1.607   1.00 72.53  ? 11  C   A "C3'" 1 
ATOM   226 O  "O3'" . C   A 1 11 ? -3.160  -13.526 1.104   1.00 68.13  ? 11  C   A "O3'" 1 
ATOM   227 C  "C2'" . C   A 1 11 ? -2.084  -12.620 3.121   1.00 78.11  ? 11  C   A "C2'" 1 
ATOM   228 O  "O2'" . C   A 1 11 ? -2.212  -13.915 3.690   1.00 77.07  ? 11  C   A "O2'" 1 
ATOM   229 C  "C1'" . C   A 1 11 ? -0.657  -12.113 3.354   1.00 78.68  ? 11  C   A "C1'" 1 
ATOM   230 N  N1    . C   A 1 11 ? -0.634  -10.631 3.484   1.00 74.59  ? 11  C   A N1    1 
ATOM   231 C  C2    . C   A 1 11 ? -1.036  -10.080 4.717   1.00 67.97  ? 11  C   A C2    1 
ATOM   232 O  O2    . C   A 1 11 ? -1.362  -10.834 5.645   1.00 70.06  ? 11  C   A O2    1 
ATOM   233 N  N3    . C   A 1 11 ? -1.063  -8.744  4.891   1.00 62.61  ? 11  C   A N3    1 
ATOM   234 C  C4    . C   A 1 11 ? -0.728  -7.959  3.875   1.00 70.84  ? 11  C   A C4    1 
ATOM   235 N  N4    . C   A 1 11 ? -0.777  -6.646  4.093   1.00 71.01  ? 11  C   A N4    1 
ATOM   236 C  C5    . C   A 1 11 ? -0.319  -8.474  2.607   1.00 65.69  ? 11  C   A C5    1 
ATOM   237 C  C6    . C   A 1 11 ? -0.287  -9.804  2.449   1.00 70.60  ? 11  C   A C6    1 
ATOM   238 P  P     . G   A 1 12 ? -4.556  -12.863 0.661   1.00 69.75  ? 12  G   A P     1 
ATOM   239 O  OP1   . G   A 1 12 ? -5.346  -13.905 -0.021  1.00 69.30  ? 12  G   A OP1   1 
ATOM   240 O  OP2   . G   A 1 12 ? -4.295  -11.572 -0.020  1.00 83.15  ? 12  G   A OP2   1 
ATOM   241 O  "O5'" . G   A 1 12 ? -5.286  -12.556 2.035   1.00 75.07  ? 12  G   A "O5'" 1 
ATOM   242 C  "C5'" . G   A 1 12 ? -5.369  -13.561 3.029   1.00 71.22  ? 12  G   A "C5'" 1 
ATOM   243 C  "C4'" . G   A 1 12 ? -5.800  -12.988 4.349   1.00 65.72  ? 12  G   A "C4'" 1 
ATOM   244 O  "O4'" . G   A 1 12 ? -4.710  -12.269 4.988   1.00 67.86  ? 12  G   A "O4'" 1 
ATOM   245 C  "C3'" . G   A 1 12 ? -6.907  -11.958 4.298   1.00 70.36  ? 12  G   A "C3'" 1 
ATOM   246 O  "O3'" . G   A 1 12 ? -8.186  -12.505 4.039   1.00 66.56  ? 12  G   A "O3'" 1 
ATOM   247 C  "C2'" . G   A 1 12 ? -6.760  -11.291 5.658   1.00 69.13  ? 12  G   A "C2'" 1 
ATOM   248 O  "O2'" . G   A 1 12 ? -7.211  -12.149 6.691   1.00 66.52  ? 12  G   A "O2'" 1 
ATOM   249 C  "C1'" . G   A 1 12 ? -5.240  -11.203 5.758   1.00 65.17  ? 12  G   A "C1'" 1 
ATOM   250 N  N9    . G   A 1 12 ? -4.784  -9.920  5.200   1.00 68.39  ? 12  G   A N9    1 
ATOM   251 C  C8    . G   A 1 12 ? -4.197  -9.686  3.982   1.00 67.72  ? 12  G   A C8    1 
ATOM   252 N  N7    . G   A 1 12 ? -3.959  -8.420  3.796   1.00 66.91  ? 12  G   A N7    1 
ATOM   253 C  C5    . G   A 1 12 ? -4.433  -7.797  4.945   1.00 62.82  ? 12  G   A C5    1 
ATOM   254 C  C6    . G   A 1 12 ? -4.457  -6.436  5.311   1.00 64.65  ? 12  G   A C6    1 
ATOM   255 O  O6    . G   A 1 12 ? -4.031  -5.471  4.679   1.00 68.64  ? 12  G   A O6    1 
ATOM   256 N  N1    . G   A 1 12 ? -5.019  -6.232  6.563   1.00 74.52  ? 12  G   A N1    1 
ATOM   257 C  C2    . G   A 1 12 ? -5.516  -7.217  7.374   1.00 70.10  ? 12  G   A C2    1 
ATOM   258 N  N2    . G   A 1 12 ? -6.020  -6.801  8.548   1.00 60.59  ? 12  G   A N2    1 
ATOM   259 N  N3    . G   A 1 12 ? -5.510  -8.500  7.038   1.00 66.64  ? 12  G   A N3    1 
ATOM   260 C  C4    . G   A 1 12 ? -4.952  -8.709  5.820   1.00 65.70  ? 12  G   A C4    1 
ATOM   261 P  P     . G   A 1 13 ? -9.260  -11.662 3.200   1.00 61.00  ? 13  G   A P     1 
ATOM   262 O  OP1   . G   A 1 13 ? -10.386 -12.554 2.843   1.00 73.83  ? 13  G   A OP1   1 
ATOM   263 O  OP2   . G   A 1 13 ? -8.503  -11.013 2.097   1.00 75.98  ? 13  G   A OP2   1 
ATOM   264 O  "O5'" . G   A 1 13 ? -9.793  -10.559 4.234   1.00 57.18  ? 13  G   A "O5'" 1 
ATOM   265 C  "C5'" . G   A 1 13 ? -10.527 -10.926 5.400   1.00 64.25  ? 13  G   A "C5'" 1 
ATOM   266 C  "C4'" . G   A 1 13 ? -10.593 -9.828  6.451   1.00 63.90  ? 13  G   A "C4'" 1 
ATOM   267 O  "O4'" . G   A 1 13 ? -9.259  -9.337  6.767   1.00 67.54  ? 13  G   A "O4'" 1 
ATOM   268 C  "C3'" . G   A 1 13 ? -11.372 -8.565  6.095   1.00 60.92  ? 13  G   A "C3'" 1 
ATOM   269 O  "O3'" . G   A 1 13 ? -12.779 -8.704  6.217   1.00 66.47  ? 13  G   A "O3'" 1 
ATOM   270 C  "C2'" . G   A 1 13 ? -10.771 -7.531  7.043   1.00 61.49  ? 13  G   A "C2'" 1 
ATOM   271 O  "O2'" . G   A 1 13 ? -11.274 -7.679  8.359   1.00 65.61  ? 13  G   A "O2'" 1 
ATOM   272 C  "C1'" . G   A 1 13 ? -9.302  -7.947  7.041   1.00 64.86  ? 13  G   A "C1'" 1 
ATOM   273 N  N9    . G   A 1 13 ? -8.567  -7.240  5.975   1.00 69.18  ? 13  G   A N9    1 
ATOM   274 C  C8    . G   A 1 13 ? -7.935  -7.829  4.906   1.00 67.14  ? 13  G   A C8    1 
ATOM   275 N  N7    . G   A 1 13 ? -7.389  -6.965  4.103   1.00 68.22  ? 13  G   A N7    1 
ATOM   276 C  C5    . G   A 1 13 ? -7.690  -5.730  4.665   1.00 72.23  ? 13  G   A C5    1 
ATOM   277 C  C6    . G   A 1 13 ? -7.356  -4.425  4.220   1.00 69.74  ? 13  G   A C6    1 
ATOM   278 O  O6    . G   A 1 13 ? -6.713  -4.105  3.215   1.00 70.27  ? 13  G   A O6    1 
ATOM   279 N  N1    . G   A 1 13 ? -7.848  -3.444  5.069   1.00 69.77  ? 13  G   A N1    1 
ATOM   280 C  C2    . G   A 1 13 ? -8.565  -3.693  6.211   1.00 67.23  ? 13  G   A C2    1 
ATOM   281 N  N2    . G   A 1 13 ? -8.940  -2.606  6.896   1.00 62.41  ? 13  G   A N2    1 
ATOM   282 N  N3    . G   A 1 13 ? -8.889  -4.905  6.640   1.00 60.18  ? 13  G   A N3    1 
ATOM   283 C  C4    . G   A 1 13 ? -8.421  -5.876  5.823   1.00 67.21  ? 13  G   A C4    1 
ATOM   284 P  P     . G   A 1 14 ? -13.743 -8.422  4.957   1.00 69.41  ? 14  G   A P     1 
ATOM   285 O  OP1   . G   A 1 14 ? -15.147 -8.743  5.335   1.00 79.77  ? 14  G   A OP1   1 
ATOM   286 O  OP2   . G   A 1 14 ? -13.135 -9.063  3.769   1.00 59.63  ? 14  G   A OP2   1 
ATOM   287 O  "O5'" . G   A 1 14 ? -13.693 -6.844  4.769   1.00 70.33  ? 14  G   A "O5'" 1 
ATOM   288 C  "C5'" . G   A 1 14 ? -13.880 -5.964  5.867   1.00 61.25  ? 14  G   A "C5'" 1 
ATOM   289 C  "C4'" . G   A 1 14 ? -13.226 -4.633  5.601   1.00 66.55  ? 14  G   A "C4'" 1 
ATOM   290 O  "O4'" . G   A 1 14 ? -11.804 -4.825  5.397   1.00 65.23  ? 14  G   A "O4'" 1 
ATOM   291 C  "C3'" . G   A 1 14 ? -13.713 -3.928  4.346   1.00 74.32  ? 14  G   A "C3'" 1 
ATOM   292 O  "O3'" . G   A 1 14 ? -14.823 -3.100  4.617   1.00 75.98  ? 14  G   A "O3'" 1 
ATOM   293 C  "C2'" . G   A 1 14 ? -12.498 -3.131  3.884   1.00 72.93  ? 14  G   A "C2'" 1 
ATOM   294 O  "O2'" . G   A 1 14 ? -12.431 -1.899  4.580   1.00 77.57  ? 14  G   A "O2'" 1 
ATOM   295 C  "C1'" . G   A 1 14 ? -11.342 -4.020  4.343   1.00 66.93  ? 14  G   A "C1'" 1 
ATOM   296 N  N9    . G   A 1 14 ? -10.855 -4.908  3.276   1.00 62.58  ? 14  G   A N9    1 
ATOM   297 C  C8    . G   A 1 14 ? -11.145 -6.238  3.134   1.00 69.51  ? 14  G   A C8    1 
ATOM   298 N  N7    . G   A 1 14 ? -10.573 -6.790  2.105   1.00 69.69  ? 14  G   A N7    1 
ATOM   299 C  C5    . G   A 1 14 ? -9.851  -5.755  1.539   1.00 66.94  ? 14  G   A C5    1 
ATOM   300 C  C6    . G   A 1 14 ? -9.017  -5.755  0.398   1.00 67.34  ? 14  G   A C6    1 
ATOM   301 O  O6    . G   A 1 14 ? -8.769  -6.690  -0.375  1.00 62.74  ? 14  G   A O6    1 
ATOM   302 N  N1    . G   A 1 14 ? -8.497  -4.483  0.183   1.00 57.53  ? 14  G   A N1    1 
ATOM   303 C  C2    . G   A 1 14 ? -8.728  -3.379  0.964   1.00 61.07  ? 14  G   A C2    1 
ATOM   304 N  N2    . G   A 1 14 ? -8.124  -2.246  0.598   1.00 61.93  ? 14  G   A N2    1 
ATOM   305 N  N3    . G   A 1 14 ? -9.496  -3.372  2.030   1.00 68.35  ? 14  G   A N3    1 
ATOM   306 C  C4    . G   A 1 14 ? -10.017 -4.587  2.253   1.00 68.02  ? 14  G   A C4    1 
ATOM   307 P  P     . G   A 1 15 ? -16.309 -3.579  4.264   1.00 71.07  ? 15  G   A P     1 
ATOM   308 O  OP1   . G   A 1 15 ? -16.906 -4.204  5.472   1.00 89.88  ? 15  G   A OP1   1 
ATOM   309 O  OP2   . G   A 1 15 ? -16.263 -4.331  2.991   1.00 74.02  ? 15  G   A OP2   1 
ATOM   310 O  "O5'" . G   A 1 15 ? -17.077 -2.214  3.998   1.00 77.11  ? 15  G   A "O5'" 1 
ATOM   311 C  "C5'" . G   A 1 15 ? -17.509 -1.880  2.688   1.00 80.59  ? 15  G   A "C5'" 1 
ATOM   312 C  "C4'" . G   A 1 15 ? -16.489 -1.063  1.932   1.00 79.66  ? 15  G   A "C4'" 1 
ATOM   313 O  "O4'" . G   A 1 15 ? -15.252 -1.821  1.787   1.00 74.64  ? 15  G   A "O4'" 1 
ATOM   314 C  "C3'" . G   A 1 15 ? -16.927 -0.701  0.518   1.00 68.09  ? 15  G   A "C3'" 1 
ATOM   315 O  "O3'" . G   A 1 15 ? -16.359 0.546   0.151   1.00 72.64  ? 15  G   A "O3'" 1 
ATOM   316 C  "C2'" . G   A 1 15 ? -16.294 -1.801  -0.310  1.00 72.37  ? 15  G   A "C2'" 1 
ATOM   317 O  "O2'" . G   A 1 15 ? -16.108 -1.472  -1.665  1.00 78.70  ? 15  G   A "O2'" 1 
ATOM   318 C  "C1'" . G   A 1 15 ? -14.968 -2.001  0.413   1.00 65.25  ? 15  G   A "C1'" 1 
ATOM   319 N  N9    . G   A 1 15 ? -14.397 -3.332  0.187   1.00 58.03  ? 15  G   A N9    1 
ATOM   320 C  C8    . G   A 1 15 ? -14.982 -4.558  0.389   1.00 70.03  ? 15  G   A C8    1 
ATOM   321 N  N7    . G   A 1 15 ? -14.228 -5.569  0.046   1.00 75.11  ? 15  G   A N7    1 
ATOM   322 C  C5    . G   A 1 15 ? -13.075 -4.975  -0.440  1.00 65.77  ? 15  G   A C5    1 
ATOM   323 C  C6    . G   A 1 15 ? -11.889 -5.548  -0.968  1.00 65.27  ? 15  G   A C6    1 
ATOM   324 O  O6    . G   A 1 15 ? -11.583 -6.738  -1.125  1.00 63.11  ? 15  G   A O6    1 
ATOM   325 N  N1    . G   A 1 15 ? -10.989 -4.553  -1.336  1.00 66.13  ? 15  G   A N1    1 
ATOM   326 C  C2    . G   A 1 15 ? -11.182 -3.201  -1.213  1.00 64.65  ? 15  G   A C2    1 
ATOM   327 N  N2    . G   A 1 15 ? -10.182 -2.416  -1.631  1.00 62.18  ? 15  G   A N2    1 
ATOM   328 N  N3    . G   A 1 15 ? -12.280 -2.656  -0.734  1.00 69.84  ? 15  G   A N3    1 
ATOM   329 C  C4    . G   A 1 15 ? -13.171 -3.597  -0.360  1.00 67.85  ? 15  G   A C4    1 
ATOM   330 P  P     . A   A 1 16 ? -17.279 1.656   -0.552  1.00 83.41  ? 16  A   A P     1 
ATOM   331 O  OP1   . A   A 1 16 ? -18.065 2.324   0.518   1.00 84.41  ? 16  A   A OP1   1 
ATOM   332 O  OP2   . A   A 1 16 ? -17.956 0.967   -1.679  1.00 67.62  ? 16  A   A OP2   1 
ATOM   333 O  "O5'" . A   A 1 16 ? -16.243 2.715   -1.154  1.00 72.94  ? 16  A   A "O5'" 1 
ATOM   334 C  "C5'" . A   A 1 16 ? -16.077 4.020   -0.595  1.00 60.94  ? 16  A   A "C5'" 1 
ATOM   335 C  "C4'" . A   A 1 16 ? -15.180 4.882   -1.458  1.00 69.04  ? 16  A   A "C4'" 1 
ATOM   336 O  "O4'" . A   A 1 16 ? -13.984 4.124   -1.769  1.00 71.52  ? 16  A   A "O4'" 1 
ATOM   337 C  "C3'" . A   A 1 16 ? -15.761 5.308   -2.805  1.00 69.36  ? 16  A   A "C3'" 1 
ATOM   338 O  "O3'" . A   A 1 16 ? -15.116 6.490   -3.238  1.00 75.98  ? 16  A   A "O3'" 1 
ATOM   339 C  "C2'" . A   A 1 16 ? -15.271 4.219   -3.729  1.00 66.90  ? 16  A   A "C2'" 1 
ATOM   340 O  "O2'" . A   A 1 16 ? -15.218 4.610   -5.090  1.00 65.76  ? 16  A   A "O2'" 1 
ATOM   341 C  "C1'" . A   A 1 16 ? -13.875 3.968   -3.167  1.00 66.36  ? 16  A   A "C1'" 1 
ATOM   342 N  N9    . A   A 1 16 ? -13.377 2.627   -3.435  1.00 63.57  ? 16  A   A N9    1 
ATOM   343 C  C8    . A   A 1 16 ? -13.925 1.439   -3.037  1.00 67.45  ? 16  A   A C8    1 
ATOM   344 N  N7    . A   A 1 16 ? -13.252 0.392   -3.454  1.00 66.30  ? 16  A   A N7    1 
ATOM   345 C  C5    . A   A 1 16 ? -12.193 0.936   -4.166  1.00 58.60  ? 16  A   A C5    1 
ATOM   346 C  C6    . A   A 1 16 ? -11.115 0.354   -4.848  1.00 62.93  ? 16  A   A C6    1 
ATOM   347 N  N6    . A   A 1 16 ? -10.925 -0.963  -4.934  1.00 60.97  ? 16  A   A N6    1 
ATOM   348 N  N1    . A   A 1 16 ? -10.229 1.183   -5.444  1.00 64.40  ? 16  A   A N1    1 
ATOM   349 C  C2    . A   A 1 16 ? -10.432 2.506   -5.357  1.00 61.41  ? 16  A   A C2    1 
ATOM   350 N  N3    . A   A 1 16 ? -11.404 3.172   -4.743  1.00 57.44  ? 16  A   A N3    1 
ATOM   351 C  C4    . A   A 1 16 ? -12.256 2.315   -4.160  1.00 58.96  ? 16  A   A C4    1 
ATOM   352 P  P     . G   A 1 17 ? -15.736 7.916   -2.921  1.00 75.81  ? 17  G   A P     1 
ATOM   353 O  OP1   . G   A 1 17 ? -16.949 7.660   -2.100  1.00 75.96  ? 17  G   A OP1   1 
ATOM   354 O  OP2   . G   A 1 17 ? -15.808 8.682   -4.199  1.00 66.15  ? 17  G   A OP2   1 
ATOM   355 O  "O5'" . G   A 1 17 ? -14.600 8.581   -2.033  1.00 76.76  ? 17  G   A "O5'" 1 
ATOM   356 C  "C5'" . G   A 1 17 ? -13.360 8.954   -2.619  1.00 73.26  ? 17  G   A "C5'" 1 
ATOM   357 C  "C4'" . G   A 1 17 ? -12.302 7.900   -2.423  1.00 72.23  ? 17  G   A "C4'" 1 
ATOM   358 O  "O4'" . G   A 1 17 ? -12.357 6.951   -3.518  1.00 68.09  ? 17  G   A "O4'" 1 
ATOM   359 C  "C3'" . G   A 1 17 ? -10.863 8.396   -2.437  1.00 68.54  ? 17  G   A "C3'" 1 
ATOM   360 O  "O3'" . G   A 1 17 ? -10.442 8.916   -1.190  1.00 71.08  ? 17  G   A "O3'" 1 
ATOM   361 C  "C2'" . G   A 1 17 ? -10.084 7.163   -2.850  1.00 65.12  ? 17  G   A "C2'" 1 
ATOM   362 O  "O2'" . G   A 1 17 ? -9.894  6.315   -1.731  1.00 67.87  ? 17  G   A "O2'" 1 
ATOM   363 C  "C1'" . G   A 1 17 ? -11.058 6.493   -3.822  1.00 62.16  ? 17  G   A "C1'" 1 
ATOM   364 N  N9    . G   A 1 17 ? -10.751 6.830   -5.225  1.00 55.67  ? 17  G   A N9    1 
ATOM   365 C  C8    . G   A 1 17 ? -11.548 7.502   -6.121  1.00 66.19  ? 17  G   A C8    1 
ATOM   366 N  N7    . G   A 1 17 ? -10.995 7.642   -7.300  1.00 55.52  ? 17  G   A N7    1 
ATOM   367 C  C5    . G   A 1 17 ? -9.758  7.028   -7.173  1.00 53.59  ? 17  G   A C5    1 
ATOM   368 C  C6    . G   A 1 17 ? -8.701  6.860   -8.111  1.00 51.87  ? 17  G   A C6    1 
ATOM   369 O  O6    . G   A 1 17 ? -8.640  7.228   -9.283  1.00 55.23  ? 17  G   A O6    1 
ATOM   370 N  N1    . G   A 1 17 ? -7.622  6.171   -7.570  1.00 48.51  ? 17  G   A N1    1 
ATOM   371 C  C2    . G   A 1 17 ? -7.568  5.698   -6.291  1.00 53.14  ? 17  G   A C2    1 
ATOM   372 N  N2    . G   A 1 17 ? -6.449  5.054   -5.964  1.00 52.36  ? 17  G   A N2    1 
ATOM   373 N  N3    . G   A 1 17 ? -8.531  5.849   -5.398  1.00 57.07  ? 17  G   A N3    1 
ATOM   374 C  C4    . G   A 1 17 ? -9.593  6.519   -5.901  1.00 53.18  ? 17  G   A C4    1 
ATOM   375 P  P     . C   A 1 18 ? -9.451  10.177  -1.141  1.00 74.04  ? 18  C   A P     1 
ATOM   376 O  OP1   . C   A 1 18 ? -9.236  10.582  0.276   1.00 72.59  ? 18  C   A OP1   1 
ATOM   377 O  OP2   . C   A 1 18 ? -9.984  11.140  -2.137  1.00 64.14  ? 18  C   A OP2   1 
ATOM   378 O  "O5'" . C   A 1 18 ? -8.056  9.585   -1.612  1.00 62.18  ? 18  C   A "O5'" 1 
ATOM   379 C  "C5'" . C   A 1 18 ? -7.284  8.819   -0.704  1.00 63.62  ? 18  C   A "C5'" 1 
ATOM   380 C  "C4'" . C   A 1 18 ? -5.972  8.383   -1.306  1.00 67.35  ? 18  C   A "C4'" 1 
ATOM   381 O  "O4'" . C   A 1 18 ? -6.208  7.621   -2.513  1.00 59.91  ? 18  C   A "O4'" 1 
ATOM   382 C  "C3'" . C   A 1 18 ? -5.043  9.490   -1.759  1.00 66.28  ? 18  C   A "C3'" 1 
ATOM   383 O  "O3'" . C   A 1 18 ? -4.342  10.097  -0.693  1.00 68.94  ? 18  C   A "O3'" 1 
ATOM   384 C  "C2'" . C   A 1 18 ? -4.155  8.772   -2.768  1.00 60.12  ? 18  C   A "C2'" 1 
ATOM   385 O  "O2'" . C   A 1 18 ? -3.175  7.974   -2.117  1.00 62.22  ? 18  C   A "O2'" 1 
ATOM   386 C  "C1'" . C   A 1 18 ? -5.160  7.840   -3.432  1.00 52.85  ? 18  C   A "C1'" 1 
ATOM   387 N  N1    . C   A 1 18 ? -5.725  8.424   -4.667  1.00 52.32  ? 18  C   A N1    1 
ATOM   388 C  C2    . C   A 1 18 ? -5.003  8.270   -5.849  1.00 48.04  ? 18  C   A C2    1 
ATOM   389 O  O2    . C   A 1 18 ? -3.925  7.663   -5.824  1.00 44.17  ? 18  C   A O2    1 
ATOM   390 N  N3    . C   A 1 18 ? -5.487  8.785   -6.993  1.00 55.77  ? 18  C   A N3    1 
ATOM   391 C  C4    . C   A 1 18 ? -6.643  9.428   -6.984  1.00 51.87  ? 18  C   A C4    1 
ATOM   392 N  N4    . C   A 1 18 ? -7.069  9.917   -8.146  1.00 46.77  ? 18  C   A N4    1 
ATOM   393 C  C5    . C   A 1 18 ? -7.400  9.599   -5.790  1.00 53.57  ? 18  C   A C5    1 
ATOM   394 C  C6    . C   A 1 18 ? -6.916  9.085   -4.661  1.00 56.19  ? 18  C   A C6    1 
ATOM   395 P  P     . C   A 1 19 ? -3.804  11.603  -0.837  1.00 72.17  ? 19  C   A P     1 
ATOM   396 O  OP1   . C   A 1 19 ? -3.079  11.878  0.433   1.00 75.64  ? 19  C   A OP1   1 
ATOM   397 O  OP2   . C   A 1 19 ? -4.895  12.506  -1.302  1.00 53.48  ? 19  C   A OP2   1 
ATOM   398 O  "O5'" . C   A 1 19 ? -2.681  11.480  -1.954  1.00 61.68  ? 19  C   A "O5'" 1 
ATOM   399 C  "C5'" . C   A 1 19 ? -1.474  10.796  -1.657  1.00 51.24  ? 19  C   A "C5'" 1 
ATOM   400 C  "C4'" . C   A 1 19 ? -0.660  10.580  -2.899  1.00 66.64  ? 19  C   A "C4'" 1 
ATOM   401 O  "O4'" . C   A 1 19 ? -1.496  10.004  -3.933  1.00 58.33  ? 19  C   A "O4'" 1 
ATOM   402 C  "C3'" . C   A 1 19 ? -0.091  11.832  -3.547  1.00 62.57  ? 19  C   A "C3'" 1 
ATOM   403 O  "O3'" . C   A 1 19 ? 1.097   12.285  -2.918  1.00 69.03  ? 19  C   A "O3'" 1 
ATOM   404 C  "C2'" . C   A 1 19 ? 0.124   11.395  -4.992  1.00 61.87  ? 19  C   A "C2'" 1 
ATOM   405 O  "O2'" . C   A 1 19 ? 1.343   10.681  -5.127  1.00 63.16  ? 19  C   A "O2'" 1 
ATOM   406 C  "C1'" . C   A 1 19 ? -1.044  10.420  -5.203  1.00 58.80  ? 19  C   A "C1'" 1 
ATOM   407 N  N1    . C   A 1 19 ? -2.169  11.017  -5.971  1.00 52.45  ? 19  C   A N1    1 
ATOM   408 C  C2    . C   A 1 19 ? -2.018  11.144  -7.354  1.00 51.13  ? 19  C   A C2    1 
ATOM   409 O  O2    . C   A 1 19 ? -0.960  10.766  -7.868  1.00 51.11  ? 19  C   A O2    1 
ATOM   410 N  N3    . C   A 1 19 ? -3.008  11.671  -8.104  1.00 49.08  ? 19  C   A N3    1 
ATOM   411 C  C4    . C   A 1 19 ? -4.130  12.077  -7.525  1.00 48.69  ? 19  C   A C4    1 
ATOM   412 N  N4    . C   A 1 19 ? -5.076  12.594  -8.311  1.00 52.27  ? 19  C   A N4    1 
ATOM   413 C  C5    . C   A 1 19 ? -4.320  11.961  -6.119  1.00 52.95  ? 19  C   A C5    1 
ATOM   414 C  C6    . C   A 1 19 ? -3.332  11.430  -5.379  1.00 56.46  ? 19  C   A C6    1 
ATOM   415 O  "O5'" . G   B 1 1  ? -3.033  13.109  -18.343 1.00 59.80  ? 1   G   B "O5'" 1 
ATOM   416 C  "C5'" . G   B 1 1  ? -1.813  12.789  -18.982 1.00 51.93  ? 1   G   B "C5'" 1 
ATOM   417 C  "C4'" . G   B 1 1  ? -0.756  12.447  -17.968 1.00 56.76  ? 1   G   B "C4'" 1 
ATOM   418 O  "O4'" . G   B 1 1  ? -0.724  13.483  -16.951 1.00 59.65  ? 1   G   B "O4'" 1 
ATOM   419 C  "C3'" . G   B 1 1  ? -0.972  11.174  -17.167 1.00 60.20  ? 1   G   B "C3'" 1 
ATOM   420 O  "O3'" . G   B 1 1  ? -0.607  9.987   -17.848 1.00 75.42  ? 1   G   B "O3'" 1 
ATOM   421 C  "C2'" . G   B 1 1  ? -0.141  11.435  -15.927 1.00 63.81  ? 1   G   B "C2'" 1 
ATOM   422 O  "O2'" . G   B 1 1  ? 1.239   11.319  -16.243 1.00 61.65  ? 1   G   B "O2'" 1 
ATOM   423 C  "C1'" . G   B 1 1  ? -0.456  12.907  -15.686 1.00 60.11  ? 1   G   B "C1'" 1 
ATOM   424 N  N9    . G   B 1 1  ? -1.658  13.083  -14.838 1.00 47.80  ? 1   G   B N9    1 
ATOM   425 C  C8    . G   B 1 1  ? -2.863  13.619  -15.237 1.00 47.85  ? 1   G   B C8    1 
ATOM   426 N  N7    . G   B 1 1  ? -3.762  13.657  -14.283 1.00 56.52  ? 1   G   B N7    1 
ATOM   427 C  C5    . G   B 1 1  ? -3.123  13.111  -13.179 1.00 48.84  ? 1   G   B C5    1 
ATOM   428 C  C6    . G   B 1 1  ? -3.600  12.899  -11.856 1.00 53.67  ? 1   G   B C6    1 
ATOM   429 O  O6    . G   B 1 1  ? -4.711  13.151  -11.364 1.00 62.82  ? 1   G   B O6    1 
ATOM   430 N  N1    . G   B 1 1  ? -2.625  12.323  -11.056 1.00 49.09  ? 1   G   B N1    1 
ATOM   431 C  C2    . G   B 1 1  ? -1.357  12.007  -11.473 1.00 48.01  ? 1   G   B C2    1 
ATOM   432 N  N2    . G   B 1 1  ? -0.573  11.465  -10.530 1.00 46.38  ? 1   G   B N2    1 
ATOM   433 N  N3    . G   B 1 1  ? -0.892  12.207  -12.703 1.00 44.02  ? 1   G   B N3    1 
ATOM   434 C  C4    . G   B 1 1  ? -1.823  12.757  -13.504 1.00 45.98  ? 1   G   B C4    1 
ATOM   435 P  P     . G   B 1 2  ? -1.456  8.654   -17.590 1.00 67.76  ? 2   G   B P     1 
ATOM   436 O  OP1   . G   B 1 2  ? -1.165  7.667   -18.655 1.00 76.10  ? 2   G   B OP1   1 
ATOM   437 O  OP2   . G   B 1 2  ? -2.855  9.086   -17.326 1.00 52.63  ? 2   G   B OP2   1 
ATOM   438 O  "O5'" . G   B 1 2  ? -0.848  8.085   -16.246 1.00 52.30  ? 2   G   B "O5'" 1 
ATOM   439 C  "C5'" . G   B 1 2  ? 0.542   7.896   -16.106 1.00 49.79  ? 2   G   B "C5'" 1 
ATOM   440 C  "C4'" . G   B 1 2  ? 0.839   7.448   -14.709 1.00 58.29  ? 2   G   B "C4'" 1 
ATOM   441 O  "O4'" . G   B 1 2  ? 0.600   8.551   -13.805 1.00 56.12  ? 2   G   B "O4'" 1 
ATOM   442 C  "C3'" . G   B 1 2  ? -0.078  6.363   -14.195 1.00 55.98  ? 2   G   B "C3'" 1 
ATOM   443 O  "O3'" . G   B 1 2  ? 0.309   5.074   -14.603 1.00 63.55  ? 2   G   B "O3'" 1 
ATOM   444 C  "C2'" . G   B 1 2  ? -0.018  6.565   -12.697 1.00 56.16  ? 2   G   B "C2'" 1 
ATOM   445 O  "O2'" . G   B 1 2  ? 1.200   6.049   -12.180 1.00 64.82  ? 2   G   B "O2'" 1 
ATOM   446 C  "C1'" . G   B 1 2  ? 0.020   8.079   -12.615 1.00 47.45  ? 2   G   B "C1'" 1 
ATOM   447 N  N9    . G   B 1 2  ? -1.330  8.641   -12.522 1.00 46.68  ? 2   G   B N9    1 
ATOM   448 C  C8    . G   B 1 2  ? -2.059  9.204   -13.529 1.00 53.27  ? 2   G   B C8    1 
ATOM   449 N  N7    . G   B 1 2  ? -3.229  9.618   -13.113 1.00 52.64  ? 2   G   B N7    1 
ATOM   450 C  C5    . G   B 1 2  ? -3.268  9.298   -11.758 1.00 45.19  ? 2   G   B C5    1 
ATOM   451 C  C6    . G   B 1 2  ? -4.274  9.495   -10.782 1.00 51.40  ? 2   G   B C6    1 
ATOM   452 O  O6    . G   B 1 2  ? -5.389  10.016  -10.913 1.00 59.39  ? 2   G   B O6    1 
ATOM   453 N  N1    . G   B 1 2  ? -3.891  9.019   -9.543  1.00 43.96  ? 2   G   B N1    1 
ATOM   454 C  C2    . G   B 1 2  ? -2.687  8.426   -9.270  1.00 46.47  ? 2   G   B C2    1 
ATOM   455 N  N2    . G   B 1 2  ? -2.490  8.023   -8.007  1.00 42.52  ? 2   G   B N2    1 
ATOM   456 N  N3    . G   B 1 2  ? -1.735  8.241   -10.161 1.00 45.39  ? 2   G   B N3    1 
ATOM   457 C  C4    . G   B 1 2  ? -2.095  8.696   -11.380 1.00 48.15  ? 2   G   B C4    1 
ATOM   458 P  P     . C   B 1 3  ? -0.803  3.929   -14.695 1.00 65.73  ? 3   C   B P     1 
ATOM   459 O  OP1   . C   B 1 3  ? -0.119  2.716   -15.203 1.00 66.39  ? 3   C   B OP1   1 
ATOM   460 O  OP2   . C   B 1 3  ? -1.980  4.482   -15.410 1.00 61.93  ? 3   C   B OP2   1 
ATOM   461 O  "O5'" . C   B 1 3  ? -1.241  3.685   -13.181 1.00 60.23  ? 3   C   B "O5'" 1 
ATOM   462 C  "C5'" . C   B 1 3  ? -0.381  3.013   -12.271 1.00 52.82  ? 3   C   B "C5'" 1 
ATOM   463 C  "C4'" . C   B 1 3  ? -0.985  2.902   -10.891 1.00 56.92  ? 3   C   B "C4'" 1 
ATOM   464 O  "O4'" . C   B 1 3  ? -1.337  4.217   -10.382 1.00 58.17  ? 3   C   B "O4'" 1 
ATOM   465 C  "C3'" . C   B 1 3  ? -2.286  2.132   -10.757 1.00 56.86  ? 3   C   B "C3'" 1 
ATOM   466 O  "O3'" . C   B 1 3  ? -2.153  0.724   -10.837 1.00 50.13  ? 3   C   B "O3'" 1 
ATOM   467 C  "C2'" . C   B 1 3  ? -2.784  2.618   -9.407  1.00 54.02  ? 3   C   B "C2'" 1 
ATOM   468 O  "O2'" . C   B 1 3  ? -1.994  2.047   -8.379  1.00 57.49  ? 3   C   B "O2'" 1 
ATOM   469 C  "C1'" . C   B 1 3  ? -2.429  4.098   -9.483  1.00 48.60  ? 3   C   B "C1'" 1 
ATOM   470 N  N1    . C   B 1 3  ? -3.575  4.930   -9.940  1.00 47.17  ? 3   C   B N1    1 
ATOM   471 C  C2    . C   B 1 3  ? -4.613  5.182   -9.053  1.00 42.06  ? 3   C   B C2    1 
ATOM   472 O  O2    . C   B 1 3  ? -4.548  4.711   -7.917  1.00 49.15  ? 3   C   B O2    1 
ATOM   473 N  N3    . C   B 1 3  ? -5.670  5.931   -9.432  1.00 49.90  ? 3   C   B N3    1 
ATOM   474 C  C4    . C   B 1 3  ? -5.740  6.441   -10.657 1.00 49.64  ? 3   C   B C4    1 
ATOM   475 N  N4    . C   B 1 3  ? -6.804  7.174   -10.979 1.00 37.61  ? 3   C   B N4    1 
ATOM   476 C  C5    . C   B 1 3  ? -4.700  6.214   -11.596 1.00 46.27  ? 3   C   B C5    1 
ATOM   477 C  C6    . C   B 1 3  ? -3.658  5.462   -11.197 1.00 52.12  ? 3   C   B C6    1 
ATOM   478 P  P     . G   B 1 4  ? -3.268  -0.118  -11.628 1.00 55.35  ? 4   G   B P     1 
ATOM   479 O  OP1   . G   B 1 4  ? -2.864  -1.538  -11.727 1.00 58.55  ? 4   G   B OP1   1 
ATOM   480 O  OP2   . G   B 1 4  ? -3.530  0.616   -12.892 1.00 43.75  ? 4   G   B OP2   1 
ATOM   481 O  "O5'" . G   B 1 4  ? -4.551  -0.007  -10.693 1.00 40.81  ? 4   G   B "O5'" 1 
ATOM   482 C  "C5'" . G   B 1 4  ? -4.476  -0.368  -9.330  1.00 39.37  ? 4   G   B "C5'" 1 
ATOM   483 C  "C4'" . G   B 1 4  ? -5.724  0.012   -8.576  1.00 50.33  ? 4   G   B "C4'" 1 
ATOM   484 O  "O4'" . G   B 1 4  ? -5.799  1.452   -8.393  1.00 47.84  ? 4   G   B "O4'" 1 
ATOM   485 C  "C3'" . G   B 1 4  ? -7.046  -0.321  -9.241  1.00 52.93  ? 4   G   B "C3'" 1 
ATOM   486 O  "O3'" . G   B 1 4  ? -7.385  -1.694  -9.211  1.00 59.23  ? 4   G   B "O3'" 1 
ATOM   487 C  "C2'" . G   B 1 4  ? -8.010  0.584   -8.489  1.00 48.53  ? 4   G   B "C2'" 1 
ATOM   488 O  "O2'" . G   B 1 4  ? -8.298  0.071   -7.196  1.00 49.64  ? 4   G   B "O2'" 1 
ATOM   489 C  "C1'" . G   B 1 4  ? -7.162  1.852   -8.356  1.00 50.26  ? 4   G   B "C1'" 1 
ATOM   490 N  N9    . G   B 1 4  ? -7.442  2.731   -9.503  1.00 46.17  ? 4   G   B N9    1 
ATOM   491 C  C8    . G   B 1 4  ? -6.738  2.872   -10.675 1.00 48.27  ? 4   G   B C8    1 
ATOM   492 N  N7    . G   B 1 4  ? -7.301  3.704   -11.510 1.00 49.95  ? 4   G   B N7    1 
ATOM   493 C  C5    . G   B 1 4  ? -8.455  4.113   -10.850 1.00 46.38  ? 4   G   B C5    1 
ATOM   494 C  C6    . G   B 1 4  ? -9.487  5.003   -11.248 1.00 53.65  ? 4   G   B C6    1 
ATOM   495 O  O6    . G   B 1 4  ? -9.590  5.640   -12.316 1.00 60.10  ? 4   G   B O6    1 
ATOM   496 N  N1    . G   B 1 4  ? -10.469 5.114   -10.259 1.00 48.91  ? 4   G   B N1    1 
ATOM   497 C  C2    . G   B 1 4  ? -10.468 4.460   -9.059  1.00 50.79  ? 4   G   B C2    1 
ATOM   498 N  N2    . G   B 1 4  ? -11.491 4.698   -8.236  1.00 54.59  ? 4   G   B N2    1 
ATOM   499 N  N3    . G   B 1 4  ? -9.514  3.634   -8.686  1.00 55.82  ? 4   G   B N3    1 
ATOM   500 C  C4    . G   B 1 4  ? -8.556  3.511   -9.622  1.00 44.71  ? 4   G   B C4    1 
ATOM   501 P  P     . A   B 1 5  ? -7.977  -2.395  -10.533 1.00 56.51  ? 5   A   B P     1 
ATOM   502 O  OP1   . A   B 1 5  ? -6.919  -3.299  -11.064 1.00 50.31  ? 5   A   B OP1   1 
ATOM   503 O  OP2   . A   B 1 5  ? -8.596  -1.352  -11.388 1.00 54.36  ? 5   A   B OP2   1 
ATOM   504 O  "O5'" . A   B 1 5  ? -9.198  -3.242  -9.982  1.00 52.01  ? 5   A   B "O5'" 1 
ATOM   505 C  "C5'" . A   B 1 5  ? -10.133 -2.649  -9.090  1.00 48.46  ? 5   A   B "C5'" 1 
ATOM   506 C  "C4'" . A   B 1 5  ? -11.103 -3.666  -8.561  1.00 54.95  ? 5   A   B "C4'" 1 
ATOM   507 O  "O4'" . A   B 1 5  ? -11.909 -3.068  -7.513  1.00 62.56  ? 5   A   B "O4'" 1 
ATOM   508 C  "C3'" . A   B 1 5  ? -12.083 -4.205  -9.591  1.00 52.90  ? 5   A   B "C3'" 1 
ATOM   509 O  "O3'" . A   B 1 5  ? -12.431 -5.535  -9.210  1.00 56.75  ? 5   A   B "O3'" 1 
ATOM   510 C  "C2'" . A   B 1 5  ? -13.287 -3.300  -9.385  1.00 57.34  ? 5   A   B "C2'" 1 
ATOM   511 O  "O2'" . A   B 1 5  ? -14.498 -3.830  -9.878  1.00 69.75  ? 5   A   B "O2'" 1 
ATOM   512 C  "C1'" . A   B 1 5  ? -13.276 -3.162  -7.864  1.00 61.28  ? 5   A   B "C1'" 1 
ATOM   513 N  N9    . A   B 1 5  ? -13.980 -1.994  -7.311  1.00 57.80  ? 5   A   B N9    1 
ATOM   514 C  C8    . A   B 1 5  ? -15.096 -1.992  -6.514  1.00 62.10  ? 5   A   B C8    1 
ATOM   515 N  N7    . A   B 1 5  ? -15.514 -0.798  -6.143  1.00 63.65  ? 5   A   B N7    1 
ATOM   516 C  C5    . A   B 1 5  ? -14.592 0.060   -6.728  1.00 66.25  ? 5   A   B C5    1 
ATOM   517 C  C6    . A   B 1 5  ? -14.454 1.475   -6.716  1.00 70.29  ? 5   A   B C6    1 
ATOM   518 N  N6    . A   B 1 5  ? -15.286 2.313   -6.091  1.00 68.49  ? 5   A   B N6    1 
ATOM   519 N  N1    . A   B 1 5  ? -13.415 2.012   -7.397  1.00 63.39  ? 5   A   B N1    1 
ATOM   520 C  C2    . A   B 1 5  ? -12.575 1.184   -8.042  1.00 62.94  ? 5   A   B C2    1 
ATOM   521 N  N3    . A   B 1 5  ? -12.594 -0.147  -8.125  1.00 62.38  ? 5   A   B N3    1 
ATOM   522 C  C4    . A   B 1 5  ? -13.640 -0.663  -7.444  1.00 58.26  ? 5   A   B C4    1 
HETATM 523 P  P     . 4PC B 1 6  ? -12.301 -6.751  -10.250 1.00 65.86  ? 6   4PC B P     1 
HETATM 524 O  OP1   . 4PC B 1 6  ? -12.497 -6.240  -11.648 1.00 58.37  ? 6   4PC B OP1   1 
HETATM 525 O  OP2   . 4PC B 1 6  ? -13.162 -7.858  -9.722  1.00 62.17  ? 6   4PC B OP2   1 
HETATM 526 O  "O5'" . 4PC B 1 6  ? -10.621 -7.322  -10.100 1.00 50.34  ? 6   4PC B "O5'" 1 
HETATM 527 C  "C5'" . 4PC B 1 6  ? -10.011 -7.762  -8.971  1.00 51.75  ? 6   4PC B "C5'" 1 
HETATM 528 C  "C4'" . 4PC B 1 6  ? -8.495  -8.084  -9.331  1.00 50.16  ? 6   4PC B "C4'" 1 
HETATM 529 O  "O4'" . 4PC B 1 6  ? -8.403  -8.634  -10.615 1.00 48.04  ? 6   4PC B "O4'" 1 
HETATM 530 C  "C3'" . 4PC B 1 6  ? -7.612  -6.803  -9.431  1.00 47.96  ? 6   4PC B "C3'" 1 
HETATM 531 O  "O3'" . 4PC B 1 6  ? -6.433  -7.051  -8.816  1.00 48.89  ? 6   4PC B "O3'" 1 
HETATM 532 C  "C2'" . 4PC B 1 6  ? -7.292  -6.597  -10.913 1.00 43.05  ? 6   4PC B "C2'" 1 
HETATM 533 C  "C1'" . 4PC B 1 6  ? -7.390  -7.998  -11.401 1.00 55.28  ? 6   4PC B "C1'" 1 
HETATM 534 N  N1    . 4PC B 1 6  ? -7.814  -8.043  -12.838 1.00 46.92  ? 6   4PC B N1    1 
HETATM 535 C  C2    . 4PC B 1 6  ? -6.934  -7.769  -13.876 1.00 52.64  ? 6   4PC B C2    1 
HETATM 536 O  O2    . 4PC B 1 6  ? -5.682  -7.427  -13.436 1.00 72.98  ? 6   4PC B O2    1 
HETATM 537 N  N3    . 4PC B 1 6  ? -7.236  -7.801  -15.164 1.00 54.73  ? 6   4PC B N3    1 
HETATM 538 C  C4    . 4PC B 1 6  ? -8.539  -8.156  -15.506 1.00 55.32  ? 6   4PC B C4    1 
HETATM 539 C  C5    . 4PC B 1 6  ? -9.539  -8.491  -14.467 1.00 54.43  ? 6   4PC B C5    1 
HETATM 540 C  C6    . 4PC B 1 6  ? -9.119  -8.416  -13.168 1.00 49.47  ? 6   4PC B C6    1 
HETATM 541 C  C14   . 4PC B 1 6  ? -10.752 -8.816  -15.254 1.00 42.76  ? 6   4PC B C14   1 
HETATM 542 C  C15   . 4PC B 1 6  ? -10.449 -8.675  -16.611 1.00 54.55  ? 6   4PC B C15   1 
HETATM 543 C  C16   . 4PC B 1 6  ? -11.328 -8.881  -17.837 1.00 45.76  ? 6   4PC B C16   1 
HETATM 544 N  N17   . 4PC B 1 6  ? -9.062  -8.269  -16.761 1.00 58.77  ? 6   4PC B N17   1 
ATOM   545 P  P     . G   B 1 7  ? -6.354  -7.078  -7.216  1.00 51.52  ? 7   G   B P     1 
ATOM   546 O  OP1   . G   B 1 7  ? -4.943  -6.802  -6.857  1.00 55.94  ? 7   G   B OP1   1 
ATOM   547 O  OP2   . G   B 1 7  ? -6.964  -8.329  -6.703  1.00 68.40  ? 7   G   B OP2   1 
ATOM   548 O  "O5'" . G   B 1 7  ? -7.268  -5.861  -6.747  1.00 52.77  ? 7   G   B "O5'" 1 
ATOM   549 C  "C5'" . G   B 1 7  ? -6.862  -4.510  -6.942  1.00 44.63  ? 7   G   B "C5'" 1 
ATOM   550 C  "C4'" . G   B 1 7  ? -7.610  -3.550  -6.043  1.00 57.21  ? 7   G   B "C4'" 1 
ATOM   551 O  "O4'" . G   B 1 7  ? -9.041  -3.794  -6.147  1.00 59.66  ? 7   G   B "O4'" 1 
ATOM   552 C  "C3'" . G   B 1 7  ? -7.277  -3.638  -4.552  1.00 57.17  ? 7   G   B "C3'" 1 
ATOM   553 O  "O3'" . G   B 1 7  ? -7.368  -2.334  -3.964  1.00 56.67  ? 7   G   B "O3'" 1 
ATOM   554 C  "C2'" . G   B 1 7  ? -8.403  -4.514  -4.021  1.00 56.46  ? 7   G   B "C2'" 1 
ATOM   555 O  "O2'" . G   B 1 7  ? -8.661  -4.391  -2.640  1.00 62.71  ? 7   G   B "O2'" 1 
ATOM   556 C  "C1'" . G   B 1 7  ? -9.574  -4.028  -4.861  1.00 59.24  ? 7   G   B "C1'" 1 
ATOM   557 N  N9    . G   B 1 7  ? -10.648 -5.008  -4.964  1.00 64.71  ? 7   G   B N9    1 
ATOM   558 C  C8    . G   B 1 7  ? -10.553 -6.267  -5.504  1.00 68.00  ? 7   G   B C8    1 
ATOM   559 N  N7    . G   B 1 7  ? -11.668 -6.936  -5.431  1.00 64.79  ? 7   G   B N7    1 
ATOM   560 C  C5    . G   B 1 7  ? -12.535 -6.069  -4.792  1.00 62.19  ? 7   G   B C5    1 
ATOM   561 C  C6    . G   B 1 7  ? -13.890 -6.249  -4.438  1.00 73.51  ? 7   G   B C6    1 
ATOM   562 O  O6    . G   B 1 7  ? -14.613 -7.241  -4.624  1.00 79.49  ? 7   G   B O6    1 
ATOM   563 N  N1    . G   B 1 7  ? -14.391 -5.115  -3.808  1.00 75.65  ? 7   G   B N1    1 
ATOM   564 C  C2    . G   B 1 7  ? -13.692 -3.967  -3.556  1.00 68.73  ? 7   G   B C2    1 
ATOM   565 N  N2    . G   B 1 7  ? -14.378 -2.996  -2.944  1.00 68.90  ? 7   G   B N2    1 
ATOM   566 N  N3    . G   B 1 7  ? -12.428 -3.794  -3.884  1.00 59.91  ? 7   G   B N3    1 
ATOM   567 C  C4    . G   B 1 7  ? -11.923 -4.877  -4.495  1.00 61.56  ? 7   G   B C4    1 
ATOM   568 P  P     . A   B 1 8  ? -6.227  -1.786  -2.964  1.00 48.30  ? 8   A   B P     1 
ATOM   569 O  OP1   . A   B 1 8  ? -4.905  -2.057  -3.553  1.00 45.00  ? 8   A   B OP1   1 
ATOM   570 O  OP2   . A   B 1 8  ? -6.508  -2.268  -1.588  1.00 57.70  ? 8   A   B OP2   1 
ATOM   571 O  "O5'" . A   B 1 8  ? -6.459  -0.216  -2.969  1.00 58.46  ? 8   A   B "O5'" 1 
ATOM   572 C  "C5'" . A   B 1 8  ? -5.838  0.612   -3.934  1.00 49.67  ? 8   A   B "C5'" 1 
ATOM   573 C  "C4'" . A   B 1 8  ? -6.125  2.056   -3.657  1.00 57.30  ? 8   A   B "C4'" 1 
ATOM   574 O  "O4'" . A   B 1 8  ? -7.516  2.319   -3.954  1.00 61.88  ? 8   A   B "O4'" 1 
ATOM   575 C  "C3'" . A   B 1 8  ? -5.974  2.463   -2.211  1.00 53.10  ? 8   A   B "C3'" 1 
ATOM   576 O  "O3'" . A   B 1 8  ? -4.640  2.748   -1.849  1.00 53.82  ? 8   A   B "O3'" 1 
ATOM   577 C  "C2'" . A   B 1 8  ? -6.927  3.639   -2.093  1.00 58.08  ? 8   A   B "C2'" 1 
ATOM   578 O  "O2'" . A   B 1 8  ? -6.367  4.799   -2.682  1.00 58.32  ? 8   A   B "O2'" 1 
ATOM   579 C  "C1'" . A   B 1 8  ? -8.068  3.166   -2.978  1.00 61.15  ? 8   A   B "C1'" 1 
ATOM   580 N  N9    . A   B 1 8  ? -9.042  2.364   -2.231  1.00 63.88  ? 8   A   B N9    1 
ATOM   581 C  C8    . A   B 1 8  ? -9.278  1.026   -2.401  1.00 57.52  ? 8   A   B C8    1 
ATOM   582 N  N7    . A   B 1 8  ? -10.200 0.558   -1.598  1.00 65.02  ? 8   A   B N7    1 
ATOM   583 C  C5    . A   B 1 8  ? -10.583 1.667   -0.856  1.00 63.67  ? 8   A   B C5    1 
ATOM   584 C  C6    . A   B 1 8  ? -11.522 1.838   0.165   1.00 62.54  ? 8   A   B C6    1 
ATOM   585 N  N6    . A   B 1 8  ? -12.272 0.845   0.628   1.00 74.93  ? 8   A   B N6    1 
ATOM   586 N  N1    . A   B 1 8  ? -11.670 3.061   0.703   1.00 60.96  ? 8   A   B N1    1 
ATOM   587 C  C2    . A   B 1 8  ? -10.911 4.051   0.231   1.00 66.51  ? 8   A   B C2    1 
ATOM   588 N  N3    . A   B 1 8  ? -9.988  4.015   -0.726  1.00 71.79  ? 8   A   B N3    1 
ATOM   589 C  C4    . A   B 1 8  ? -9.877  2.783   -1.234  1.00 66.22  ? 8   A   B C4    1 
ATOM   590 P  P     . A   B 1 9  ? -4.157  2.432   -0.351  1.00 58.88  ? 9   A   B P     1 
ATOM   591 O  OP1   . A   B 1 9  ? -2.725  2.785   -0.268  1.00 68.46  ? 9   A   B OP1   1 
ATOM   592 O  OP2   . A   B 1 9  ? -4.617  1.082   0.041   1.00 55.62  ? 9   A   B OP2   1 
ATOM   593 O  "O5'" . A   B 1 9  ? -4.976  3.456   0.548   1.00 50.92  ? 9   A   B "O5'" 1 
ATOM   594 C  "C5'" . A   B 1 9  ? -4.766  4.851   0.435   1.00 53.78  ? 9   A   B "C5'" 1 
ATOM   595 C  "C4'" . A   B 1 9  ? -5.771  5.610   1.256   1.00 67.56  ? 9   A   B "C4'" 1 
ATOM   596 O  "O4'" . A   B 1 9  ? -7.117  5.269   0.824   1.00 65.69  ? 9   A   B "O4'" 1 
ATOM   597 C  "C3'" . A   B 1 9  ? -5.776  5.298   2.745   1.00 69.00  ? 9   A   B "C3'" 1 
ATOM   598 O  "O3'" . A   B 1 9  ? -4.768  5.973   3.472   1.00 64.91  ? 9   A   B "O3'" 1 
ATOM   599 C  "C2'" . A   B 1 9  ? -7.186  5.692   3.148   1.00 65.71  ? 9   A   B "C2'" 1 
ATOM   600 O  "O2'" . A   B 1 9  ? -7.300  7.106   3.200   1.00 64.33  ? 9   A   B "O2'" 1 
ATOM   601 C  "C1'" . A   B 1 9  ? -7.974  5.188   1.944   1.00 64.15  ? 9   A   B "C1'" 1 
ATOM   602 N  N9    . A   B 1 9  ? -8.339  3.775   2.124   1.00 61.86  ? 9   A   B N9    1 
ATOM   603 C  C8    . A   B 1 9  ? -7.748  2.693   1.527   1.00 68.20  ? 9   A   B C8    1 
ATOM   604 N  N7    . A   B 1 9  ? -8.268  1.543   1.875   1.00 67.99  ? 9   A   B N7    1 
ATOM   605 C  C5    . A   B 1 9  ? -9.261  1.893   2.771   1.00 65.76  ? 9   A   B C5    1 
ATOM   606 C  C6    . A   B 1 9  ? -10.182 1.122   3.498   1.00 66.68  ? 9   A   B C6    1 
ATOM   607 N  N6    . A   B 1 9  ? -10.244 -0.207  3.429   1.00 71.81  ? 9   A   B N6    1 
ATOM   608 N  N1    . A   B 1 9  ? -11.056 1.765   4.296   1.00 64.65  ? 9   A   B N1    1 
ATOM   609 C  C2    . A   B 1 9  ? -10.989 3.101   4.353   1.00 72.12  ? 9   A   B C2    1 
ATOM   610 N  N3    . A   B 1 9  ? -10.167 3.937   3.718   1.00 72.33  ? 9   A   B N3    1 
ATOM   611 C  C4    . A   B 1 9  ? -9.315  3.262   2.934   1.00 63.15  ? 9   A   B C4    1 
ATOM   612 P  P     . C   B 1 10 ? -3.873  5.164   4.533   1.00 65.68  ? 10  C   B P     1 
ATOM   613 O  OP1   . C   B 1 10 ? -3.108  6.161   5.323   1.00 79.36  ? 10  C   B OP1   1 
ATOM   614 O  OP2   . C   B 1 10 ? -3.122  4.091   3.838   1.00 59.09  ? 10  C   B OP2   1 
ATOM   615 O  "O5'" . C   B 1 10 ? -4.951  4.480   5.482   1.00 75.49  ? 10  C   B "O5'" 1 
ATOM   616 C  "C5'" . C   B 1 10 ? -5.767  5.250   6.358   1.00 73.28  ? 10  C   B "C5'" 1 
ATOM   617 C  "C4'" . C   B 1 10 ? -6.725  4.370   7.118   1.00 71.15  ? 10  C   B "C4'" 1 
ATOM   618 O  "O4'" . C   B 1 10 ? -7.596  3.688   6.174   1.00 72.04  ? 10  C   B "O4'" 1 
ATOM   619 C  "C3'" . C   B 1 10 ? -6.083  3.240   7.917   1.00 72.91  ? 10  C   B "C3'" 1 
ATOM   620 O  "O3'" . C   B 1 10 ? -5.610  3.649   9.188   1.00 70.32  ? 10  C   B "O3'" 1 
ATOM   621 C  "C2'" . C   B 1 10 ? -7.197  2.207   7.984   1.00 72.38  ? 10  C   B "C2'" 1 
ATOM   622 O  "O2'" . C   B 1 10 ? -8.152  2.583   8.961   1.00 68.73  ? 10  C   B "O2'" 1 
ATOM   623 C  "C1'" . C   B 1 10 ? -7.837  2.363   6.605   1.00 68.80  ? 10  C   B "C1'" 1 
ATOM   624 N  N1    . C   B 1 10 ? -7.256  1.426   5.611   1.00 71.72  ? 10  C   B N1    1 
ATOM   625 C  C2    . C   B 1 10 ? -7.588  0.068   5.668   1.00 70.32  ? 10  C   B C2    1 
ATOM   626 O  O2    . C   B 1 10 ? -8.361  -0.336  6.552   1.00 72.15  ? 10  C   B O2    1 
ATOM   627 N  N3    . C   B 1 10 ? -7.056  -0.785  4.765   1.00 67.90  ? 10  C   B N3    1 
ATOM   628 C  C4    . C   B 1 10 ? -6.231  -0.331  3.836   1.00 66.28  ? 10  C   B C4    1 
ATOM   629 N  N4    . C   B 1 10 ? -5.736  -1.216  2.978   1.00 71.12  ? 10  C   B N4    1 
ATOM   630 C  C5    . C   B 1 10 ? -5.869  1.041   3.750   1.00 71.09  ? 10  C   B C5    1 
ATOM   631 C  C6    . C   B 1 10 ? -6.406  1.875   4.641   1.00 68.76  ? 10  C   B C6    1 
ATOM   632 P  P     . C   B 1 11 ? -4.282  2.991   9.803   1.00 70.24  ? 11  C   B P     1 
ATOM   633 O  OP1   . C   B 1 11 ? -3.849  3.809   10.966  1.00 79.68  ? 11  C   B OP1   1 
ATOM   634 O  OP2   . C   B 1 11 ? -3.338  2.752   8.690   1.00 72.34  ? 11  C   B OP2   1 
ATOM   635 O  "O5'" . C   B 1 11 ? -4.768  1.583   10.359  1.00 73.01  ? 11  C   B "O5'" 1 
ATOM   636 C  "C5'" . C   B 1 11 ? -5.849  1.511   11.273  1.00 69.28  ? 11  C   B "C5'" 1 
ATOM   637 C  "C4'" . C   B 1 11 ? -6.267  0.088   11.537  1.00 64.66  ? 11  C   B "C4'" 1 
ATOM   638 O  "O4'" . C   B 1 11 ? -7.000  -0.443  10.401  1.00 66.69  ? 11  C   B "O4'" 1 
ATOM   639 C  "C3'" . C   B 1 11 ? -5.142  -0.907  11.742  1.00 63.82  ? 11  C   B "C3'" 1 
ATOM   640 O  "O3'" . C   B 1 11 ? -4.606  -0.848  13.048  1.00 62.90  ? 11  C   B "O3'" 1 
ATOM   641 C  "C2'" . C   B 1 11 ? -5.824  -2.228  11.420  1.00 71.87  ? 11  C   B "C2'" 1 
ATOM   642 O  "O2'" . C   B 1 11 ? -6.648  -2.635  12.495  1.00 66.88  ? 11  C   B "O2'" 1 
ATOM   643 C  "C1'" . C   B 1 11 ? -6.732  -1.824  10.263  1.00 70.44  ? 11  C   B "C1'" 1 
ATOM   644 N  N1    . C   B 1 11 ? -6.076  -2.077  8.957   1.00 71.43  ? 11  C   B N1    1 
ATOM   645 C  C2    . C   B 1 11 ? -6.062  -3.387  8.448   1.00 68.21  ? 11  C   B C2    1 
ATOM   646 O  O2    . C   B 1 11 ? -6.604  -4.313  9.077   1.00 64.70  ? 11  C   B O2    1 
ATOM   647 N  N3    . C   B 1 11 ? -5.441  -3.623  7.271   1.00 71.21  ? 11  C   B N3    1 
ATOM   648 C  C4    . C   B 1 11 ? -4.853  -2.622  6.615   1.00 74.78  ? 11  C   B C4    1 
ATOM   649 N  N4    . C   B 1 11 ? -4.258  -2.902  5.458   1.00 74.17  ? 11  C   B N4    1 
ATOM   650 C  C5    . C   B 1 11 ? -4.847  -1.290  7.109   1.00 66.72  ? 11  C   B C5    1 
ATOM   651 C  C6    . C   B 1 11 ? -5.462  -1.070  8.271   1.00 67.37  ? 11  C   B C6    1 
ATOM   652 P  P     . G   B 1 12 ? -3.160  -1.473  13.391  1.00 70.43  ? 12  G   B P     1 
ATOM   653 O  OP1   . G   B 1 12 ? -3.022  -1.357  14.860  1.00 82.76  ? 12  G   B OP1   1 
ATOM   654 O  OP2   . G   B 1 12 ? -2.115  -0.869  12.532  1.00 70.59  ? 12  G   B OP2   1 
ATOM   655 O  "O5'" . G   B 1 12 ? -3.287  -3.025  13.052  1.00 61.47  ? 12  G   B "O5'" 1 
ATOM   656 C  "C5'" . G   B 1 12 ? -3.922  -3.920  13.950  1.00 62.63  ? 12  G   B "C5'" 1 
ATOM   657 C  "C4'" . G   B 1 12 ? -3.840  -5.355  13.479  1.00 61.96  ? 12  G   B "C4'" 1 
ATOM   658 O  "O4'" . G   B 1 12 ? -4.626  -5.544  12.271  1.00 56.91  ? 12  G   B "O4'" 1 
ATOM   659 C  "C3'" . G   B 1 12 ? -2.467  -5.853  13.086  1.00 63.91  ? 12  G   B "C3'" 1 
ATOM   660 O  "O3'" . G   B 1 12 ? -1.633  -6.141  14.182  1.00 67.25  ? 12  G   B "O3'" 1 
ATOM   661 C  "C2'" . G   B 1 12 ? -2.801  -7.050  12.208  1.00 62.95  ? 12  G   B "C2'" 1 
ATOM   662 O  "O2'" . G   B 1 12 ? -3.211  -8.162  12.974  1.00 64.42  ? 12  G   B "O2'" 1 
ATOM   663 C  "C1'" . G   B 1 12 ? -4.010  -6.521  11.452  1.00 60.89  ? 12  G   B "C1'" 1 
ATOM   664 N  N9    . G   B 1 12 ? -3.540  -5.870  10.229  1.00 68.20  ? 12  G   B N9    1 
ATOM   665 C  C8    . G   B 1 12 ? -3.491  -4.532  9.939   1.00 66.68  ? 12  G   B C8    1 
ATOM   666 N  N7    . G   B 1 12 ? -2.948  -4.320  8.771   1.00 65.98  ? 12  G   B N7    1 
ATOM   667 C  C5    . G   B 1 12 ? -2.606  -5.584  8.296   1.00 61.42  ? 12  G   B C5    1 
ATOM   668 C  C6    . G   B 1 12 ? -1.980  -5.997  7.097   1.00 66.46  ? 12  G   B C6    1 
ATOM   669 O  O6    . G   B 1 12 ? -1.590  -5.311  6.150   1.00 70.53  ? 12  G   B O6    1 
ATOM   670 N  N1    . G   B 1 12 ? -1.827  -7.372  7.039   1.00 67.65  ? 12  G   B N1    1 
ATOM   671 C  C2    . G   B 1 12 ? -2.216  -8.239  8.020   1.00 66.99  ? 12  G   B C2    1 
ATOM   672 N  N2    . G   B 1 12 ? -1.982  -9.534  7.793   1.00 65.27  ? 12  G   B N2    1 
ATOM   673 N  N3    . G   B 1 12 ? -2.792  -7.866  9.138   1.00 61.97  ? 12  G   B N3    1 
ATOM   674 C  C4    . G   B 1 12 ? -2.957  -6.542  9.197   1.00 58.97  ? 12  G   B C4    1 
ATOM   675 P  P     . G   B 1 13 ? -0.046  -5.945  14.034  1.00 70.11  ? 13  G   B P     1 
ATOM   676 O  OP1   . G   B 1 13 ? 0.599   -5.931  15.373  1.00 56.04  ? 13  G   B OP1   1 
ATOM   677 O  OP2   . G   B 1 13 ? 0.155   -4.826  13.082  1.00 79.18  ? 13  G   B OP2   1 
ATOM   678 O  "O5'" . G   B 1 13 ? 0.449   -7.265  13.309  1.00 62.44  ? 13  G   B "O5'" 1 
ATOM   679 C  "C5'" . G   B 1 13 ? 0.168   -8.533  13.858  1.00 59.42  ? 13  G   B "C5'" 1 
ATOM   680 C  "C4'" . G   B 1 13 ? 0.346   -9.596  12.821  1.00 58.67  ? 13  G   B "C4'" 1 
ATOM   681 O  "O4'" . G   B 1 13 ? -0.505  -9.300  11.687  1.00 54.89  ? 13  G   B "O4'" 1 
ATOM   682 C  "C3'" . G   B 1 13 ? 1.738   -9.673  12.223  1.00 57.75  ? 13  G   B "C3'" 1 
ATOM   683 O  "O3'" . G   B 1 13 ? 2.641   -10.404 13.022  1.00 63.95  ? 13  G   B "O3'" 1 
ATOM   684 C  "C2'" . G   B 1 13 ? 1.473   -10.299 10.867  1.00 56.30  ? 13  G   B "C2'" 1 
ATOM   685 O  "O2'" . G   B 1 13 ? 1.240   -11.688 10.997  1.00 69.25  ? 13  G   B "O2'" 1 
ATOM   686 C  "C1'" . G   B 1 13 ? 0.160   -9.633  10.489  1.00 60.88  ? 13  G   B "C1'" 1 
ATOM   687 N  N9    . G   B 1 13 ? 0.392   -8.400  9.717   1.00 63.08  ? 13  G   B N9    1 
ATOM   688 C  C8    . G   B 1 13 ? 0.101   -7.110  10.076  1.00 66.21  ? 13  G   B C8    1 
ATOM   689 N  N7    . G   B 1 13 ? 0.433   -6.232  9.171   1.00 57.57  ? 13  G   B N7    1 
ATOM   690 C  C5    . G   B 1 13 ? 0.979   -7.001  8.158   1.00 62.33  ? 13  G   B C5    1 
ATOM   691 C  C6    . G   B 1 13 ? 1.506   -6.613  6.896   1.00 71.00  ? 13  G   B C6    1 
ATOM   692 O  O6    . G   B 1 13 ? 1.600   -5.469  6.425   1.00 71.91  ? 13  G   B O6    1 
ATOM   693 N  N1    . G   B 1 13 ? 1.959   -7.712  6.162   1.00 61.75  ? 13  G   B N1    1 
ATOM   694 C  C2    . G   B 1 13 ? 1.895   -9.013  6.586   1.00 61.82  ? 13  G   B C2    1 
ATOM   695 N  N2    . G   B 1 13 ? 2.385   -9.922  5.735   1.00 65.66  ? 13  G   B N2    1 
ATOM   696 N  N3    . G   B 1 13 ? 1.405   -9.388  7.757   1.00 62.38  ? 13  G   B N3    1 
ATOM   697 C  C4    . G   B 1 13 ? 0.965   -8.338  8.479   1.00 62.36  ? 13  G   B C4    1 
ATOM   698 P  P     . G   B 1 14 ? 4.122   -9.839  13.278  1.00 71.69  ? 14  G   B P     1 
ATOM   699 O  OP1   . G   B 1 14 ? 4.905   -10.793 14.099  1.00 75.51  ? 14  G   B OP1   1 
ATOM   700 O  OP2   . G   B 1 14 ? 3.990   -8.437  13.749  1.00 67.52  ? 14  G   B OP2   1 
ATOM   701 O  "O5'" . G   B 1 14 ? 4.783   -9.845  11.832  1.00 68.91  ? 14  G   B "O5'" 1 
ATOM   702 C  "C5'" . G   B 1 14 ? 4.736   -10.991 10.993  1.00 69.86  ? 14  G   B "C5'" 1 
ATOM   703 C  "C4'" . G   B 1 14 ? 5.080   -10.620 9.572   1.00 70.53  ? 14  G   B "C4'" 1 
ATOM   704 O  "O4'" . G   B 1 14 ? 4.139   -9.646  9.066   1.00 67.33  ? 14  G   B "O4'" 1 
ATOM   705 C  "C3'" . G   B 1 14 ? 6.435   -9.963  9.423   1.00 67.46  ? 14  G   B "C3'" 1 
ATOM   706 O  "O3'" . G   B 1 14 ? 7.435   -10.931 9.257   1.00 78.15  ? 14  G   B "O3'" 1 
ATOM   707 C  "C2'" . G   B 1 14 ? 6.284   -9.065  8.201   1.00 64.01  ? 14  G   B "C2'" 1 
ATOM   708 O  "O2'" . G   B 1 14 ? 6.534   -9.815  7.025   1.00 72.10  ? 14  G   B "O2'" 1 
ATOM   709 C  "C1'" . G   B 1 14 ? 4.799   -8.695  8.260   1.00 63.95  ? 14  G   B "C1'" 1 
ATOM   710 N  N9    . G   B 1 14 ? 4.492   -7.354  8.805   1.00 57.03  ? 14  G   B N9    1 
ATOM   711 C  C8    . G   B 1 14 ? 4.104   -7.129  10.104  1.00 59.26  ? 14  G   B C8    1 
ATOM   712 N  N7    . G   B 1 14 ? 3.811   -5.887  10.359  1.00 60.75  ? 14  G   B N7    1 
ATOM   713 C  C5    . G   B 1 14 ? 3.983   -5.242  9.147   1.00 58.69  ? 14  G   B C5    1 
ATOM   714 C  C6    . G   B 1 14 ? 3.791   -3.874  8.827   1.00 60.51  ? 14  G   B C6    1 
ATOM   715 O  O6    . G   B 1 14 ? 3.442   -2.948  9.575   1.00 59.80  ? 14  G   B O6    1 
ATOM   716 N  N1    . G   B 1 14 ? 4.090   -3.628  7.493   1.00 58.28  ? 14  G   B N1    1 
ATOM   717 C  C2    . G   B 1 14 ? 4.491   -4.577  6.587   1.00 55.51  ? 14  G   B C2    1 
ATOM   718 N  N2    . G   B 1 14 ? 4.707   -4.127  5.340   1.00 59.00  ? 14  G   B N2    1 
ATOM   719 N  N3    . G   B 1 14 ? 4.662   -5.859  6.874   1.00 54.37  ? 14  G   B N3    1 
ATOM   720 C  C4    . G   B 1 14 ? 4.396   -6.127  8.169   1.00 58.98  ? 14  G   B C4    1 
ATOM   721 P  P     . G   B 1 15 ? 8.571   -11.075 10.368  1.00 86.47  ? 15  G   B P     1 
ATOM   722 O  OP1   . G   B 1 15 ? 8.458   -12.382 11.048  1.00 95.87  ? 15  G   B OP1   1 
ATOM   723 O  OP2   . G   B 1 15 ? 8.608   -9.823  11.158  1.00 69.56  ? 15  G   B OP2   1 
ATOM   724 O  "O5'" . G   B 1 15 ? 9.881   -11.136 9.495   1.00 79.67  ? 15  G   B "O5'" 1 
ATOM   725 C  "C5'" . G   B 1 15 ? 10.906  -10.198 9.721   1.00 78.07  ? 15  G   B "C5'" 1 
ATOM   726 C  "C4'" . G   B 1 15 ? 10.972  -9.159  8.638   1.00 67.94  ? 15  G   B "C4'" 1 
ATOM   727 O  "O4'" . G   B 1 15 ? 9.738   -8.374  8.633   1.00 69.78  ? 15  G   B "O4'" 1 
ATOM   728 C  "C3'" . G   B 1 15 ? 12.102  -8.168  8.891   1.00 68.75  ? 15  G   B "C3'" 1 
ATOM   729 O  "O3'" . G   B 1 15 ? 12.638  -7.688  7.663   1.00 64.43  ? 15  G   B "O3'" 1 
ATOM   730 C  "C2'" . G   B 1 15 ? 11.384  -7.060  9.638   1.00 61.30  ? 15  G   B "C2'" 1 
ATOM   731 O  "O2'" . G   B 1 15 ? 12.056  -5.822  9.664   1.00 67.46  ? 15  G   B "O2'" 1 
ATOM   732 C  "C1'" . G   B 1 15 ? 10.057  -7.019  8.883   1.00 67.07  ? 15  G   B "C1'" 1 
ATOM   733 N  N9    . G   B 1 15 ? 9.011   -6.344  9.651   1.00 57.86  ? 15  G   B N9    1 
ATOM   734 C  C8    . G   B 1 15 ? 8.720   -6.579  10.969  1.00 62.89  ? 15  G   B C8    1 
ATOM   735 N  N7    . G   B 1 15 ? 7.806   -5.786  11.464  1.00 63.77  ? 15  G   B N7    1 
ATOM   736 C  C5    . G   B 1 15 ? 7.501   -4.931  10.413  1.00 54.72  ? 15  G   B C5    1 
ATOM   737 C  C6    . G   B 1 15 ? 6.574   -3.854  10.358  1.00 50.42  ? 15  G   B C6    1 
ATOM   738 O  O6    . G   B 1 15 ? 5.822   -3.420  11.237  1.00 50.28  ? 15  G   B O6    1 
ATOM   739 N  N1    . G   B 1 15 ? 6.566   -3.263  9.101   1.00 55.66  ? 15  G   B N1    1 
ATOM   740 C  C2    . G   B 1 15 ? 7.340   -3.655  8.039   1.00 50.31  ? 15  G   B C2    1 
ATOM   741 N  N2    . G   B 1 15 ? 7.159   -2.937  6.926   1.00 50.22  ? 15  G   B N2    1 
ATOM   742 N  N3    . G   B 1 15 ? 8.217   -4.656  8.077   1.00 52.72  ? 15  G   B N3    1 
ATOM   743 C  C4    . G   B 1 15 ? 8.248   -5.255  9.287   1.00 55.66  ? 15  G   B C4    1 
ATOM   744 P  P     . A   B 1 16 ? 14.233  -7.740  7.449   1.00 73.64  ? 16  A   B P     1 
ATOM   745 O  OP1   . A   B 1 16 ? 14.646  -9.164  7.512   1.00 74.48  ? 16  A   B OP1   1 
ATOM   746 O  OP2   . A   B 1 16 ? 14.847  -6.753  8.381   1.00 69.73  ? 16  A   B OP2   1 
ATOM   747 O  "O5'" . A   B 1 16 ? 14.455  -7.235  5.956   1.00 63.74  ? 16  A   B "O5'" 1 
ATOM   748 C  "C5'" . A   B 1 16 ? 14.138  -8.056  4.838   1.00 65.30  ? 16  A   B "C5'" 1 
ATOM   749 C  "C4'" . A   B 1 16 ? 14.042  -7.239  3.576   1.00 71.64  ? 16  A   B "C4'" 1 
ATOM   750 O  "O4'" . A   B 1 16 ? 12.950  -6.295  3.710   1.00 66.74  ? 16  A   B "O4'" 1 
ATOM   751 C  "C3'" . A   B 1 16 ? 15.266  -6.403  3.248   1.00 59.77  ? 16  A   B "C3'" 1 
ATOM   752 O  "O3'" . A   B 1 16 ? 15.282  -6.215  1.844   1.00 60.09  ? 16  A   B "O3'" 1 
ATOM   753 C  "C2'" . A   B 1 16 ? 14.938  -5.077  3.916   1.00 63.86  ? 16  A   B "C2'" 1 
ATOM   754 O  "O2'" . A   B 1 16 ? 15.644  -3.960  3.414   1.00 60.98  ? 16  A   B "O2'" 1 
ATOM   755 C  "C1'" . A   B 1 16 ? 13.447  -4.975  3.640   1.00 57.74  ? 16  A   B "C1'" 1 
ATOM   756 N  N9    . A   B 1 16 ? 12.714  -4.177  4.620   1.00 60.29  ? 16  A   B N9    1 
ATOM   757 C  C8    . A   B 1 16 ? 12.418  -4.480  5.919   1.00 67.45  ? 16  A   B C8    1 
ATOM   758 N  N7    . A   B 1 16 ? 11.733  -3.559  6.545   1.00 56.31  ? 16  A   B N7    1 
ATOM   759 C  C5    . A   B 1 16 ? 11.552  -2.590  5.579   1.00 47.24  ? 16  A   B C5    1 
ATOM   760 C  C6    . A   B 1 16 ? 10.901  -1.350  5.588   1.00 54.72  ? 16  A   B C6    1 
ATOM   761 N  N6    . A   B 1 16 ? 10.277  -0.821  6.639   1.00 53.15  ? 16  A   B N6    1 
ATOM   762 N  N1    . A   B 1 16 ? 10.907  -0.636  4.459   1.00 58.39  ? 16  A   B N1    1 
ATOM   763 C  C2    . A   B 1 16 ? 11.534  -1.120  3.388   1.00 52.01  ? 16  A   B C2    1 
ATOM   764 N  N3    . A   B 1 16 ? 12.174  -2.264  3.252   1.00 58.76  ? 16  A   B N3    1 
ATOM   765 C  C4    . A   B 1 16 ? 12.142  -2.959  4.398   1.00 55.62  ? 16  A   B C4    1 
ATOM   766 P  P     . G   B 1 17 ? 16.654  -5.876  1.097   1.00 71.92  ? 17  G   B P     1 
ATOM   767 O  OP1   . G   B 1 17 ? 17.690  -6.803  1.617   1.00 78.38  ? 17  G   B OP1   1 
ATOM   768 O  OP2   . G   B 1 17 ? 16.909  -4.417  1.210   1.00 63.98  ? 17  G   B OP2   1 
ATOM   769 O  "O5'" . G   B 1 17 ? 16.312  -6.203  -0.424  1.00 67.02  ? 17  G   B "O5'" 1 
ATOM   770 C  "C5'" . G   B 1 17 ? 15.681  -5.236  -1.255  1.00 70.74  ? 17  G   B "C5'" 1 
ATOM   771 C  "C4'" . G   B 1 17 ? 14.284  -4.880  -0.794  1.00 67.90  ? 17  G   B "C4'" 1 
ATOM   772 O  "O4'" . G   B 1 17 ? 14.352  -3.914  0.293   1.00 64.10  ? 17  G   B "O4'" 1 
ATOM   773 C  "C3'" . G   B 1 17 ? 13.419  -4.187  -1.834  1.00 63.85  ? 17  G   B "C3'" 1 
ATOM   774 O  "O3'" . G   B 1 17 ? 12.810  -5.068  -2.749  1.00 64.22  ? 17  G   B "O3'" 1 
ATOM   775 C  "C2'" . G   B 1 17 ? 12.413  -3.421  -0.992  1.00 60.46  ? 17  G   B "C2'" 1 
ATOM   776 O  "O2'" . G   B 1 17 ? 11.394  -4.289  -0.532  1.00 59.12  ? 17  G   B "O2'" 1 
ATOM   777 C  "C1'" . G   B 1 17 ? 13.277  -2.992  0.191   1.00 59.62  ? 17  G   B "C1'" 1 
ATOM   778 N  N9    . G   B 1 17 ? 13.813  -1.623  -0.002  1.00 60.06  ? 17  G   B N9    1 
ATOM   779 C  C8    . G   B 1 17 ? 15.139  -1.250  -0.006  1.00 57.55  ? 17  G   B C8    1 
ATOM   780 N  N7    . G   B 1 17 ? 15.325  0.031   -0.200  1.00 53.03  ? 17  G   B N7    1 
ATOM   781 C  C5    . G   B 1 17 ? 14.042  0.544   -0.343  1.00 52.41  ? 17  G   B C5    1 
ATOM   782 C  C6    . G   B 1 17 ? 13.614  1.876   -0.579  1.00 51.57  ? 17  G   B C6    1 
ATOM   783 O  O6    . G   B 1 17 ? 14.298  2.887   -0.715  1.00 49.66  ? 17  G   B O6    1 
ATOM   784 N  N1    . G   B 1 17 ? 12.239  1.996   -0.649  1.00 46.65  ? 17  G   B N1    1 
ATOM   785 C  C2    . G   B 1 17 ? 11.371  0.956   -0.522  1.00 46.55  ? 17  G   B C2    1 
ATOM   786 N  N2    . G   B 1 17 ? 10.082  1.299   -0.626  1.00 40.07  ? 17  G   B N2    1 
ATOM   787 N  N3    . G   B 1 17 ? 11.745  -0.303  -0.308  1.00 49.81  ? 17  G   B N3    1 
ATOM   788 C  C4    . G   B 1 17 ? 13.093  -0.451  -0.224  1.00 51.72  ? 17  G   B C4    1 
ATOM   789 P  P     . C   B 1 18 ? 12.667  -4.604  -4.276  1.00 73.79  ? 18  C   B P     1 
ATOM   790 O  OP1   . C   B 1 18 ? 12.152  -5.734  -5.097  1.00 83.16  ? 18  C   B OP1   1 
ATOM   791 O  OP2   . C   B 1 18 ? 13.972  -3.965  -4.563  1.00 73.75  ? 18  C   B OP2   1 
ATOM   792 O  "O5'" . C   B 1 18 ? 11.516  -3.503  -4.267  1.00 65.03  ? 18  C   B "O5'" 1 
ATOM   793 C  "C5'" . C   B 1 18 ? 10.167  -3.895  -4.062  1.00 68.55  ? 18  C   B "C5'" 1 
ATOM   794 C  "C4'" . C   B 1 18 ? 9.209   -2.735  -4.179  1.00 53.73  ? 18  C   B "C4'" 1 
ATOM   795 O  "O4'" . C   B 1 18 ? 9.499   -1.728  -3.171  1.00 68.85  ? 18  C   B "O4'" 1 
ATOM   796 C  "C3'" . C   B 1 18 ? 9.272   -1.957  -5.468  1.00 69.04  ? 18  C   B "C3'" 1 
ATOM   797 O  "O3'" . C   B 1 18 ? 8.642   -2.609  -6.544  1.00 84.76  ? 18  C   B "O3'" 1 
ATOM   798 C  "C2'" . C   B 1 18 ? 8.620   -0.647  -5.072  1.00 64.79  ? 18  C   B "C2'" 1 
ATOM   799 O  "O2'" . C   B 1 18 ? 7.227   -0.839  -4.916  1.00 61.79  ? 18  C   B "O2'" 1 
ATOM   800 C  "C1'" . C   B 1 18 ? 9.229   -0.443  -3.692  1.00 56.64  ? 18  C   B "C1'" 1 
ATOM   801 N  N1    . C   B 1 18 ? 10.506  0.304   -3.767  1.00 47.78  ? 18  C   B N1    1 
ATOM   802 C  C2    . C   B 1 18 ? 10.455  1.689   -3.882  1.00 49.24  ? 18  C   B C2    1 
ATOM   803 O  O2    . C   B 1 18 ? 9.349   2.242   -3.918  1.00 51.19  ? 18  C   B O2    1 
ATOM   804 N  N3    . C   B 1 18 ? 11.598  2.391   -3.953  1.00 45.43  ? 18  C   B N3    1 
ATOM   805 C  C4    . C   B 1 18 ? 12.763  1.756   -3.917  1.00 47.80  ? 18  C   B C4    1 
ATOM   806 N  N4    . C   B 1 18 ? 13.863  2.499   -3.993  1.00 61.19  ? 18  C   B N4    1 
ATOM   807 C  C5    . C   B 1 18 ? 12.866  0.349   -3.799  1.00 50.63  ? 18  C   B C5    1 
ATOM   808 C  C6    . C   B 1 18 ? 11.717  -0.329  -3.730  1.00 51.59  ? 18  C   B C6    1 
ATOM   809 P  P     . C   B 1 19 ? 9.250   -2.439  -8.017  1.00 75.76  ? 19  C   B P     1 
ATOM   810 O  OP1   . C   B 1 19 ? 8.457   -3.361  -8.863  1.00 82.18  ? 19  C   B OP1   1 
ATOM   811 O  OP2   . C   B 1 19 ? 10.743  -2.516  -7.959  1.00 52.94  ? 19  C   B OP2   1 
ATOM   812 O  "O5'" . C   B 1 19 ? 8.828   -0.959  -8.422  1.00 65.49  ? 19  C   B "O5'" 1 
ATOM   813 C  "C5'" . C   B 1 19 ? 7.462   -0.576  -8.437  1.00 62.41  ? 19  C   B "C5'" 1 
ATOM   814 C  "C4'" . C   B 1 19 ? 7.316   0.920   -8.564  1.00 69.66  ? 19  C   B "C4'" 1 
ATOM   815 O  "O4'" . C   B 1 19 ? 8.130   1.577   -7.556  1.00 65.79  ? 19  C   B "O4'" 1 
ATOM   816 C  "C3'" . C   B 1 19 ? 7.782   1.549   -9.872  1.00 61.81  ? 19  C   B "C3'" 1 
ATOM   817 O  "O3'" . C   B 1 19 ? 6.849   1.398   -10.940 1.00 55.02  ? 19  C   B "O3'" 1 
ATOM   818 C  "C2'" . C   B 1 19 ? 8.027   3.005   -9.463  1.00 60.13  ? 19  C   B "C2'" 1 
ATOM   819 O  "O2'" . C   B 1 19 ? 6.809   3.733   -9.431  1.00 64.00  ? 19  C   B "O2'" 1 
ATOM   820 C  "C1'" . C   B 1 19 ? 8.528   2.852   -8.019  1.00 55.09  ? 19  C   B "C1'" 1 
ATOM   821 N  N1    . C   B 1 19 ? 10.002  3.006   -7.898  1.00 49.10  ? 19  C   B N1    1 
ATOM   822 C  C2    . C   B 1 19 ? 10.512  4.303   -7.822  1.00 44.96  ? 19  C   B C2    1 
ATOM   823 O  O2    . C   B 1 19 ? 9.716   5.244   -7.841  1.00 45.73  ? 19  C   B O2    1 
ATOM   824 N  N3    . C   B 1 19 ? 11.842  4.523   -7.736  1.00 43.23  ? 19  C   B N3    1 
ATOM   825 C  C4    . C   B 1 19 ? 12.662  3.484   -7.706  1.00 47.13  ? 19  C   B C4    1 
ATOM   826 N  N4    . C   B 1 19 ? 13.968  3.729   -7.600  1.00 41.34  ? 19  C   B N4    1 
ATOM   827 C  C5    . C   B 1 19 ? 12.171  2.151   -7.773  1.00 43.91  ? 19  C   B C5    1 
ATOM   828 C  C6    . C   B 1 19 ? 10.856  1.948   -7.874  1.00 45.28  ? 19  C   B C6    1 
HETATM 829 SR SR    . SR  C 2 .  ? -7.176  -8.221  -0.552  1.00 70.67  ? 101 SR  A SR    1 
HETATM 830 SR SR    . SR  D 2 .  ? 17.608  6.360   -6.858  1.00 98.82  ? 102 SR  A SR    1 
HETATM 831 SR SR    . SR  E 2 .  ? 16.621  8.187   -0.383  1.00 125.89 ? 103 SR  A SR    1 
HETATM 832 SR SR    . SR  F 2 .  ? 0.179   -1.691  5.166   1.00 140.73 ? 104 SR  A SR    1 
HETATM 833 SR SR    . SR  G 2 .  ? -2.974  -3.996  1.217   1.00 128.23 ? 105 SR  A SR    1 
HETATM 834 SR SR    . SR  H 2 .  ? 6.432   9.911   8.608   1.00 65.90  ? 106 SR  A SR    1 
HETATM 835 SR SR    . SR  I 2 .  ? 1.762   -1.831  10.588  1.00 66.96  ? 101 SR  B SR    1 
HETATM 836 SR SR    . SR  J 2 .  ? -4.025  -6.251  -12.106 1.00 96.68  ? 102 SR  B SR    1 
HETATM 837 SR SR    . SR  K 2 .  ? -6.737  5.038   -15.877 1.00 135.62 ? 103 SR  B SR    1 
HETATM 838 SR SR    . SR  L 2 .  ? -7.801  14.130  -12.608 0.50 121.92 ? 104 SR  B SR    1 
HETATM 839 SR SR    . SR  M 2 .  ? -3.632  9.667   -21.004 1.00 127.84 ? 105 SR  B SR    1 
# 
